data_5PB8
# 
_entry.id   5PB8 
# 
_audit_conform.dict_name       mmcif_pdbx.dic 
_audit_conform.dict_version    5.387 
_audit_conform.dict_location   http://mmcif.pdb.org/dictionaries/ascii/mmcif_pdbx.dic 
# 
loop_
_database_2.database_id 
_database_2.database_code 
_database_2.pdbx_database_accession 
_database_2.pdbx_DOI 
PDB   5PB8         pdb_00005pb8 10.2210/pdb5pb8/pdb 
WWPDB D_1001400444 ?            ?                   
# 
loop_
_pdbx_audit_revision_history.ordinal 
_pdbx_audit_revision_history.data_content_type 
_pdbx_audit_revision_history.major_revision 
_pdbx_audit_revision_history.minor_revision 
_pdbx_audit_revision_history.revision_date 
1 'Structure model' 1 0 2017-03-15 
2 'Structure model' 1 1 2017-09-27 
3 'Structure model' 1 2 2017-10-04 
4 'Structure model' 1 3 2024-03-06 
# 
_pdbx_audit_revision_details.ordinal             1 
_pdbx_audit_revision_details.revision_ordinal    1 
_pdbx_audit_revision_details.data_content_type   'Structure model' 
_pdbx_audit_revision_details.provider            repository 
_pdbx_audit_revision_details.type                'Initial release' 
_pdbx_audit_revision_details.description         ? 
_pdbx_audit_revision_details.details             ? 
# 
loop_
_pdbx_audit_revision_group.ordinal 
_pdbx_audit_revision_group.revision_ordinal 
_pdbx_audit_revision_group.data_content_type 
_pdbx_audit_revision_group.group 
1 2 'Structure model' 'Data collection'     
2 2 'Structure model' 'Database references' 
3 2 'Structure model' 'Structure summary'   
4 3 'Structure model' 'Structure summary'   
5 4 'Structure model' 'Data collection'     
6 4 'Structure model' 'Database references' 
# 
loop_
_pdbx_audit_revision_category.ordinal 
_pdbx_audit_revision_category.revision_ordinal 
_pdbx_audit_revision_category.data_content_type 
_pdbx_audit_revision_category.category 
1 2 'Structure model' citation           
2 2 'Structure model' citation_author    
3 2 'Structure model' diffrn_source      
4 2 'Structure model' pdbx_deposit_group 
5 3 'Structure model' pdbx_deposit_group 
6 4 'Structure model' chem_comp_atom     
7 4 'Structure model' chem_comp_bond     
8 4 'Structure model' database_2         
# 
loop_
_pdbx_audit_revision_item.ordinal 
_pdbx_audit_revision_item.revision_ordinal 
_pdbx_audit_revision_item.data_content_type 
_pdbx_audit_revision_item.item 
1  2 'Structure model' '_citation.journal_volume'             
2  2 'Structure model' '_citation.page_first'                 
3  2 'Structure model' '_citation.page_last'                  
4  2 'Structure model' '_citation.pdbx_database_id_DOI'       
5  2 'Structure model' '_citation.pdbx_database_id_PubMed'    
6  2 'Structure model' '_citation.title'                      
7  2 'Structure model' '_citation_author.name'                
8  2 'Structure model' '_diffrn_source.pdbx_synchrotron_site' 
9  2 'Structure model' '_pdbx_deposit_group.group_id'         
10 2 'Structure model' '_pdbx_deposit_group.group_title'      
11 2 'Structure model' '_pdbx_deposit_group.group_type'       
12 3 'Structure model' '_pdbx_deposit_group.group_title'      
13 4 'Structure model' '_database_2.pdbx_DOI'                 
14 4 'Structure model' '_database_2.pdbx_database_accession'  
# 
_pdbx_database_status.entry_id                        5PB8 
_pdbx_database_status.status_code                     REL 
_pdbx_database_status.recvd_initial_deposition_date   2017-02-03 
_pdbx_database_status.deposit_site                    RCSB 
_pdbx_database_status.process_site                    RCSB 
_pdbx_database_status.SG_entry                        ? 
_pdbx_database_status.pdb_format_compatible           Y 
_pdbx_database_status.status_code_sf                  REL 
_pdbx_database_status.status_code_mr                  ? 
_pdbx_database_status.status_code_cs                  ? 
_pdbx_database_status.methods_development_category    ? 
_pdbx_database_status.status_code_nmr_data            ? 
# 
loop_
_audit_author.name 
_audit_author.pdbx_ordinal 
'Pearce, N.M.'     1  
'Krojer, T.'       2  
'Talon, R.'        3  
'Bradley, A.R.'    4  
'Fairhead, M.'     5  
'Sethi, R.'        6  
'Wright, N.'       7  
'MacLean, E.'      8  
'Collins, P.'      9  
'Brandao-Neto, J.' 10 
'Douangamath, A.'  11 
'Renjie, Z.'       12 
'Dias, A.'         13 
'Vollmar, M.'      14 
'Ng, J.'           15 
'Brennan, P.E.'    16 
'Cox, O.'          17 
'Bountra, C.'      18 
'Arrowsmith, C.H.' 19 
'Edwards, A.'      20 
'von Delft, F.'    21 
# 
_citation.id                        primary 
_citation.title                     
'A multi-crystal method for extracting obscured crystallographic states from conventionally uninterpretable electron density.' 
_citation.journal_abbrev            'Nat Commun' 
_citation.journal_volume            8 
_citation.page_first                15123 
_citation.page_last                 15123 
_citation.year                      2017 
_citation.journal_id_ASTM           ? 
_citation.country                   UK 
_citation.journal_id_ISSN           2041-1723 
_citation.journal_id_CSD            ? 
_citation.book_publisher            ? 
_citation.pdbx_database_id_PubMed   28436492 
_citation.pdbx_database_id_DOI      10.1038/ncomms15123 
# 
loop_
_citation_author.citation_id 
_citation_author.name 
_citation_author.ordinal 
_citation_author.identifier_ORCID 
primary 'Pearce, N.M.'  1  ? 
primary 'Krojer, T.'    2  ? 
primary 'Bradley, A.R.' 3  ? 
primary 'Collins, P.'   4  ? 
primary 'Nowak, R.P.'   5  ? 
primary 'Talon, R.'     6  ? 
primary 'Marsden, B.D.' 7  ? 
primary 'Kelm, S.'      8  ? 
primary 'Shi, J.'       9  ? 
primary 'Deane, C.M.'   10 ? 
primary 'von Delft, F.' 11 ? 
# 
loop_
_entity.id 
_entity.type 
_entity.src_method 
_entity.pdbx_description 
_entity.formula_weight 
_entity.pdbx_number_of_molecules 
_entity.pdbx_ec 
_entity.pdbx_mutation 
_entity.pdbx_fragment 
_entity.details 
1 polymer     man 'Bromodomain adjacent to zinc finger domain protein 2B' 16090.326 1   ? ? ? ? 
2 non-polymer syn 1,2-ETHANEDIOL                                          62.068    4   ? ? ? ? 
3 non-polymer syn P-HYDROXYACETOPHENONE                                   136.148   1   ? ? ? ? 
4 water       nat water                                                   18.015    201 ? ? ? ? 
# 
_entity_name_com.entity_id   1 
_entity_name_com.name        hWALp4 
# 
_entity_poly.entity_id                      1 
_entity_poly.type                           'polypeptide(L)' 
_entity_poly.nstd_linkage                   no 
_entity_poly.nstd_monomer                   no 
_entity_poly.pdbx_seq_one_letter_code       
;MHHHHHHSSGVDLGTENLYFQSMSVKKPKRDDSKDLALCSMILTEMETHEDAWPFLLPVNLKLVPGYKKVIKKPMDFSTI
REKLSSGQYPNLETFALDVRLVFDNCETFNEDDSDIGRAGHNMRKYFEKKWTDTFKVS
;
_entity_poly.pdbx_seq_one_letter_code_can   
;MHHHHHHSSGVDLGTENLYFQSMSVKKPKRDDSKDLALCSMILTEMETHEDAWPFLLPVNLKLVPGYKKVIKKPMDFSTI
REKLSSGQYPNLETFALDVRLVFDNCETFNEDDSDIGRAGHNMRKYFEKKWTDTFKVS
;
_entity_poly.pdbx_strand_id                 A 
_entity_poly.pdbx_target_identifier         ? 
# 
loop_
_pdbx_entity_nonpoly.entity_id 
_pdbx_entity_nonpoly.name 
_pdbx_entity_nonpoly.comp_id 
2 1,2-ETHANEDIOL        EDO 
3 P-HYDROXYACETOPHENONE AC6 
4 water                 HOH 
# 
loop_
_entity_poly_seq.entity_id 
_entity_poly_seq.num 
_entity_poly_seq.mon_id 
_entity_poly_seq.hetero 
1 1   MET n 
1 2   HIS n 
1 3   HIS n 
1 4   HIS n 
1 5   HIS n 
1 6   HIS n 
1 7   HIS n 
1 8   SER n 
1 9   SER n 
1 10  GLY n 
1 11  VAL n 
1 12  ASP n 
1 13  LEU n 
1 14  GLY n 
1 15  THR n 
1 16  GLU n 
1 17  ASN n 
1 18  LEU n 
1 19  TYR n 
1 20  PHE n 
1 21  GLN n 
1 22  SER n 
1 23  MET n 
1 24  SER n 
1 25  VAL n 
1 26  LYS n 
1 27  LYS n 
1 28  PRO n 
1 29  LYS n 
1 30  ARG n 
1 31  ASP n 
1 32  ASP n 
1 33  SER n 
1 34  LYS n 
1 35  ASP n 
1 36  LEU n 
1 37  ALA n 
1 38  LEU n 
1 39  CYS n 
1 40  SER n 
1 41  MET n 
1 42  ILE n 
1 43  LEU n 
1 44  THR n 
1 45  GLU n 
1 46  MET n 
1 47  GLU n 
1 48  THR n 
1 49  HIS n 
1 50  GLU n 
1 51  ASP n 
1 52  ALA n 
1 53  TRP n 
1 54  PRO n 
1 55  PHE n 
1 56  LEU n 
1 57  LEU n 
1 58  PRO n 
1 59  VAL n 
1 60  ASN n 
1 61  LEU n 
1 62  LYS n 
1 63  LEU n 
1 64  VAL n 
1 65  PRO n 
1 66  GLY n 
1 67  TYR n 
1 68  LYS n 
1 69  LYS n 
1 70  VAL n 
1 71  ILE n 
1 72  LYS n 
1 73  LYS n 
1 74  PRO n 
1 75  MET n 
1 76  ASP n 
1 77  PHE n 
1 78  SER n 
1 79  THR n 
1 80  ILE n 
1 81  ARG n 
1 82  GLU n 
1 83  LYS n 
1 84  LEU n 
1 85  SER n 
1 86  SER n 
1 87  GLY n 
1 88  GLN n 
1 89  TYR n 
1 90  PRO n 
1 91  ASN n 
1 92  LEU n 
1 93  GLU n 
1 94  THR n 
1 95  PHE n 
1 96  ALA n 
1 97  LEU n 
1 98  ASP n 
1 99  VAL n 
1 100 ARG n 
1 101 LEU n 
1 102 VAL n 
1 103 PHE n 
1 104 ASP n 
1 105 ASN n 
1 106 CYS n 
1 107 GLU n 
1 108 THR n 
1 109 PHE n 
1 110 ASN n 
1 111 GLU n 
1 112 ASP n 
1 113 ASP n 
1 114 SER n 
1 115 ASP n 
1 116 ILE n 
1 117 GLY n 
1 118 ARG n 
1 119 ALA n 
1 120 GLY n 
1 121 HIS n 
1 122 ASN n 
1 123 MET n 
1 124 ARG n 
1 125 LYS n 
1 126 TYR n 
1 127 PHE n 
1 128 GLU n 
1 129 LYS n 
1 130 LYS n 
1 131 TRP n 
1 132 THR n 
1 133 ASP n 
1 134 THR n 
1 135 PHE n 
1 136 LYS n 
1 137 VAL n 
1 138 SER n 
# 
_entity_src_gen.entity_id                          1 
_entity_src_gen.pdbx_src_id                        1 
_entity_src_gen.pdbx_alt_source_flag               sample 
_entity_src_gen.pdbx_seq_type                      'Biological sequence' 
_entity_src_gen.pdbx_beg_seq_num                   1 
_entity_src_gen.pdbx_end_seq_num                   138 
_entity_src_gen.gene_src_common_name               Human 
_entity_src_gen.gene_src_genus                     ? 
_entity_src_gen.pdbx_gene_src_gene                 'BAZ2B, KIAA1476' 
_entity_src_gen.gene_src_species                   ? 
_entity_src_gen.gene_src_strain                    ? 
_entity_src_gen.gene_src_tissue                    ? 
_entity_src_gen.gene_src_tissue_fraction           ? 
_entity_src_gen.gene_src_details                   ? 
_entity_src_gen.pdbx_gene_src_fragment             ? 
_entity_src_gen.pdbx_gene_src_scientific_name      'Homo sapiens' 
_entity_src_gen.pdbx_gene_src_ncbi_taxonomy_id     9606 
_entity_src_gen.pdbx_gene_src_variant              ? 
_entity_src_gen.pdbx_gene_src_cell_line            ? 
_entity_src_gen.pdbx_gene_src_atcc                 ? 
_entity_src_gen.pdbx_gene_src_organ                ? 
_entity_src_gen.pdbx_gene_src_organelle            ? 
_entity_src_gen.pdbx_gene_src_cell                 ? 
_entity_src_gen.pdbx_gene_src_cellular_location    ? 
_entity_src_gen.host_org_common_name               ? 
_entity_src_gen.pdbx_host_org_scientific_name      'escherichia coli' 
_entity_src_gen.pdbx_host_org_ncbi_taxonomy_id     562 
_entity_src_gen.host_org_genus                     ? 
_entity_src_gen.pdbx_host_org_gene                 ? 
_entity_src_gen.pdbx_host_org_organ                ? 
_entity_src_gen.host_org_species                   ? 
_entity_src_gen.pdbx_host_org_tissue               ? 
_entity_src_gen.pdbx_host_org_tissue_fraction      ? 
_entity_src_gen.pdbx_host_org_strain               ? 
_entity_src_gen.pdbx_host_org_variant              ? 
_entity_src_gen.pdbx_host_org_cell_line            ? 
_entity_src_gen.pdbx_host_org_atcc                 ? 
_entity_src_gen.pdbx_host_org_culture_collection   ? 
_entity_src_gen.pdbx_host_org_cell                 ? 
_entity_src_gen.pdbx_host_org_organelle            ? 
_entity_src_gen.pdbx_host_org_cellular_location    ? 
_entity_src_gen.pdbx_host_org_vector_type          ? 
_entity_src_gen.pdbx_host_org_vector               ? 
_entity_src_gen.host_org_details                   ? 
_entity_src_gen.expression_system_id               ? 
_entity_src_gen.plasmid_name                       ? 
_entity_src_gen.plasmid_details                    ? 
_entity_src_gen.pdbx_description                   ? 
# 
loop_
_chem_comp.id 
_chem_comp.type 
_chem_comp.mon_nstd_flag 
_chem_comp.name 
_chem_comp.pdbx_synonyms 
_chem_comp.formula 
_chem_comp.formula_weight 
AC6 non-polymer         . P-HYDROXYACETOPHENONE ?                 'C8 H8 O2'       136.148 
ALA 'L-peptide linking' y ALANINE               ?                 'C3 H7 N O2'     89.093  
ARG 'L-peptide linking' y ARGININE              ?                 'C6 H15 N4 O2 1' 175.209 
ASN 'L-peptide linking' y ASPARAGINE            ?                 'C4 H8 N2 O3'    132.118 
ASP 'L-peptide linking' y 'ASPARTIC ACID'       ?                 'C4 H7 N O4'     133.103 
CYS 'L-peptide linking' y CYSTEINE              ?                 'C3 H7 N O2 S'   121.158 
EDO non-polymer         . 1,2-ETHANEDIOL        'ETHYLENE GLYCOL' 'C2 H6 O2'       62.068  
GLN 'L-peptide linking' y GLUTAMINE             ?                 'C5 H10 N2 O3'   146.144 
GLU 'L-peptide linking' y 'GLUTAMIC ACID'       ?                 'C5 H9 N O4'     147.129 
GLY 'peptide linking'   y GLYCINE               ?                 'C2 H5 N O2'     75.067  
HIS 'L-peptide linking' y HISTIDINE             ?                 'C6 H10 N3 O2 1' 156.162 
HOH non-polymer         . WATER                 ?                 'H2 O'           18.015  
ILE 'L-peptide linking' y ISOLEUCINE            ?                 'C6 H13 N O2'    131.173 
LEU 'L-peptide linking' y LEUCINE               ?                 'C6 H13 N O2'    131.173 
LYS 'L-peptide linking' y LYSINE                ?                 'C6 H15 N2 O2 1' 147.195 
MET 'L-peptide linking' y METHIONINE            ?                 'C5 H11 N O2 S'  149.211 
PHE 'L-peptide linking' y PHENYLALANINE         ?                 'C9 H11 N O2'    165.189 
PRO 'L-peptide linking' y PROLINE               ?                 'C5 H9 N O2'     115.130 
SER 'L-peptide linking' y SERINE                ?                 'C3 H7 N O3'     105.093 
THR 'L-peptide linking' y THREONINE             ?                 'C4 H9 N O3'     119.119 
TRP 'L-peptide linking' y TRYPTOPHAN            ?                 'C11 H12 N2 O2'  204.225 
TYR 'L-peptide linking' y TYROSINE              ?                 'C9 H11 N O3'    181.189 
VAL 'L-peptide linking' y VALINE                ?                 'C5 H11 N O2'    117.146 
# 
loop_
_pdbx_poly_seq_scheme.asym_id 
_pdbx_poly_seq_scheme.entity_id 
_pdbx_poly_seq_scheme.seq_id 
_pdbx_poly_seq_scheme.mon_id 
_pdbx_poly_seq_scheme.ndb_seq_num 
_pdbx_poly_seq_scheme.pdb_seq_num 
_pdbx_poly_seq_scheme.auth_seq_num 
_pdbx_poly_seq_scheme.pdb_mon_id 
_pdbx_poly_seq_scheme.auth_mon_id 
_pdbx_poly_seq_scheme.pdb_strand_id 
_pdbx_poly_seq_scheme.pdb_ins_code 
_pdbx_poly_seq_scheme.hetero 
A 1 1   MET 1   1835 ?    ?   ?   A . n 
A 1 2   HIS 2   1836 ?    ?   ?   A . n 
A 1 3   HIS 3   1837 ?    ?   ?   A . n 
A 1 4   HIS 4   1838 ?    ?   ?   A . n 
A 1 5   HIS 5   1839 ?    ?   ?   A . n 
A 1 6   HIS 6   1840 ?    ?   ?   A . n 
A 1 7   HIS 7   1841 ?    ?   ?   A . n 
A 1 8   SER 8   1842 ?    ?   ?   A . n 
A 1 9   SER 9   1843 ?    ?   ?   A . n 
A 1 10  GLY 10  1844 ?    ?   ?   A . n 
A 1 11  VAL 11  1845 ?    ?   ?   A . n 
A 1 12  ASP 12  1846 ?    ?   ?   A . n 
A 1 13  LEU 13  1847 ?    ?   ?   A . n 
A 1 14  GLY 14  1848 ?    ?   ?   A . n 
A 1 15  THR 15  1849 ?    ?   ?   A . n 
A 1 16  GLU 16  1850 ?    ?   ?   A . n 
A 1 17  ASN 17  1851 ?    ?   ?   A . n 
A 1 18  LEU 18  1852 ?    ?   ?   A . n 
A 1 19  TYR 19  1853 ?    ?   ?   A . n 
A 1 20  PHE 20  1854 ?    ?   ?   A . n 
A 1 21  GLN 21  1855 ?    ?   ?   A . n 
A 1 22  SER 22  1856 1856 SER SER A . n 
A 1 23  MET 23  1857 1857 MET MET A . n 
A 1 24  SER 24  1858 1858 SER SER A . n 
A 1 25  VAL 25  1859 1859 VAL VAL A . n 
A 1 26  LYS 26  1860 1860 LYS LYS A . n 
A 1 27  LYS 27  1861 1861 LYS LYS A . n 
A 1 28  PRO 28  1862 1862 PRO PRO A . n 
A 1 29  LYS 29  1863 1863 LYS LYS A . n 
A 1 30  ARG 30  1864 1864 ARG ARG A . n 
A 1 31  ASP 31  1865 1865 ASP ASP A . n 
A 1 32  ASP 32  1866 1866 ASP ASP A . n 
A 1 33  SER 33  1867 1867 SER SER A . n 
A 1 34  LYS 34  1868 1868 LYS LYS A . n 
A 1 35  ASP 35  1869 1869 ASP ASP A . n 
A 1 36  LEU 36  1870 1870 LEU LEU A . n 
A 1 37  ALA 37  1871 1871 ALA ALA A . n 
A 1 38  LEU 38  1872 1872 LEU LEU A . n 
A 1 39  CYS 39  1873 1873 CYS CYS A . n 
A 1 40  SER 40  1874 1874 SER SER A . n 
A 1 41  MET 41  1875 1875 MET MET A . n 
A 1 42  ILE 42  1876 1876 ILE ILE A . n 
A 1 43  LEU 43  1877 1877 LEU LEU A . n 
A 1 44  THR 44  1878 1878 THR THR A . n 
A 1 45  GLU 45  1879 1879 GLU GLU A . n 
A 1 46  MET 46  1880 1880 MET MET A . n 
A 1 47  GLU 47  1881 1881 GLU GLU A . n 
A 1 48  THR 48  1882 1882 THR THR A . n 
A 1 49  HIS 49  1883 1883 HIS HIS A . n 
A 1 50  GLU 50  1884 1884 GLU GLU A . n 
A 1 51  ASP 51  1885 1885 ASP ASP A . n 
A 1 52  ALA 52  1886 1886 ALA ALA A . n 
A 1 53  TRP 53  1887 1887 TRP TRP A . n 
A 1 54  PRO 54  1888 1888 PRO PRO A . n 
A 1 55  PHE 55  1889 1889 PHE PHE A . n 
A 1 56  LEU 56  1890 1890 LEU LEU A . n 
A 1 57  LEU 57  1891 1891 LEU LEU A . n 
A 1 58  PRO 58  1892 1892 PRO PRO A . n 
A 1 59  VAL 59  1893 1893 VAL VAL A . n 
A 1 60  ASN 60  1894 1894 ASN ASN A . n 
A 1 61  LEU 61  1895 1895 LEU LEU A . n 
A 1 62  LYS 62  1896 1896 LYS LYS A . n 
A 1 63  LEU 63  1897 1897 LEU LEU A . n 
A 1 64  VAL 64  1898 1898 VAL VAL A . n 
A 1 65  PRO 65  1899 1899 PRO PRO A . n 
A 1 66  GLY 66  1900 1900 GLY GLY A . n 
A 1 67  TYR 67  1901 1901 TYR TYR A . n 
A 1 68  LYS 68  1902 1902 LYS LYS A . n 
A 1 69  LYS 69  1903 1903 LYS LYS A . n 
A 1 70  VAL 70  1904 1904 VAL VAL A . n 
A 1 71  ILE 71  1905 1905 ILE ILE A . n 
A 1 72  LYS 72  1906 1906 LYS LYS A . n 
A 1 73  LYS 73  1907 1907 LYS LYS A . n 
A 1 74  PRO 74  1908 1908 PRO PRO A . n 
A 1 75  MET 75  1909 1909 MET MET A . n 
A 1 76  ASP 76  1910 1910 ASP ASP A . n 
A 1 77  PHE 77  1911 1911 PHE PHE A . n 
A 1 78  SER 78  1912 1912 SER SER A . n 
A 1 79  THR 79  1913 1913 THR THR A . n 
A 1 80  ILE 80  1914 1914 ILE ILE A . n 
A 1 81  ARG 81  1915 1915 ARG ARG A . n 
A 1 82  GLU 82  1916 1916 GLU GLU A . n 
A 1 83  LYS 83  1917 1917 LYS LYS A . n 
A 1 84  LEU 84  1918 1918 LEU LEU A . n 
A 1 85  SER 85  1919 1919 SER SER A . n 
A 1 86  SER 86  1920 1920 SER SER A . n 
A 1 87  GLY 87  1921 1921 GLY GLY A . n 
A 1 88  GLN 88  1922 1922 GLN GLN A . n 
A 1 89  TYR 89  1923 1923 TYR TYR A . n 
A 1 90  PRO 90  1924 1924 PRO PRO A . n 
A 1 91  ASN 91  1925 1925 ASN ASN A . n 
A 1 92  LEU 92  1926 1926 LEU LEU A . n 
A 1 93  GLU 93  1927 1927 GLU GLU A . n 
A 1 94  THR 94  1928 1928 THR THR A . n 
A 1 95  PHE 95  1929 1929 PHE PHE A . n 
A 1 96  ALA 96  1930 1930 ALA ALA A . n 
A 1 97  LEU 97  1931 1931 LEU LEU A . n 
A 1 98  ASP 98  1932 1932 ASP ASP A . n 
A 1 99  VAL 99  1933 1933 VAL VAL A . n 
A 1 100 ARG 100 1934 1934 ARG ARG A . n 
A 1 101 LEU 101 1935 1935 LEU LEU A . n 
A 1 102 VAL 102 1936 1936 VAL VAL A . n 
A 1 103 PHE 103 1937 1937 PHE PHE A . n 
A 1 104 ASP 104 1938 1938 ASP ASP A . n 
A 1 105 ASN 105 1939 1939 ASN ASN A . n 
A 1 106 CYS 106 1940 1940 CYS CYS A . n 
A 1 107 GLU 107 1941 1941 GLU GLU A . n 
A 1 108 THR 108 1942 1942 THR THR A . n 
A 1 109 PHE 109 1943 1943 PHE PHE A . n 
A 1 110 ASN 110 1944 1944 ASN ASN A . n 
A 1 111 GLU 111 1945 1945 GLU GLU A . n 
A 1 112 ASP 112 1946 1946 ASP ASP A . n 
A 1 113 ASP 113 1947 1947 ASP ASP A . n 
A 1 114 SER 114 1948 1948 SER SER A . n 
A 1 115 ASP 115 1949 1949 ASP ASP A . n 
A 1 116 ILE 116 1950 1950 ILE ILE A . n 
A 1 117 GLY 117 1951 1951 GLY GLY A . n 
A 1 118 ARG 118 1952 1952 ARG ARG A . n 
A 1 119 ALA 119 1953 1953 ALA ALA A . n 
A 1 120 GLY 120 1954 1954 GLY GLY A . n 
A 1 121 HIS 121 1955 1955 HIS HIS A . n 
A 1 122 ASN 122 1956 1956 ASN ASN A . n 
A 1 123 MET 123 1957 1957 MET MET A . n 
A 1 124 ARG 124 1958 1958 ARG ARG A . n 
A 1 125 LYS 125 1959 1959 LYS LYS A . n 
A 1 126 TYR 126 1960 1960 TYR TYR A . n 
A 1 127 PHE 127 1961 1961 PHE PHE A . n 
A 1 128 GLU 128 1962 1962 GLU GLU A . n 
A 1 129 LYS 129 1963 1963 LYS LYS A . n 
A 1 130 LYS 130 1964 1964 LYS LYS A . n 
A 1 131 TRP 131 1965 1965 TRP TRP A . n 
A 1 132 THR 132 1966 1966 THR THR A . n 
A 1 133 ASP 133 1967 1967 ASP ASP A . n 
A 1 134 THR 134 1968 1968 THR THR A . n 
A 1 135 PHE 135 1969 1969 PHE PHE A . n 
A 1 136 LYS 136 1970 1970 LYS LYS A . n 
A 1 137 VAL 137 1971 ?    ?   ?   A . n 
A 1 138 SER 138 1972 ?    ?   ?   A . n 
# 
loop_
_pdbx_nonpoly_scheme.asym_id 
_pdbx_nonpoly_scheme.entity_id 
_pdbx_nonpoly_scheme.mon_id 
_pdbx_nonpoly_scheme.ndb_seq_num 
_pdbx_nonpoly_scheme.pdb_seq_num 
_pdbx_nonpoly_scheme.auth_seq_num 
_pdbx_nonpoly_scheme.pdb_mon_id 
_pdbx_nonpoly_scheme.auth_mon_id 
_pdbx_nonpoly_scheme.pdb_strand_id 
_pdbx_nonpoly_scheme.pdb_ins_code 
B 2 EDO 1   2001 1   EDO EDO A . 
C 2 EDO 1   2002 2   EDO EDO A . 
D 2 EDO 1   2003 3   EDO EDO A . 
E 2 EDO 1   2004 4   EDO EDO A . 
F 3 AC6 1   2005 1   AC6 LIG A . 
G 4 HOH 1   2101 167 HOH HOH A . 
G 4 HOH 2   2102 207 HOH HOH A . 
G 4 HOH 3   2103 72  HOH HOH A . 
G 4 HOH 4   2104 196 HOH HOH A . 
G 4 HOH 5   2105 116 HOH HOH A . 
G 4 HOH 6   2106 145 HOH HOH A . 
G 4 HOH 7   2107 40  HOH HOH A . 
G 4 HOH 8   2108 92  HOH HOH A . 
G 4 HOH 9   2109 85  HOH HOH A . 
G 4 HOH 10  2110 139 HOH HOH A . 
G 4 HOH 11  2111 113 HOH HOH A . 
G 4 HOH 12  2112 37  HOH HOH A . 
G 4 HOH 13  2113 38  HOH HOH A . 
G 4 HOH 14  2114 7   HOH HOH A . 
G 4 HOH 15  2115 100 HOH HOH A . 
G 4 HOH 16  2116 20  HOH HOH A . 
G 4 HOH 17  2117 148 HOH HOH A . 
G 4 HOH 18  2118 191 HOH HOH A . 
G 4 HOH 19  2119 47  HOH HOH A . 
G 4 HOH 20  2120 36  HOH HOH A . 
G 4 HOH 21  2121 21  HOH HOH A . 
G 4 HOH 22  2122 6   HOH HOH A . 
G 4 HOH 23  2123 74  HOH HOH A . 
G 4 HOH 24  2124 73  HOH HOH A . 
G 4 HOH 25  2125 154 HOH HOH A . 
G 4 HOH 26  2126 91  HOH HOH A . 
G 4 HOH 27  2127 2   HOH HOH A . 
G 4 HOH 28  2128 163 HOH HOH A . 
G 4 HOH 29  2129 169 HOH HOH A . 
G 4 HOH 30  2130 84  HOH HOH A . 
G 4 HOH 31  2131 149 HOH HOH A . 
G 4 HOH 32  2132 70  HOH HOH A . 
G 4 HOH 33  2133 34  HOH HOH A . 
G 4 HOH 34  2134 46  HOH HOH A . 
G 4 HOH 35  2135 14  HOH HOH A . 
G 4 HOH 36  2136 48  HOH HOH A . 
G 4 HOH 37  2137 19  HOH HOH A . 
G 4 HOH 38  2138 68  HOH HOH A . 
G 4 HOH 39  2139 44  HOH HOH A . 
G 4 HOH 40  2140 190 HOH HOH A . 
G 4 HOH 41  2141 5   HOH HOH A . 
G 4 HOH 42  2142 26  HOH HOH A . 
G 4 HOH 43  2143 62  HOH HOH A . 
G 4 HOH 44  2144 35  HOH HOH A . 
G 4 HOH 45  2145 61  HOH HOH A . 
G 4 HOH 46  2146 65  HOH HOH A . 
G 4 HOH 47  2147 25  HOH HOH A . 
G 4 HOH 48  2148 114 HOH HOH A . 
G 4 HOH 49  2149 93  HOH HOH A . 
G 4 HOH 50  2150 173 HOH HOH A . 
G 4 HOH 51  2151 208 HOH HOH A . 
G 4 HOH 52  2152 88  HOH HOH A . 
G 4 HOH 53  2153 90  HOH HOH A . 
G 4 HOH 54  2154 107 HOH HOH A . 
G 4 HOH 55  2155 10  HOH HOH A . 
G 4 HOH 56  2156 39  HOH HOH A . 
G 4 HOH 57  2157 75  HOH HOH A . 
G 4 HOH 58  2158 52  HOH HOH A . 
G 4 HOH 59  2159 117 HOH HOH A . 
G 4 HOH 60  2160 41  HOH HOH A . 
G 4 HOH 61  2161 166 HOH HOH A . 
G 4 HOH 62  2162 9   HOH HOH A . 
G 4 HOH 63  2163 17  HOH HOH A . 
G 4 HOH 64  2164 16  HOH HOH A . 
G 4 HOH 65  2165 63  HOH HOH A . 
G 4 HOH 66  2166 30  HOH HOH A . 
G 4 HOH 67  2167 27  HOH HOH A . 
G 4 HOH 68  2168 193 HOH HOH A . 
G 4 HOH 69  2169 23  HOH HOH A . 
G 4 HOH 70  2170 32  HOH HOH A . 
G 4 HOH 71  2171 206 HOH HOH A . 
G 4 HOH 72  2172 76  HOH HOH A . 
G 4 HOH 73  2173 144 HOH HOH A . 
G 4 HOH 74  2174 137 HOH HOH A . 
G 4 HOH 75  2175 24  HOH HOH A . 
G 4 HOH 76  2176 1   HOH HOH A . 
G 4 HOH 77  2177 59  HOH HOH A . 
G 4 HOH 78  2178 98  HOH HOH A . 
G 4 HOH 79  2179 205 HOH HOH A . 
G 4 HOH 80  2180 45  HOH HOH A . 
G 4 HOH 81  2181 4   HOH HOH A . 
G 4 HOH 82  2182 158 HOH HOH A . 
G 4 HOH 83  2183 81  HOH HOH A . 
G 4 HOH 84  2184 156 HOH HOH A . 
G 4 HOH 85  2185 105 HOH HOH A . 
G 4 HOH 86  2186 15  HOH HOH A . 
G 4 HOH 87  2187 106 HOH HOH A . 
G 4 HOH 88  2188 57  HOH HOH A . 
G 4 HOH 89  2189 12  HOH HOH A . 
G 4 HOH 90  2190 54  HOH HOH A . 
G 4 HOH 91  2191 28  HOH HOH A . 
G 4 HOH 92  2192 51  HOH HOH A . 
G 4 HOH 93  2193 189 HOH HOH A . 
G 4 HOH 94  2194 56  HOH HOH A . 
G 4 HOH 95  2195 80  HOH HOH A . 
G 4 HOH 96  2196 112 HOH HOH A . 
G 4 HOH 97  2197 146 HOH HOH A . 
G 4 HOH 98  2198 33  HOH HOH A . 
G 4 HOH 99  2199 77  HOH HOH A . 
G 4 HOH 100 2200 18  HOH HOH A . 
G 4 HOH 101 2201 168 HOH HOH A . 
G 4 HOH 102 2202 66  HOH HOH A . 
G 4 HOH 103 2203 53  HOH HOH A . 
G 4 HOH 104 2204 174 HOH HOH A . 
G 4 HOH 105 2205 50  HOH HOH A . 
G 4 HOH 106 2206 64  HOH HOH A . 
G 4 HOH 107 2207 3   HOH HOH A . 
G 4 HOH 108 2208 29  HOH HOH A . 
G 4 HOH 109 2209 152 HOH HOH A . 
G 4 HOH 110 2210 8   HOH HOH A . 
G 4 HOH 111 2211 129 HOH HOH A . 
G 4 HOH 112 2212 101 HOH HOH A . 
G 4 HOH 113 2213 181 HOH HOH A . 
G 4 HOH 114 2214 178 HOH HOH A . 
G 4 HOH 115 2215 120 HOH HOH A . 
G 4 HOH 116 2216 171 HOH HOH A . 
G 4 HOH 117 2217 95  HOH HOH A . 
G 4 HOH 118 2218 83  HOH HOH A . 
G 4 HOH 119 2219 170 HOH HOH A . 
G 4 HOH 120 2220 164 HOH HOH A . 
G 4 HOH 121 2221 124 HOH HOH A . 
G 4 HOH 122 2222 82  HOH HOH A . 
G 4 HOH 123 2223 209 HOH HOH A . 
G 4 HOH 124 2224 142 HOH HOH A . 
G 4 HOH 125 2225 138 HOH HOH A . 
G 4 HOH 126 2226 147 HOH HOH A . 
G 4 HOH 127 2227 22  HOH HOH A . 
G 4 HOH 128 2228 182 HOH HOH A . 
G 4 HOH 129 2229 201 HOH HOH A . 
G 4 HOH 130 2230 103 HOH HOH A . 
G 4 HOH 131 2231 69  HOH HOH A . 
G 4 HOH 132 2232 143 HOH HOH A . 
G 4 HOH 133 2233 99  HOH HOH A . 
G 4 HOH 134 2234 157 HOH HOH A . 
G 4 HOH 135 2235 153 HOH HOH A . 
G 4 HOH 136 2236 160 HOH HOH A . 
G 4 HOH 137 2237 184 HOH HOH A . 
G 4 HOH 138 2238 49  HOH HOH A . 
G 4 HOH 139 2239 185 HOH HOH A . 
G 4 HOH 140 2240 141 HOH HOH A . 
G 4 HOH 141 2241 130 HOH HOH A . 
G 4 HOH 142 2242 188 HOH HOH A . 
G 4 HOH 143 2243 176 HOH HOH A . 
G 4 HOH 144 2244 132 HOH HOH A . 
G 4 HOH 145 2245 119 HOH HOH A . 
G 4 HOH 146 2246 108 HOH HOH A . 
G 4 HOH 147 2247 161 HOH HOH A . 
G 4 HOH 148 2248 187 HOH HOH A . 
G 4 HOH 149 2249 183 HOH HOH A . 
G 4 HOH 150 2250 97  HOH HOH A . 
G 4 HOH 151 2251 194 HOH HOH A . 
G 4 HOH 152 2252 151 HOH HOH A . 
G 4 HOH 153 2253 31  HOH HOH A . 
G 4 HOH 154 2254 198 HOH HOH A . 
G 4 HOH 155 2255 96  HOH HOH A . 
G 4 HOH 156 2256 123 HOH HOH A . 
G 4 HOH 157 2257 195 HOH HOH A . 
G 4 HOH 158 2258 60  HOH HOH A . 
G 4 HOH 159 2259 135 HOH HOH A . 
G 4 HOH 160 2260 202 HOH HOH A . 
G 4 HOH 161 2261 150 HOH HOH A . 
G 4 HOH 162 2262 110 HOH HOH A . 
G 4 HOH 163 2263 121 HOH HOH A . 
G 4 HOH 164 2264 122 HOH HOH A . 
G 4 HOH 165 2265 134 HOH HOH A . 
G 4 HOH 166 2266 199 HOH HOH A . 
G 4 HOH 167 2267 102 HOH HOH A . 
G 4 HOH 168 2268 58  HOH HOH A . 
G 4 HOH 169 2269 192 HOH HOH A . 
G 4 HOH 170 2270 136 HOH HOH A . 
G 4 HOH 171 2271 94  HOH HOH A . 
G 4 HOH 172 2272 79  HOH HOH A . 
G 4 HOH 173 2273 86  HOH HOH A . 
G 4 HOH 174 2274 42  HOH HOH A . 
G 4 HOH 175 2275 104 HOH HOH A . 
G 4 HOH 176 2276 128 HOH HOH A . 
G 4 HOH 177 2277 197 HOH HOH A . 
G 4 HOH 178 2278 89  HOH HOH A . 
G 4 HOH 179 2279 78  HOH HOH A . 
G 4 HOH 180 2280 155 HOH HOH A . 
G 4 HOH 181 2281 55  HOH HOH A . 
G 4 HOH 182 2282 180 HOH HOH A . 
G 4 HOH 183 2283 87  HOH HOH A . 
G 4 HOH 184 2284 109 HOH HOH A . 
G 4 HOH 185 2285 118 HOH HOH A . 
G 4 HOH 186 2286 159 HOH HOH A . 
G 4 HOH 187 2287 127 HOH HOH A . 
G 4 HOH 188 2288 115 HOH HOH A . 
G 4 HOH 189 2289 165 HOH HOH A . 
G 4 HOH 190 2290 177 HOH HOH A . 
G 4 HOH 191 2291 111 HOH HOH A . 
G 4 HOH 192 2292 204 HOH HOH A . 
G 4 HOH 193 2293 186 HOH HOH A . 
G 4 HOH 194 2294 67  HOH HOH A . 
G 4 HOH 195 2295 140 HOH HOH A . 
G 4 HOH 196 2296 131 HOH HOH A . 
G 4 HOH 197 2297 179 HOH HOH A . 
G 4 HOH 198 2298 175 HOH HOH A . 
G 4 HOH 199 2299 203 HOH HOH A . 
G 4 HOH 200 2300 133 HOH HOH A . 
G 4 HOH 201 2301 125 HOH HOH A . 
# 
loop_
_pdbx_unobs_or_zero_occ_atoms.id 
_pdbx_unobs_or_zero_occ_atoms.PDB_model_num 
_pdbx_unobs_or_zero_occ_atoms.polymer_flag 
_pdbx_unobs_or_zero_occ_atoms.occupancy_flag 
_pdbx_unobs_or_zero_occ_atoms.auth_asym_id 
_pdbx_unobs_or_zero_occ_atoms.auth_comp_id 
_pdbx_unobs_or_zero_occ_atoms.auth_seq_id 
_pdbx_unobs_or_zero_occ_atoms.PDB_ins_code 
_pdbx_unobs_or_zero_occ_atoms.auth_atom_id 
_pdbx_unobs_or_zero_occ_atoms.label_alt_id 
_pdbx_unobs_or_zero_occ_atoms.label_asym_id 
_pdbx_unobs_or_zero_occ_atoms.label_comp_id 
_pdbx_unobs_or_zero_occ_atoms.label_seq_id 
_pdbx_unobs_or_zero_occ_atoms.label_atom_id 
1  1 Y 1 A LYS 1863 ? CG ? A LYS 29  CG 
2  1 Y 1 A LYS 1863 ? CD ? A LYS 29  CD 
3  1 Y 1 A LYS 1863 ? CE ? A LYS 29  CE 
4  1 Y 1 A LYS 1863 ? NZ ? A LYS 29  NZ 
5  1 Y 1 A LYS 1868 ? CE ? A LYS 34  CE 
6  1 Y 1 A LYS 1868 ? NZ ? A LYS 34  NZ 
7  1 Y 1 A LYS 1970 ? CG ? A LYS 136 CG 
8  1 Y 1 A LYS 1970 ? CD ? A LYS 136 CD 
9  1 Y 1 A LYS 1970 ? CE ? A LYS 136 CE 
10 1 Y 1 A LYS 1970 ? NZ ? A LYS 136 NZ 
# 
loop_
_software.pdbx_ordinal 
_software.name 
_software.version 
_software.date 
_software.type 
_software.contact_author 
_software.contact_author_email 
_software.classification 
_software.location 
_software.language 
_software.citation_id 
1 PHENIX      1.9_1682 ?               package 'Paul D. Adams' PDAdams@lbl.gov          refinement        
http://www.phenix-online.org/                       C++ ? 
2 Aimless     0.1.29   21/08/12        program 'Phil Evans'    ?                        'data scaling'    
http://www.mrc-lmb.cam.ac.uk/harry/pre/aimless.html ?   ? 
3 PDB_EXTRACT 3.23     'SEP. 23, 2016' package PDB             deposit@deposit.rcsb.org 'data extraction' 
http://sw-tools.pdb.org/apps/PDB_EXTRACT/           C++ ? 
4 XDS         .        ?               program ?               ?                        'data reduction'  ? ?   ? 
5 REFMAC      .        ?               program ?               ?                        phasing           ? ?   ? 
# 
_cell.entry_id           5PB8 
_cell.length_a           81.759 
_cell.length_b           97.216 
_cell.length_c           58.147 
_cell.angle_alpha        90.000 
_cell.angle_beta         90.000 
_cell.angle_gamma        90.000 
_cell.Z_PDB              8 
_cell.pdbx_unique_axis   ? 
# 
_symmetry.entry_id                         5PB8 
_symmetry.space_group_name_H-M             'C 2 2 21' 
_symmetry.pdbx_full_space_group_name_H-M   ? 
_symmetry.cell_setting                     ? 
_symmetry.Int_Tables_number                20 
# 
_exptl.crystals_number   1 
_exptl.entry_id          5PB8 
_exptl.method            'X-RAY DIFFRACTION' 
# 
_exptl_crystal.id                    1 
_exptl_crystal.pdbx_mosaicity        0.280 
_exptl_crystal.pdbx_mosaicity_esd    ? 
_exptl_crystal.density_Matthews      3.59 
_exptl_crystal.density_diffrn        ? 
_exptl_crystal.density_meas          ? 
_exptl_crystal.density_meas_temp     ? 
_exptl_crystal.density_percent_sol   65.74 
_exptl_crystal.size_max              ? 
_exptl_crystal.size_mid              ? 
_exptl_crystal.size_min              ? 
_exptl_crystal.size_rad              ? 
_exptl_crystal.description           ? 
# 
_exptl_crystal_grow.crystal_id      1 
_exptl_crystal_grow.method          'VAPOR DIFFUSION, SITTING DROP' 
_exptl_crystal_grow.pH              7 
_exptl_crystal_grow.temp            277 
_exptl_crystal_grow.pdbx_details    '30% PEG600 -- 0.1M MES pH 6.0' 
_exptl_crystal_grow.temp_details    ? 
_exptl_crystal_grow.pdbx_pH_range   ? 
# 
_diffrn.id                     1 
_diffrn.ambient_temp           100 
_diffrn.crystal_id             1 
_diffrn.ambient_temp_details   ? 
# 
_diffrn_detector.detector               PIXEL 
_diffrn_detector.type                   'DECTRIS PILATUS 2M' 
_diffrn_detector.pdbx_collection_date   2013-03-10 
_diffrn_detector.diffrn_id              1 
_diffrn_detector.details                ? 
# 
_diffrn_radiation.diffrn_id                        1 
_diffrn_radiation.wavelength_id                    1 
_diffrn_radiation.pdbx_diffrn_protocol             'SINGLE WAVELENGTH' 
_diffrn_radiation.pdbx_monochromatic_or_laue_m_l   ? 
_diffrn_radiation.monochromator                    ? 
_diffrn_radiation.pdbx_scattering_type             x-ray 
# 
_diffrn_radiation_wavelength.id           1 
_diffrn_radiation_wavelength.wavelength   0.9200 
_diffrn_radiation_wavelength.wt           1.0 
# 
_diffrn_source.diffrn_id                   1 
_diffrn_source.source                      SYNCHROTRON 
_diffrn_source.type                        'DIAMOND BEAMLINE I04-1' 
_diffrn_source.pdbx_wavelength_list        0.9200 
_diffrn_source.pdbx_synchrotron_site       Diamond 
_diffrn_source.pdbx_synchrotron_beamline   I04-1 
_diffrn_source.pdbx_wavelength             ? 
# 
_reflns.entry_id                     5PB8 
_reflns.pdbx_diffrn_id               1 
_reflns.pdbx_ordinal                 1 
_reflns.observed_criterion_sigma_I   ? 
_reflns.observed_criterion_sigma_F   ? 
_reflns.d_resolution_low             29.070 
_reflns.d_resolution_high            1.650 
_reflns.number_obs                   27756 
_reflns.number_all                   ? 
_reflns.percent_possible_obs         98.200 
_reflns.pdbx_Rmerge_I_obs            0.066 
_reflns.pdbx_Rsym_value              ? 
_reflns.pdbx_netI_over_sigmaI        15.100 
_reflns.B_iso_Wilson_estimate        25.240 
_reflns.pdbx_redundancy              6.400 
_reflns.pdbx_Rrim_I_all              0.072 
_reflns.pdbx_Rpim_I_all              0.028 
_reflns.pdbx_CC_half                 0.999 
_reflns.pdbx_netI_over_av_sigmaI     ? 
_reflns.pdbx_number_measured_all     178006 
_reflns.pdbx_scaling_rejects         0 
_reflns.pdbx_chi_squared             ? 
_reflns.Rmerge_F_all                 ? 
_reflns.Rmerge_F_obs                 ? 
_reflns.observed_criterion_F_max     ? 
_reflns.observed_criterion_F_min     ? 
_reflns.observed_criterion_I_max     ? 
_reflns.observed_criterion_I_min     ? 
_reflns.pdbx_d_res_high_opt          ? 
_reflns.pdbx_d_res_low_opt           ? 
_reflns.details                      ? 
# 
loop_
_reflns_shell.pdbx_diffrn_id 
_reflns_shell.pdbx_ordinal 
_reflns_shell.d_res_high 
_reflns_shell.d_res_low 
_reflns_shell.number_measured_obs 
_reflns_shell.number_measured_all 
_reflns_shell.number_unique_obs 
_reflns_shell.pdbx_rejects 
_reflns_shell.Rmerge_I_obs 
_reflns_shell.meanI_over_sigI_obs 
_reflns_shell.pdbx_Rsym_value 
_reflns_shell.pdbx_chi_squared 
_reflns_shell.pdbx_redundancy 
_reflns_shell.percent_possible_obs 
_reflns_shell.pdbx_netI_over_sigmaI_obs 
_reflns_shell.number_possible 
_reflns_shell.number_unique_all 
_reflns_shell.Rmerge_F_all 
_reflns_shell.Rmerge_F_obs 
_reflns_shell.Rmerge_I_all 
_reflns_shell.meanI_over_sigI_all 
_reflns_shell.percent_possible_all 
_reflns_shell.pdbx_Rrim_I_all 
_reflns_shell.pdbx_Rpim_I_all 
_reflns_shell.pdbx_CC_half 
1 1 1.650 1.680  ? 4720 ? ? 0.735 ? ? ? 4.600 ? 1.700  ? 1025 ? ? ? ? 74.000 0.820 0.353 0.890 
1 2 9.030 29.070 ? 1222 ? ? 0.027 ? ? ? 6.000 ? 47.600 ? 203  ? ? ? ? 97.400 0.029 0.011 0.999 
# 
_refine.entry_id                                 5PB8 
_refine.pdbx_refine_id                           'X-RAY DIFFRACTION' 
_refine.ls_d_res_high                            1.6490 
_refine.ls_d_res_low                             29.070 
_refine.pdbx_ls_sigma_F                          1.340 
_refine.pdbx_data_cutoff_high_absF               ? 
_refine.pdbx_data_cutoff_low_absF                ? 
_refine.ls_percent_reflns_obs                    97.9600 
_refine.ls_number_reflns_obs                     27726 
_refine.ls_number_reflns_all                     ? 
_refine.pdbx_ls_cross_valid_method               THROUGHOUT 
_refine.ls_matrix_type                           ? 
_refine.pdbx_R_Free_selection_details            ? 
_refine.details                                  ? 
_refine.ls_R_factor_all                          ? 
_refine.ls_R_factor_obs                          0.1809 
_refine.ls_R_factor_R_work                       0.1794 
_refine.ls_wR_factor_R_work                      ? 
_refine.ls_R_factor_R_free                       0.2075 
_refine.ls_wR_factor_R_free                      ? 
_refine.ls_percent_reflns_R_free                 5.0100 
_refine.ls_number_reflns_R_free                  1389 
_refine.ls_number_reflns_R_work                  26337 
_refine.ls_R_factor_R_free_error                 ? 
_refine.B_iso_mean                               31.2733 
_refine.solvent_model_param_bsol                 ? 
_refine.solvent_model_param_ksol                 ? 
_refine.pdbx_isotropic_thermal_model             ? 
_refine.aniso_B[1][1]                            ? 
_refine.aniso_B[2][2]                            ? 
_refine.aniso_B[3][3]                            ? 
_refine.aniso_B[1][2]                            ? 
_refine.aniso_B[1][3]                            ? 
_refine.aniso_B[2][3]                            ? 
_refine.correlation_coeff_Fo_to_Fc               ? 
_refine.correlation_coeff_Fo_to_Fc_free          ? 
_refine.overall_SU_R_Cruickshank_DPI             ? 
_refine.pdbx_overall_SU_R_free_Cruickshank_DPI   ? 
_refine.pdbx_overall_SU_R_Blow_DPI               ? 
_refine.pdbx_overall_SU_R_free_Blow_DPI          ? 
_refine.overall_SU_R_free                        ? 
_refine.pdbx_overall_ESU_R                       ? 
_refine.pdbx_overall_ESU_R_Free                  ? 
_refine.overall_SU_ML                            0.2200 
_refine.overall_SU_B                             ? 
_refine.solvent_model_details                    'FLAT BULK SOLVENT MODEL' 
_refine.pdbx_solvent_vdw_probe_radii             1.1100 
_refine.pdbx_solvent_ion_probe_radii             ? 
_refine.pdbx_solvent_shrinkage_radii             0.9000 
_refine.ls_number_parameters                     ? 
_refine.ls_number_restraints                     ? 
_refine.pdbx_starting_model                      3G0L 
_refine.pdbx_method_to_determine_struct          'FOURIER SYNTHESIS' 
_refine.pdbx_stereochemistry_target_values       ML 
_refine.pdbx_stereochem_target_val_spec_case     ? 
_refine.overall_FOM_work_R_set                   ? 
_refine.B_iso_max                                84.380 
_refine.B_iso_min                                15.510 
_refine.pdbx_overall_phase_error                 22.8900 
_refine.occupancy_max                            ? 
_refine.occupancy_min                            ? 
_refine.pdbx_diffrn_id                           1 
_refine.pdbx_TLS_residual_ADP_flag               ? 
_refine.pdbx_ls_sigma_I                          ? 
_refine.pdbx_data_cutoff_high_rms_absF           ? 
_refine.ls_R_factor_R_free_error_details         ? 
# 
_refine_hist.cycle_id                         final 
_refine_hist.pdbx_refine_id                   'X-RAY DIFFRACTION' 
_refine_hist.d_res_high                       1.6490 
_refine_hist.d_res_low                        29.070 
_refine_hist.pdbx_number_atoms_ligand         26 
_refine_hist.number_atoms_solvent             202 
_refine_hist.number_atoms_total               1158 
_refine_hist.pdbx_number_residues_total       115 
_refine_hist.pdbx_B_iso_mean_ligand           38.22 
_refine_hist.pdbx_B_iso_mean_solvent          45.34 
_refine_hist.pdbx_number_atoms_protein        930 
_refine_hist.pdbx_number_atoms_nucleic_acid   0 
# 
loop_
_refine_ls_restr.pdbx_refine_id 
_refine_ls_restr.type 
_refine_ls_restr.number 
_refine_ls_restr.dev_ideal 
_refine_ls_restr.dev_ideal_target 
_refine_ls_restr.weight 
_refine_ls_restr.pdbx_restraint_function 
'X-RAY DIFFRACTION' f_bond_d           1053 0.008  ? ? ? 
'X-RAY DIFFRACTION' f_angle_d          1421 1.026  ? ? ? 
'X-RAY DIFFRACTION' f_chiral_restr     151  0.044  ? ? ? 
'X-RAY DIFFRACTION' f_plane_restr      183  0.004  ? ? ? 
'X-RAY DIFFRACTION' f_dihedral_angle_d 431  12.178 ? ? ? 
# 
loop_
_refine_ls_shell.d_res_high 
_refine_ls_shell.d_res_low 
_refine_ls_shell.pdbx_total_number_of_bins_used 
_refine_ls_shell.percent_reflns_obs 
_refine_ls_shell.number_reflns_R_work 
_refine_ls_shell.R_factor_all 
_refine_ls_shell.R_factor_R_work 
_refine_ls_shell.R_factor_R_free 
_refine_ls_shell.percent_reflns_R_free 
_refine_ls_shell.number_reflns_R_free 
_refine_ls_shell.R_factor_R_free_error 
_refine_ls_shell.number_reflns_all 
_refine_ls_shell.number_reflns_obs 
_refine_ls_shell.pdbx_refine_id 
1.6493 1.7082  10 86.0000  2281 . 0.3412 0.3528 . 127 . 2408 . 'X-RAY DIFFRACTION' 
1.7082 1.7766  10 100.0000 2625 . 0.2752 0.2639 . 143 . 2768 . 'X-RAY DIFFRACTION' 
1.7766 1.8574  10 100.0000 2661 . 0.2396 0.2791 . 133 . 2794 . 'X-RAY DIFFRACTION' 
1.8574 1.9553  10 99.0000  2647 . 0.2212 0.2627 . 150 . 2797 . 'X-RAY DIFFRACTION' 
1.9553 2.0778  10 100.0000 2659 . 0.1962 0.2054 . 121 . 2780 . 'X-RAY DIFFRACTION' 
2.0778 2.2382  10 99.0000  2656 . 0.1782 0.2078 . 136 . 2792 . 'X-RAY DIFFRACTION' 
2.2382 2.4633  10 98.0000  2625 . 0.1741 0.2180 . 136 . 2761 . 'X-RAY DIFFRACTION' 
2.4633 2.8195  10 100.0000 2692 . 0.1745 0.1997 . 134 . 2826 . 'X-RAY DIFFRACTION' 
2.8195 3.5513  10 99.0000  2695 . 0.1754 0.2192 . 164 . 2859 . 'X-RAY DIFFRACTION' 
3.5513 29.0780 10 99.0000  2796 . 0.1518 0.1691 . 145 . 2941 . 'X-RAY DIFFRACTION' 
# 
_struct.entry_id                  5PB8 
_struct.title                     'PanDDA analysis group deposition -- Crystal Structure of BAZ2B in complex with N09522a' 
_struct.pdbx_model_details        ? 
_struct.pdbx_CASP_flag            ? 
_struct.pdbx_model_type_details   ? 
# 
_struct_keywords.entry_id        5PB8 
_struct_keywords.text            'PanDDA, SGC - Diamond I04-1 fragment screening, bromodomain, epigenetics, DNA BINDING PROTEIN' 
_struct_keywords.pdbx_keywords   'DNA BINDING PROTEIN' 
# 
loop_
_struct_asym.id 
_struct_asym.pdbx_blank_PDB_chainid_flag 
_struct_asym.pdbx_modified 
_struct_asym.entity_id 
_struct_asym.details 
A N N 1 ? 
B N N 2 ? 
C N N 2 ? 
D N N 2 ? 
E N N 2 ? 
F N N 3 ? 
G N N 4 ? 
# 
_struct_ref.id                         1 
_struct_ref.db_name                    UNP 
_struct_ref.db_code                    BAZ2B_HUMAN 
_struct_ref.pdbx_db_accession          Q9UIF8 
_struct_ref.pdbx_db_isoform            Q9UIF8-2 
_struct_ref.entity_id                  1 
_struct_ref.pdbx_seq_one_letter_code   
;SVKKPKRDDSKDLALCSMILTEMETHEDAWPFLLPVNLKLVPGYKKVIKKPMDFSTIREKLSSGQYPNLETFALDVRLVF
DNCETFNEDDSDIGRAGHNMRKYFEKKWTDTFKVS
;
_struct_ref.pdbx_align_begin           1954 
# 
_struct_ref_seq.align_id                      1 
_struct_ref_seq.ref_id                        1 
_struct_ref_seq.pdbx_PDB_id_code              5PB8 
_struct_ref_seq.pdbx_strand_id                A 
_struct_ref_seq.seq_align_beg                 24 
_struct_ref_seq.pdbx_seq_align_beg_ins_code   ? 
_struct_ref_seq.seq_align_end                 138 
_struct_ref_seq.pdbx_seq_align_end_ins_code   ? 
_struct_ref_seq.pdbx_db_accession             Q9UIF8 
_struct_ref_seq.db_align_beg                  1954 
_struct_ref_seq.pdbx_db_align_beg_ins_code    ? 
_struct_ref_seq.db_align_end                  2068 
_struct_ref_seq.pdbx_db_align_end_ins_code    ? 
_struct_ref_seq.pdbx_auth_seq_align_beg       1858 
_struct_ref_seq.pdbx_auth_seq_align_end       1972 
# 
loop_
_struct_ref_seq_dif.align_id 
_struct_ref_seq_dif.pdbx_pdb_id_code 
_struct_ref_seq_dif.mon_id 
_struct_ref_seq_dif.pdbx_pdb_strand_id 
_struct_ref_seq_dif.seq_num 
_struct_ref_seq_dif.pdbx_pdb_ins_code 
_struct_ref_seq_dif.pdbx_seq_db_name 
_struct_ref_seq_dif.pdbx_seq_db_accession_code 
_struct_ref_seq_dif.db_mon_id 
_struct_ref_seq_dif.pdbx_seq_db_seq_num 
_struct_ref_seq_dif.details 
_struct_ref_seq_dif.pdbx_auth_seq_num 
_struct_ref_seq_dif.pdbx_ordinal 
1 5PB8 MET A 1  ? UNP Q9UIF8 ? ? 'expression tag' 1835 1  
1 5PB8 HIS A 2  ? UNP Q9UIF8 ? ? 'expression tag' 1836 2  
1 5PB8 HIS A 3  ? UNP Q9UIF8 ? ? 'expression tag' 1837 3  
1 5PB8 HIS A 4  ? UNP Q9UIF8 ? ? 'expression tag' 1838 4  
1 5PB8 HIS A 5  ? UNP Q9UIF8 ? ? 'expression tag' 1839 5  
1 5PB8 HIS A 6  ? UNP Q9UIF8 ? ? 'expression tag' 1840 6  
1 5PB8 HIS A 7  ? UNP Q9UIF8 ? ? 'expression tag' 1841 7  
1 5PB8 SER A 8  ? UNP Q9UIF8 ? ? 'expression tag' 1842 8  
1 5PB8 SER A 9  ? UNP Q9UIF8 ? ? 'expression tag' 1843 9  
1 5PB8 GLY A 10 ? UNP Q9UIF8 ? ? 'expression tag' 1844 10 
1 5PB8 VAL A 11 ? UNP Q9UIF8 ? ? 'expression tag' 1845 11 
1 5PB8 ASP A 12 ? UNP Q9UIF8 ? ? 'expression tag' 1846 12 
1 5PB8 LEU A 13 ? UNP Q9UIF8 ? ? 'expression tag' 1847 13 
1 5PB8 GLY A 14 ? UNP Q9UIF8 ? ? 'expression tag' 1848 14 
1 5PB8 THR A 15 ? UNP Q9UIF8 ? ? 'expression tag' 1849 15 
1 5PB8 GLU A 16 ? UNP Q9UIF8 ? ? 'expression tag' 1850 16 
1 5PB8 ASN A 17 ? UNP Q9UIF8 ? ? 'expression tag' 1851 17 
1 5PB8 LEU A 18 ? UNP Q9UIF8 ? ? 'expression tag' 1852 18 
1 5PB8 TYR A 19 ? UNP Q9UIF8 ? ? 'expression tag' 1853 19 
1 5PB8 PHE A 20 ? UNP Q9UIF8 ? ? 'expression tag' 1854 20 
1 5PB8 GLN A 21 ? UNP Q9UIF8 ? ? 'expression tag' 1855 21 
1 5PB8 SER A 22 ? UNP Q9UIF8 ? ? 'expression tag' 1856 22 
1 5PB8 MET A 23 ? UNP Q9UIF8 ? ? 'expression tag' 1857 23 
# 
_pdbx_struct_assembly.id                   1 
_pdbx_struct_assembly.details              author_defined_assembly 
_pdbx_struct_assembly.method_details       ? 
_pdbx_struct_assembly.oligomeric_details   monomeric 
_pdbx_struct_assembly.oligomeric_count     1 
# 
_pdbx_struct_assembly_gen.assembly_id       1 
_pdbx_struct_assembly_gen.oper_expression   1 
_pdbx_struct_assembly_gen.asym_id_list      A,B,C,D,E,F,G 
# 
_pdbx_struct_oper_list.id                   1 
_pdbx_struct_oper_list.type                 'identity operation' 
_pdbx_struct_oper_list.name                 1_555 
_pdbx_struct_oper_list.symmetry_operation   x,y,z 
_pdbx_struct_oper_list.matrix[1][1]         1.0000000000 
_pdbx_struct_oper_list.matrix[1][2]         0.0000000000 
_pdbx_struct_oper_list.matrix[1][3]         0.0000000000 
_pdbx_struct_oper_list.vector[1]            0.0000000000 
_pdbx_struct_oper_list.matrix[2][1]         0.0000000000 
_pdbx_struct_oper_list.matrix[2][2]         1.0000000000 
_pdbx_struct_oper_list.matrix[2][3]         0.0000000000 
_pdbx_struct_oper_list.vector[2]            0.0000000000 
_pdbx_struct_oper_list.matrix[3][1]         0.0000000000 
_pdbx_struct_oper_list.matrix[3][2]         0.0000000000 
_pdbx_struct_oper_list.matrix[3][3]         1.0000000000 
_pdbx_struct_oper_list.vector[3]            0.0000000000 
# 
loop_
_struct_conf.conf_type_id 
_struct_conf.id 
_struct_conf.pdbx_PDB_helix_id 
_struct_conf.beg_label_comp_id 
_struct_conf.beg_label_asym_id 
_struct_conf.beg_label_seq_id 
_struct_conf.pdbx_beg_PDB_ins_code 
_struct_conf.end_label_comp_id 
_struct_conf.end_label_asym_id 
_struct_conf.end_label_seq_id 
_struct_conf.pdbx_end_PDB_ins_code 
_struct_conf.beg_auth_comp_id 
_struct_conf.beg_auth_asym_id 
_struct_conf.beg_auth_seq_id 
_struct_conf.end_auth_comp_id 
_struct_conf.end_auth_asym_id 
_struct_conf.end_auth_seq_id 
_struct_conf.pdbx_PDB_helix_class 
_struct_conf.details 
_struct_conf.pdbx_PDB_helix_length 
HELX_P HELX_P1 AA1 LYS A 34  ? THR A 48  ? LYS A 1868 THR A 1882 1 ? 15 
HELX_P HELX_P2 AA2 HIS A 49  ? LEU A 56  ? HIS A 1883 LEU A 1890 5 ? 8  
HELX_P HELX_P3 AA3 GLY A 66  ? ILE A 71  ? GLY A 1900 ILE A 1905 1 ? 6  
HELX_P HELX_P4 AA4 ASP A 76  ? SER A 86  ? ASP A 1910 SER A 1920 1 ? 11 
HELX_P HELX_P5 AA5 ASN A 91  ? ASN A 110 ? ASN A 1925 ASN A 1944 1 ? 20 
HELX_P HELX_P6 AA6 SER A 114 ? LYS A 136 ? SER A 1948 LYS A 1970 1 ? 23 
# 
_struct_conf_type.id          HELX_P 
_struct_conf_type.criteria    ? 
_struct_conf_type.reference   ? 
# 
loop_
_struct_site.id 
_struct_site.pdbx_evidence_code 
_struct_site.pdbx_auth_asym_id 
_struct_site.pdbx_auth_comp_id 
_struct_site.pdbx_auth_seq_id 
_struct_site.pdbx_auth_ins_code 
_struct_site.pdbx_num_residues 
_struct_site.details 
AC1 Software A EDO 2001 ? 3 'binding site for residue EDO A 2001' 
AC2 Software A EDO 2002 ? 4 'binding site for residue EDO A 2002' 
AC3 Software A EDO 2003 ? 2 'binding site for residue EDO A 2003' 
AC4 Software A EDO 2004 ? 5 'binding site for residue EDO A 2004' 
AC5 Software A AC6 2005 ? 8 'binding site for residue AC6 A 2005' 
# 
loop_
_struct_site_gen.id 
_struct_site_gen.site_id 
_struct_site_gen.pdbx_num_res 
_struct_site_gen.label_comp_id 
_struct_site_gen.label_asym_id 
_struct_site_gen.label_seq_id 
_struct_site_gen.pdbx_auth_ins_code 
_struct_site_gen.auth_comp_id 
_struct_site_gen.auth_asym_id 
_struct_site_gen.auth_seq_id 
_struct_site_gen.label_atom_id 
_struct_site_gen.label_alt_id 
_struct_site_gen.symmetry 
_struct_site_gen.details 
1  AC1 3 PHE A 109 ? PHE A 1943 . ? 1_555 ? 
2  AC1 3 ASN A 110 ? ASN A 1944 . ? 1_555 ? 
3  AC1 3 AC6 F .   ? AC6 A 2005 . ? 1_555 ? 
4  AC2 4 MET A 41  ? MET A 1875 . ? 1_555 ? 
5  AC2 4 GLU A 45  ? GLU A 1879 . ? 1_555 ? 
6  AC2 4 LYS A 130 ? LYS A 1964 . ? 1_555 ? 
7  AC2 4 THR A 134 ? THR A 1968 . ? 1_555 ? 
8  AC3 2 HIS A 49  ? HIS A 1883 . ? 1_555 ? 
9  AC3 2 GLU A 50  ? GLU A 1884 . ? 1_555 ? 
10 AC4 5 SER A 78  ? SER A 1912 . ? 1_555 ? 
11 AC4 5 THR A 79  ? THR A 1913 . ? 1_555 ? 
12 AC4 5 GLU A 82  ? GLU A 1916 . ? 1_555 ? 
13 AC4 5 LYS A 129 ? LYS A 1963 . ? 6_554 ? 
14 AC4 5 HOH G .   ? HOH A 2196 . ? 1_555 ? 
15 AC5 8 PRO A 54  ? PRO A 1888 . ? 1_555 ? 
16 AC5 8 ASN A 110 ? ASN A 1944 . ? 1_555 ? 
17 AC5 8 EDO B .   ? EDO A 2001 . ? 1_555 ? 
18 AC5 8 HOH G .   ? HOH A 2113 . ? 1_555 ? 
19 AC5 8 HOH G .   ? HOH A 2211 . ? 1_555 ? 
20 AC5 8 HOH G .   ? HOH A 2212 . ? 1_555 ? 
21 AC5 8 HOH G .   ? HOH A 2287 . ? 1_555 ? 
22 AC5 8 HOH G .   ? HOH A 2288 . ? 1_555 ? 
# 
_pdbx_struct_special_symmetry.id              1 
_pdbx_struct_special_symmetry.PDB_model_num   1 
_pdbx_struct_special_symmetry.auth_asym_id    A 
_pdbx_struct_special_symmetry.auth_comp_id    HOH 
_pdbx_struct_special_symmetry.auth_seq_id     2101 
_pdbx_struct_special_symmetry.PDB_ins_code    ? 
_pdbx_struct_special_symmetry.label_asym_id   G 
_pdbx_struct_special_symmetry.label_comp_id   HOH 
_pdbx_struct_special_symmetry.label_seq_id    . 
# 
_phasing.method   MR 
# 
_pdbx_entry_details.nonpolymer_details       
;<BAZ2BA-x481>
<used_for_statistical_map>yes</used_for_statistical_map>
<smiles_of_compound_added>CC(c1ccc(cc1)O)=O</smiles_of_compound_added>
<site1>
<label>None</label>
<coordinate>12.98 39.25 39.25</coordinate>
<smiles>CC(c1ccc(cc1)O)=O</smiles>
<confidence>4 - High Confidence</confidence>
<comment>None</comment>
<occupancy>0.77</occupancy>
<B_average>34.074</B_average>
<B_ratio>1.2559738627795929</B_ratio>
<RSCC>0.94699999999999995</RSCC>
<RSR>0.088999999999999996</RSR>
<RSZD>0.90000000000000002</RSZD>
<RMSD>0.15883230150067054</RMSD>
</site1>
</BAZ2BA-x481>
;
_pdbx_entry_details.entry_id                 5PB8 
_pdbx_entry_details.compound_details         ? 
_pdbx_entry_details.source_details           ? 
_pdbx_entry_details.sequence_details         ? 
_pdbx_entry_details.has_ligand_of_interest   ? 
# 
loop_
_pdbx_distant_solvent_atoms.id 
_pdbx_distant_solvent_atoms.PDB_model_num 
_pdbx_distant_solvent_atoms.auth_atom_id 
_pdbx_distant_solvent_atoms.label_alt_id 
_pdbx_distant_solvent_atoms.auth_asym_id 
_pdbx_distant_solvent_atoms.auth_comp_id 
_pdbx_distant_solvent_atoms.auth_seq_id 
_pdbx_distant_solvent_atoms.PDB_ins_code 
_pdbx_distant_solvent_atoms.neighbor_macromolecule_distance 
_pdbx_distant_solvent_atoms.neighbor_ligand_distance 
1 1 O ? A HOH 2298 ? 5.88 . 
2 1 O ? A HOH 2299 ? 6.82 . 
3 1 O ? A HOH 2300 ? 7.40 . 
4 1 O ? A HOH 2301 ? 7.70 . 
# 
loop_
_pdbx_unobs_or_zero_occ_residues.id 
_pdbx_unobs_or_zero_occ_residues.PDB_model_num 
_pdbx_unobs_or_zero_occ_residues.polymer_flag 
_pdbx_unobs_or_zero_occ_residues.occupancy_flag 
_pdbx_unobs_or_zero_occ_residues.auth_asym_id 
_pdbx_unobs_or_zero_occ_residues.auth_comp_id 
_pdbx_unobs_or_zero_occ_residues.auth_seq_id 
_pdbx_unobs_or_zero_occ_residues.PDB_ins_code 
_pdbx_unobs_or_zero_occ_residues.label_asym_id 
_pdbx_unobs_or_zero_occ_residues.label_comp_id 
_pdbx_unobs_or_zero_occ_residues.label_seq_id 
1  1 Y 1 A MET 1835 ? A MET 1   
2  1 Y 1 A HIS 1836 ? A HIS 2   
3  1 Y 1 A HIS 1837 ? A HIS 3   
4  1 Y 1 A HIS 1838 ? A HIS 4   
5  1 Y 1 A HIS 1839 ? A HIS 5   
6  1 Y 1 A HIS 1840 ? A HIS 6   
7  1 Y 1 A HIS 1841 ? A HIS 7   
8  1 Y 1 A SER 1842 ? A SER 8   
9  1 Y 1 A SER 1843 ? A SER 9   
10 1 Y 1 A GLY 1844 ? A GLY 10  
11 1 Y 1 A VAL 1845 ? A VAL 11  
12 1 Y 1 A ASP 1846 ? A ASP 12  
13 1 Y 1 A LEU 1847 ? A LEU 13  
14 1 Y 1 A GLY 1848 ? A GLY 14  
15 1 Y 1 A THR 1849 ? A THR 15  
16 1 Y 1 A GLU 1850 ? A GLU 16  
17 1 Y 1 A ASN 1851 ? A ASN 17  
18 1 Y 1 A LEU 1852 ? A LEU 18  
19 1 Y 1 A TYR 1853 ? A TYR 19  
20 1 Y 1 A PHE 1854 ? A PHE 20  
21 1 Y 1 A GLN 1855 ? A GLN 21  
22 1 Y 1 A VAL 1971 ? A VAL 137 
23 1 Y 1 A SER 1972 ? A SER 138 
# 
loop_
_chem_comp_atom.comp_id 
_chem_comp_atom.atom_id 
_chem_comp_atom.type_symbol 
_chem_comp_atom.pdbx_aromatic_flag 
_chem_comp_atom.pdbx_stereo_config 
_chem_comp_atom.pdbx_ordinal 
AC6 C1   C Y N 1   
AC6 C2   C Y N 2   
AC6 C3   C Y N 3   
AC6 C4   C Y N 4   
AC6 C5   C Y N 5   
AC6 C6   C Y N 6   
AC6 O1   O N N 7   
AC6 O2   O N N 8   
AC6 C7   C N N 9   
AC6 C8   C N N 10  
AC6 H2   H N N 11  
AC6 H3   H N N 12  
AC6 H5   H N N 13  
AC6 H6   H N N 14  
AC6 HO1  H N N 15  
AC6 H81  H N N 16  
AC6 H82  H N N 17  
AC6 H83  H N N 18  
ALA N    N N N 19  
ALA CA   C N S 20  
ALA C    C N N 21  
ALA O    O N N 22  
ALA CB   C N N 23  
ALA OXT  O N N 24  
ALA H    H N N 25  
ALA H2   H N N 26  
ALA HA   H N N 27  
ALA HB1  H N N 28  
ALA HB2  H N N 29  
ALA HB3  H N N 30  
ALA HXT  H N N 31  
ARG N    N N N 32  
ARG CA   C N S 33  
ARG C    C N N 34  
ARG O    O N N 35  
ARG CB   C N N 36  
ARG CG   C N N 37  
ARG CD   C N N 38  
ARG NE   N N N 39  
ARG CZ   C N N 40  
ARG NH1  N N N 41  
ARG NH2  N N N 42  
ARG OXT  O N N 43  
ARG H    H N N 44  
ARG H2   H N N 45  
ARG HA   H N N 46  
ARG HB2  H N N 47  
ARG HB3  H N N 48  
ARG HG2  H N N 49  
ARG HG3  H N N 50  
ARG HD2  H N N 51  
ARG HD3  H N N 52  
ARG HE   H N N 53  
ARG HH11 H N N 54  
ARG HH12 H N N 55  
ARG HH21 H N N 56  
ARG HH22 H N N 57  
ARG HXT  H N N 58  
ASN N    N N N 59  
ASN CA   C N S 60  
ASN C    C N N 61  
ASN O    O N N 62  
ASN CB   C N N 63  
ASN CG   C N N 64  
ASN OD1  O N N 65  
ASN ND2  N N N 66  
ASN OXT  O N N 67  
ASN H    H N N 68  
ASN H2   H N N 69  
ASN HA   H N N 70  
ASN HB2  H N N 71  
ASN HB3  H N N 72  
ASN HD21 H N N 73  
ASN HD22 H N N 74  
ASN HXT  H N N 75  
ASP N    N N N 76  
ASP CA   C N S 77  
ASP C    C N N 78  
ASP O    O N N 79  
ASP CB   C N N 80  
ASP CG   C N N 81  
ASP OD1  O N N 82  
ASP OD2  O N N 83  
ASP OXT  O N N 84  
ASP H    H N N 85  
ASP H2   H N N 86  
ASP HA   H N N 87  
ASP HB2  H N N 88  
ASP HB3  H N N 89  
ASP HD2  H N N 90  
ASP HXT  H N N 91  
CYS N    N N N 92  
CYS CA   C N R 93  
CYS C    C N N 94  
CYS O    O N N 95  
CYS CB   C N N 96  
CYS SG   S N N 97  
CYS OXT  O N N 98  
CYS H    H N N 99  
CYS H2   H N N 100 
CYS HA   H N N 101 
CYS HB2  H N N 102 
CYS HB3  H N N 103 
CYS HG   H N N 104 
CYS HXT  H N N 105 
EDO C1   C N N 106 
EDO O1   O N N 107 
EDO C2   C N N 108 
EDO O2   O N N 109 
EDO H11  H N N 110 
EDO H12  H N N 111 
EDO HO1  H N N 112 
EDO H21  H N N 113 
EDO H22  H N N 114 
EDO HO2  H N N 115 
GLN N    N N N 116 
GLN CA   C N S 117 
GLN C    C N N 118 
GLN O    O N N 119 
GLN CB   C N N 120 
GLN CG   C N N 121 
GLN CD   C N N 122 
GLN OE1  O N N 123 
GLN NE2  N N N 124 
GLN OXT  O N N 125 
GLN H    H N N 126 
GLN H2   H N N 127 
GLN HA   H N N 128 
GLN HB2  H N N 129 
GLN HB3  H N N 130 
GLN HG2  H N N 131 
GLN HG3  H N N 132 
GLN HE21 H N N 133 
GLN HE22 H N N 134 
GLN HXT  H N N 135 
GLU N    N N N 136 
GLU CA   C N S 137 
GLU C    C N N 138 
GLU O    O N N 139 
GLU CB   C N N 140 
GLU CG   C N N 141 
GLU CD   C N N 142 
GLU OE1  O N N 143 
GLU OE2  O N N 144 
GLU OXT  O N N 145 
GLU H    H N N 146 
GLU H2   H N N 147 
GLU HA   H N N 148 
GLU HB2  H N N 149 
GLU HB3  H N N 150 
GLU HG2  H N N 151 
GLU HG3  H N N 152 
GLU HE2  H N N 153 
GLU HXT  H N N 154 
GLY N    N N N 155 
GLY CA   C N N 156 
GLY C    C N N 157 
GLY O    O N N 158 
GLY OXT  O N N 159 
GLY H    H N N 160 
GLY H2   H N N 161 
GLY HA2  H N N 162 
GLY HA3  H N N 163 
GLY HXT  H N N 164 
HIS N    N N N 165 
HIS CA   C N S 166 
HIS C    C N N 167 
HIS O    O N N 168 
HIS CB   C N N 169 
HIS CG   C Y N 170 
HIS ND1  N Y N 171 
HIS CD2  C Y N 172 
HIS CE1  C Y N 173 
HIS NE2  N Y N 174 
HIS OXT  O N N 175 
HIS H    H N N 176 
HIS H2   H N N 177 
HIS HA   H N N 178 
HIS HB2  H N N 179 
HIS HB3  H N N 180 
HIS HD1  H N N 181 
HIS HD2  H N N 182 
HIS HE1  H N N 183 
HIS HE2  H N N 184 
HIS HXT  H N N 185 
HOH O    O N N 186 
HOH H1   H N N 187 
HOH H2   H N N 188 
ILE N    N N N 189 
ILE CA   C N S 190 
ILE C    C N N 191 
ILE O    O N N 192 
ILE CB   C N S 193 
ILE CG1  C N N 194 
ILE CG2  C N N 195 
ILE CD1  C N N 196 
ILE OXT  O N N 197 
ILE H    H N N 198 
ILE H2   H N N 199 
ILE HA   H N N 200 
ILE HB   H N N 201 
ILE HG12 H N N 202 
ILE HG13 H N N 203 
ILE HG21 H N N 204 
ILE HG22 H N N 205 
ILE HG23 H N N 206 
ILE HD11 H N N 207 
ILE HD12 H N N 208 
ILE HD13 H N N 209 
ILE HXT  H N N 210 
LEU N    N N N 211 
LEU CA   C N S 212 
LEU C    C N N 213 
LEU O    O N N 214 
LEU CB   C N N 215 
LEU CG   C N N 216 
LEU CD1  C N N 217 
LEU CD2  C N N 218 
LEU OXT  O N N 219 
LEU H    H N N 220 
LEU H2   H N N 221 
LEU HA   H N N 222 
LEU HB2  H N N 223 
LEU HB3  H N N 224 
LEU HG   H N N 225 
LEU HD11 H N N 226 
LEU HD12 H N N 227 
LEU HD13 H N N 228 
LEU HD21 H N N 229 
LEU HD22 H N N 230 
LEU HD23 H N N 231 
LEU HXT  H N N 232 
LYS N    N N N 233 
LYS CA   C N S 234 
LYS C    C N N 235 
LYS O    O N N 236 
LYS CB   C N N 237 
LYS CG   C N N 238 
LYS CD   C N N 239 
LYS CE   C N N 240 
LYS NZ   N N N 241 
LYS OXT  O N N 242 
LYS H    H N N 243 
LYS H2   H N N 244 
LYS HA   H N N 245 
LYS HB2  H N N 246 
LYS HB3  H N N 247 
LYS HG2  H N N 248 
LYS HG3  H N N 249 
LYS HD2  H N N 250 
LYS HD3  H N N 251 
LYS HE2  H N N 252 
LYS HE3  H N N 253 
LYS HZ1  H N N 254 
LYS HZ2  H N N 255 
LYS HZ3  H N N 256 
LYS HXT  H N N 257 
MET N    N N N 258 
MET CA   C N S 259 
MET C    C N N 260 
MET O    O N N 261 
MET CB   C N N 262 
MET CG   C N N 263 
MET SD   S N N 264 
MET CE   C N N 265 
MET OXT  O N N 266 
MET H    H N N 267 
MET H2   H N N 268 
MET HA   H N N 269 
MET HB2  H N N 270 
MET HB3  H N N 271 
MET HG2  H N N 272 
MET HG3  H N N 273 
MET HE1  H N N 274 
MET HE2  H N N 275 
MET HE3  H N N 276 
MET HXT  H N N 277 
PHE N    N N N 278 
PHE CA   C N S 279 
PHE C    C N N 280 
PHE O    O N N 281 
PHE CB   C N N 282 
PHE CG   C Y N 283 
PHE CD1  C Y N 284 
PHE CD2  C Y N 285 
PHE CE1  C Y N 286 
PHE CE2  C Y N 287 
PHE CZ   C Y N 288 
PHE OXT  O N N 289 
PHE H    H N N 290 
PHE H2   H N N 291 
PHE HA   H N N 292 
PHE HB2  H N N 293 
PHE HB3  H N N 294 
PHE HD1  H N N 295 
PHE HD2  H N N 296 
PHE HE1  H N N 297 
PHE HE2  H N N 298 
PHE HZ   H N N 299 
PHE HXT  H N N 300 
PRO N    N N N 301 
PRO CA   C N S 302 
PRO C    C N N 303 
PRO O    O N N 304 
PRO CB   C N N 305 
PRO CG   C N N 306 
PRO CD   C N N 307 
PRO OXT  O N N 308 
PRO H    H N N 309 
PRO HA   H N N 310 
PRO HB2  H N N 311 
PRO HB3  H N N 312 
PRO HG2  H N N 313 
PRO HG3  H N N 314 
PRO HD2  H N N 315 
PRO HD3  H N N 316 
PRO HXT  H N N 317 
SER N    N N N 318 
SER CA   C N S 319 
SER C    C N N 320 
SER O    O N N 321 
SER CB   C N N 322 
SER OG   O N N 323 
SER OXT  O N N 324 
SER H    H N N 325 
SER H2   H N N 326 
SER HA   H N N 327 
SER HB2  H N N 328 
SER HB3  H N N 329 
SER HG   H N N 330 
SER HXT  H N N 331 
THR N    N N N 332 
THR CA   C N S 333 
THR C    C N N 334 
THR O    O N N 335 
THR CB   C N R 336 
THR OG1  O N N 337 
THR CG2  C N N 338 
THR OXT  O N N 339 
THR H    H N N 340 
THR H2   H N N 341 
THR HA   H N N 342 
THR HB   H N N 343 
THR HG1  H N N 344 
THR HG21 H N N 345 
THR HG22 H N N 346 
THR HG23 H N N 347 
THR HXT  H N N 348 
TRP N    N N N 349 
TRP CA   C N S 350 
TRP C    C N N 351 
TRP O    O N N 352 
TRP CB   C N N 353 
TRP CG   C Y N 354 
TRP CD1  C Y N 355 
TRP CD2  C Y N 356 
TRP NE1  N Y N 357 
TRP CE2  C Y N 358 
TRP CE3  C Y N 359 
TRP CZ2  C Y N 360 
TRP CZ3  C Y N 361 
TRP CH2  C Y N 362 
TRP OXT  O N N 363 
TRP H    H N N 364 
TRP H2   H N N 365 
TRP HA   H N N 366 
TRP HB2  H N N 367 
TRP HB3  H N N 368 
TRP HD1  H N N 369 
TRP HE1  H N N 370 
TRP HE3  H N N 371 
TRP HZ2  H N N 372 
TRP HZ3  H N N 373 
TRP HH2  H N N 374 
TRP HXT  H N N 375 
TYR N    N N N 376 
TYR CA   C N S 377 
TYR C    C N N 378 
TYR O    O N N 379 
TYR CB   C N N 380 
TYR CG   C Y N 381 
TYR CD1  C Y N 382 
TYR CD2  C Y N 383 
TYR CE1  C Y N 384 
TYR CE2  C Y N 385 
TYR CZ   C Y N 386 
TYR OH   O N N 387 
TYR OXT  O N N 388 
TYR H    H N N 389 
TYR H2   H N N 390 
TYR HA   H N N 391 
TYR HB2  H N N 392 
TYR HB3  H N N 393 
TYR HD1  H N N 394 
TYR HD2  H N N 395 
TYR HE1  H N N 396 
TYR HE2  H N N 397 
TYR HH   H N N 398 
TYR HXT  H N N 399 
VAL N    N N N 400 
VAL CA   C N S 401 
VAL C    C N N 402 
VAL O    O N N 403 
VAL CB   C N N 404 
VAL CG1  C N N 405 
VAL CG2  C N N 406 
VAL OXT  O N N 407 
VAL H    H N N 408 
VAL H2   H N N 409 
VAL HA   H N N 410 
VAL HB   H N N 411 
VAL HG11 H N N 412 
VAL HG12 H N N 413 
VAL HG13 H N N 414 
VAL HG21 H N N 415 
VAL HG22 H N N 416 
VAL HG23 H N N 417 
VAL HXT  H N N 418 
# 
loop_
_chem_comp_bond.comp_id 
_chem_comp_bond.atom_id_1 
_chem_comp_bond.atom_id_2 
_chem_comp_bond.value_order 
_chem_comp_bond.pdbx_aromatic_flag 
_chem_comp_bond.pdbx_stereo_config 
_chem_comp_bond.pdbx_ordinal 
AC6 C1  C2   doub Y N 1   
AC6 C1  C6   sing Y N 2   
AC6 C1  O1   sing N N 3   
AC6 C2  C3   sing Y N 4   
AC6 C2  H2   sing N N 5   
AC6 C3  C4   doub Y N 6   
AC6 C3  H3   sing N N 7   
AC6 C4  C5   sing Y N 8   
AC6 C4  C7   sing N N 9   
AC6 C5  C6   doub Y N 10  
AC6 C5  H5   sing N N 11  
AC6 C6  H6   sing N N 12  
AC6 O1  HO1  sing N N 13  
AC6 O2  C7   doub N N 14  
AC6 C7  C8   sing N N 15  
AC6 C8  H81  sing N N 16  
AC6 C8  H82  sing N N 17  
AC6 C8  H83  sing N N 18  
ALA N   CA   sing N N 19  
ALA N   H    sing N N 20  
ALA N   H2   sing N N 21  
ALA CA  C    sing N N 22  
ALA CA  CB   sing N N 23  
ALA CA  HA   sing N N 24  
ALA C   O    doub N N 25  
ALA C   OXT  sing N N 26  
ALA CB  HB1  sing N N 27  
ALA CB  HB2  sing N N 28  
ALA CB  HB3  sing N N 29  
ALA OXT HXT  sing N N 30  
ARG N   CA   sing N N 31  
ARG N   H    sing N N 32  
ARG N   H2   sing N N 33  
ARG CA  C    sing N N 34  
ARG CA  CB   sing N N 35  
ARG CA  HA   sing N N 36  
ARG C   O    doub N N 37  
ARG C   OXT  sing N N 38  
ARG CB  CG   sing N N 39  
ARG CB  HB2  sing N N 40  
ARG CB  HB3  sing N N 41  
ARG CG  CD   sing N N 42  
ARG CG  HG2  sing N N 43  
ARG CG  HG3  sing N N 44  
ARG CD  NE   sing N N 45  
ARG CD  HD2  sing N N 46  
ARG CD  HD3  sing N N 47  
ARG NE  CZ   sing N N 48  
ARG NE  HE   sing N N 49  
ARG CZ  NH1  sing N N 50  
ARG CZ  NH2  doub N N 51  
ARG NH1 HH11 sing N N 52  
ARG NH1 HH12 sing N N 53  
ARG NH2 HH21 sing N N 54  
ARG NH2 HH22 sing N N 55  
ARG OXT HXT  sing N N 56  
ASN N   CA   sing N N 57  
ASN N   H    sing N N 58  
ASN N   H2   sing N N 59  
ASN CA  C    sing N N 60  
ASN CA  CB   sing N N 61  
ASN CA  HA   sing N N 62  
ASN C   O    doub N N 63  
ASN C   OXT  sing N N 64  
ASN CB  CG   sing N N 65  
ASN CB  HB2  sing N N 66  
ASN CB  HB3  sing N N 67  
ASN CG  OD1  doub N N 68  
ASN CG  ND2  sing N N 69  
ASN ND2 HD21 sing N N 70  
ASN ND2 HD22 sing N N 71  
ASN OXT HXT  sing N N 72  
ASP N   CA   sing N N 73  
ASP N   H    sing N N 74  
ASP N   H2   sing N N 75  
ASP CA  C    sing N N 76  
ASP CA  CB   sing N N 77  
ASP CA  HA   sing N N 78  
ASP C   O    doub N N 79  
ASP C   OXT  sing N N 80  
ASP CB  CG   sing N N 81  
ASP CB  HB2  sing N N 82  
ASP CB  HB3  sing N N 83  
ASP CG  OD1  doub N N 84  
ASP CG  OD2  sing N N 85  
ASP OD2 HD2  sing N N 86  
ASP OXT HXT  sing N N 87  
CYS N   CA   sing N N 88  
CYS N   H    sing N N 89  
CYS N   H2   sing N N 90  
CYS CA  C    sing N N 91  
CYS CA  CB   sing N N 92  
CYS CA  HA   sing N N 93  
CYS C   O    doub N N 94  
CYS C   OXT  sing N N 95  
CYS CB  SG   sing N N 96  
CYS CB  HB2  sing N N 97  
CYS CB  HB3  sing N N 98  
CYS SG  HG   sing N N 99  
CYS OXT HXT  sing N N 100 
EDO C1  O1   sing N N 101 
EDO C1  C2   sing N N 102 
EDO C1  H11  sing N N 103 
EDO C1  H12  sing N N 104 
EDO O1  HO1  sing N N 105 
EDO C2  O2   sing N N 106 
EDO C2  H21  sing N N 107 
EDO C2  H22  sing N N 108 
EDO O2  HO2  sing N N 109 
GLN N   CA   sing N N 110 
GLN N   H    sing N N 111 
GLN N   H2   sing N N 112 
GLN CA  C    sing N N 113 
GLN CA  CB   sing N N 114 
GLN CA  HA   sing N N 115 
GLN C   O    doub N N 116 
GLN C   OXT  sing N N 117 
GLN CB  CG   sing N N 118 
GLN CB  HB2  sing N N 119 
GLN CB  HB3  sing N N 120 
GLN CG  CD   sing N N 121 
GLN CG  HG2  sing N N 122 
GLN CG  HG3  sing N N 123 
GLN CD  OE1  doub N N 124 
GLN CD  NE2  sing N N 125 
GLN NE2 HE21 sing N N 126 
GLN NE2 HE22 sing N N 127 
GLN OXT HXT  sing N N 128 
GLU N   CA   sing N N 129 
GLU N   H    sing N N 130 
GLU N   H2   sing N N 131 
GLU CA  C    sing N N 132 
GLU CA  CB   sing N N 133 
GLU CA  HA   sing N N 134 
GLU C   O    doub N N 135 
GLU C   OXT  sing N N 136 
GLU CB  CG   sing N N 137 
GLU CB  HB2  sing N N 138 
GLU CB  HB3  sing N N 139 
GLU CG  CD   sing N N 140 
GLU CG  HG2  sing N N 141 
GLU CG  HG3  sing N N 142 
GLU CD  OE1  doub N N 143 
GLU CD  OE2  sing N N 144 
GLU OE2 HE2  sing N N 145 
GLU OXT HXT  sing N N 146 
GLY N   CA   sing N N 147 
GLY N   H    sing N N 148 
GLY N   H2   sing N N 149 
GLY CA  C    sing N N 150 
GLY CA  HA2  sing N N 151 
GLY CA  HA3  sing N N 152 
GLY C   O    doub N N 153 
GLY C   OXT  sing N N 154 
GLY OXT HXT  sing N N 155 
HIS N   CA   sing N N 156 
HIS N   H    sing N N 157 
HIS N   H2   sing N N 158 
HIS CA  C    sing N N 159 
HIS CA  CB   sing N N 160 
HIS CA  HA   sing N N 161 
HIS C   O    doub N N 162 
HIS C   OXT  sing N N 163 
HIS CB  CG   sing N N 164 
HIS CB  HB2  sing N N 165 
HIS CB  HB3  sing N N 166 
HIS CG  ND1  sing Y N 167 
HIS CG  CD2  doub Y N 168 
HIS ND1 CE1  doub Y N 169 
HIS ND1 HD1  sing N N 170 
HIS CD2 NE2  sing Y N 171 
HIS CD2 HD2  sing N N 172 
HIS CE1 NE2  sing Y N 173 
HIS CE1 HE1  sing N N 174 
HIS NE2 HE2  sing N N 175 
HIS OXT HXT  sing N N 176 
HOH O   H1   sing N N 177 
HOH O   H2   sing N N 178 
ILE N   CA   sing N N 179 
ILE N   H    sing N N 180 
ILE N   H2   sing N N 181 
ILE CA  C    sing N N 182 
ILE CA  CB   sing N N 183 
ILE CA  HA   sing N N 184 
ILE C   O    doub N N 185 
ILE C   OXT  sing N N 186 
ILE CB  CG1  sing N N 187 
ILE CB  CG2  sing N N 188 
ILE CB  HB   sing N N 189 
ILE CG1 CD1  sing N N 190 
ILE CG1 HG12 sing N N 191 
ILE CG1 HG13 sing N N 192 
ILE CG2 HG21 sing N N 193 
ILE CG2 HG22 sing N N 194 
ILE CG2 HG23 sing N N 195 
ILE CD1 HD11 sing N N 196 
ILE CD1 HD12 sing N N 197 
ILE CD1 HD13 sing N N 198 
ILE OXT HXT  sing N N 199 
LEU N   CA   sing N N 200 
LEU N   H    sing N N 201 
LEU N   H2   sing N N 202 
LEU CA  C    sing N N 203 
LEU CA  CB   sing N N 204 
LEU CA  HA   sing N N 205 
LEU C   O    doub N N 206 
LEU C   OXT  sing N N 207 
LEU CB  CG   sing N N 208 
LEU CB  HB2  sing N N 209 
LEU CB  HB3  sing N N 210 
LEU CG  CD1  sing N N 211 
LEU CG  CD2  sing N N 212 
LEU CG  HG   sing N N 213 
LEU CD1 HD11 sing N N 214 
LEU CD1 HD12 sing N N 215 
LEU CD1 HD13 sing N N 216 
LEU CD2 HD21 sing N N 217 
LEU CD2 HD22 sing N N 218 
LEU CD2 HD23 sing N N 219 
LEU OXT HXT  sing N N 220 
LYS N   CA   sing N N 221 
LYS N   H    sing N N 222 
LYS N   H2   sing N N 223 
LYS CA  C    sing N N 224 
LYS CA  CB   sing N N 225 
LYS CA  HA   sing N N 226 
LYS C   O    doub N N 227 
LYS C   OXT  sing N N 228 
LYS CB  CG   sing N N 229 
LYS CB  HB2  sing N N 230 
LYS CB  HB3  sing N N 231 
LYS CG  CD   sing N N 232 
LYS CG  HG2  sing N N 233 
LYS CG  HG3  sing N N 234 
LYS CD  CE   sing N N 235 
LYS CD  HD2  sing N N 236 
LYS CD  HD3  sing N N 237 
LYS CE  NZ   sing N N 238 
LYS CE  HE2  sing N N 239 
LYS CE  HE3  sing N N 240 
LYS NZ  HZ1  sing N N 241 
LYS NZ  HZ2  sing N N 242 
LYS NZ  HZ3  sing N N 243 
LYS OXT HXT  sing N N 244 
MET N   CA   sing N N 245 
MET N   H    sing N N 246 
MET N   H2   sing N N 247 
MET CA  C    sing N N 248 
MET CA  CB   sing N N 249 
MET CA  HA   sing N N 250 
MET C   O    doub N N 251 
MET C   OXT  sing N N 252 
MET CB  CG   sing N N 253 
MET CB  HB2  sing N N 254 
MET CB  HB3  sing N N 255 
MET CG  SD   sing N N 256 
MET CG  HG2  sing N N 257 
MET CG  HG3  sing N N 258 
MET SD  CE   sing N N 259 
MET CE  HE1  sing N N 260 
MET CE  HE2  sing N N 261 
MET CE  HE3  sing N N 262 
MET OXT HXT  sing N N 263 
PHE N   CA   sing N N 264 
PHE N   H    sing N N 265 
PHE N   H2   sing N N 266 
PHE CA  C    sing N N 267 
PHE CA  CB   sing N N 268 
PHE CA  HA   sing N N 269 
PHE C   O    doub N N 270 
PHE C   OXT  sing N N 271 
PHE CB  CG   sing N N 272 
PHE CB  HB2  sing N N 273 
PHE CB  HB3  sing N N 274 
PHE CG  CD1  doub Y N 275 
PHE CG  CD2  sing Y N 276 
PHE CD1 CE1  sing Y N 277 
PHE CD1 HD1  sing N N 278 
PHE CD2 CE2  doub Y N 279 
PHE CD2 HD2  sing N N 280 
PHE CE1 CZ   doub Y N 281 
PHE CE1 HE1  sing N N 282 
PHE CE2 CZ   sing Y N 283 
PHE CE2 HE2  sing N N 284 
PHE CZ  HZ   sing N N 285 
PHE OXT HXT  sing N N 286 
PRO N   CA   sing N N 287 
PRO N   CD   sing N N 288 
PRO N   H    sing N N 289 
PRO CA  C    sing N N 290 
PRO CA  CB   sing N N 291 
PRO CA  HA   sing N N 292 
PRO C   O    doub N N 293 
PRO C   OXT  sing N N 294 
PRO CB  CG   sing N N 295 
PRO CB  HB2  sing N N 296 
PRO CB  HB3  sing N N 297 
PRO CG  CD   sing N N 298 
PRO CG  HG2  sing N N 299 
PRO CG  HG3  sing N N 300 
PRO CD  HD2  sing N N 301 
PRO CD  HD3  sing N N 302 
PRO OXT HXT  sing N N 303 
SER N   CA   sing N N 304 
SER N   H    sing N N 305 
SER N   H2   sing N N 306 
SER CA  C    sing N N 307 
SER CA  CB   sing N N 308 
SER CA  HA   sing N N 309 
SER C   O    doub N N 310 
SER C   OXT  sing N N 311 
SER CB  OG   sing N N 312 
SER CB  HB2  sing N N 313 
SER CB  HB3  sing N N 314 
SER OG  HG   sing N N 315 
SER OXT HXT  sing N N 316 
THR N   CA   sing N N 317 
THR N   H    sing N N 318 
THR N   H2   sing N N 319 
THR CA  C    sing N N 320 
THR CA  CB   sing N N 321 
THR CA  HA   sing N N 322 
THR C   O    doub N N 323 
THR C   OXT  sing N N 324 
THR CB  OG1  sing N N 325 
THR CB  CG2  sing N N 326 
THR CB  HB   sing N N 327 
THR OG1 HG1  sing N N 328 
THR CG2 HG21 sing N N 329 
THR CG2 HG22 sing N N 330 
THR CG2 HG23 sing N N 331 
THR OXT HXT  sing N N 332 
TRP N   CA   sing N N 333 
TRP N   H    sing N N 334 
TRP N   H2   sing N N 335 
TRP CA  C    sing N N 336 
TRP CA  CB   sing N N 337 
TRP CA  HA   sing N N 338 
TRP C   O    doub N N 339 
TRP C   OXT  sing N N 340 
TRP CB  CG   sing N N 341 
TRP CB  HB2  sing N N 342 
TRP CB  HB3  sing N N 343 
TRP CG  CD1  doub Y N 344 
TRP CG  CD2  sing Y N 345 
TRP CD1 NE1  sing Y N 346 
TRP CD1 HD1  sing N N 347 
TRP CD2 CE2  doub Y N 348 
TRP CD2 CE3  sing Y N 349 
TRP NE1 CE2  sing Y N 350 
TRP NE1 HE1  sing N N 351 
TRP CE2 CZ2  sing Y N 352 
TRP CE3 CZ3  doub Y N 353 
TRP CE3 HE3  sing N N 354 
TRP CZ2 CH2  doub Y N 355 
TRP CZ2 HZ2  sing N N 356 
TRP CZ3 CH2  sing Y N 357 
TRP CZ3 HZ3  sing N N 358 
TRP CH2 HH2  sing N N 359 
TRP OXT HXT  sing N N 360 
TYR N   CA   sing N N 361 
TYR N   H    sing N N 362 
TYR N   H2   sing N N 363 
TYR CA  C    sing N N 364 
TYR CA  CB   sing N N 365 
TYR CA  HA   sing N N 366 
TYR C   O    doub N N 367 
TYR C   OXT  sing N N 368 
TYR CB  CG   sing N N 369 
TYR CB  HB2  sing N N 370 
TYR CB  HB3  sing N N 371 
TYR CG  CD1  doub Y N 372 
TYR CG  CD2  sing Y N 373 
TYR CD1 CE1  sing Y N 374 
TYR CD1 HD1  sing N N 375 
TYR CD2 CE2  doub Y N 376 
TYR CD2 HD2  sing N N 377 
TYR CE1 CZ   doub Y N 378 
TYR CE1 HE1  sing N N 379 
TYR CE2 CZ   sing Y N 380 
TYR CE2 HE2  sing N N 381 
TYR CZ  OH   sing N N 382 
TYR OH  HH   sing N N 383 
TYR OXT HXT  sing N N 384 
VAL N   CA   sing N N 385 
VAL N   H    sing N N 386 
VAL N   H2   sing N N 387 
VAL CA  C    sing N N 388 
VAL CA  CB   sing N N 389 
VAL CA  HA   sing N N 390 
VAL C   O    doub N N 391 
VAL C   OXT  sing N N 392 
VAL CB  CG1  sing N N 393 
VAL CB  CG2  sing N N 394 
VAL CB  HB   sing N N 395 
VAL CG1 HG11 sing N N 396 
VAL CG1 HG12 sing N N 397 
VAL CG1 HG13 sing N N 398 
VAL CG2 HG21 sing N N 399 
VAL CG2 HG22 sing N N 400 
VAL CG2 HG23 sing N N 401 
VAL OXT HXT  sing N N 402 
# 
_pdbx_deposit_group.group_id            G_1002018 
_pdbx_deposit_group.group_description   
;bromodomain of human BAZ2B screened against the ZENOBIA Fragment Library by X-ray Crystallography at the XChem
facility of Diamond Light Source beamline I04-1. Check out the PanDDA event maps at
https://zenodo.org/record/290199/files/0_index.html
;
_pdbx_deposit_group.group_title         'PanDDA analysis group deposition of models with modelled events (e.g. bound ligands)' 
_pdbx_deposit_group.group_type          'changed state' 
# 
_atom_sites.entry_id                    5PB8 
_atom_sites.fract_transf_matrix[1][1]   -0.01189069 
_atom_sites.fract_transf_matrix[1][2]   0.00268262 
_atom_sites.fract_transf_matrix[1][3]   -0.00100618 
_atom_sites.fract_transf_matrix[2][1]   0.00035477 
_atom_sites.fract_transf_matrix[2][2]   -0.00219431 
_atom_sites.fract_transf_matrix[2][3]   -0.01004295 
_atom_sites.fract_transf_matrix[3][1]   -0.00398471 
_atom_sites.fract_transf_matrix[3][2]   -0.01637323 
_atom_sites.fract_transf_matrix[3][3]   0.00343667 
_atom_sites.fract_transf_vector[1]      0.289488 
_atom_sites.fract_transf_vector[2]      0.287414 
_atom_sites.fract_transf_vector[3]      0.467582 
# 
loop_
_atom_type.symbol 
C 
N 
O 
S 
# 
loop_
_atom_site.group_PDB 
_atom_site.id 
_atom_site.type_symbol 
_atom_site.label_atom_id 
_atom_site.label_alt_id 
_atom_site.label_comp_id 
_atom_site.label_asym_id 
_atom_site.label_entity_id 
_atom_site.label_seq_id 
_atom_site.pdbx_PDB_ins_code 
_atom_site.Cartn_x 
_atom_site.Cartn_y 
_atom_site.Cartn_z 
_atom_site.occupancy 
_atom_site.B_iso_or_equiv 
_atom_site.pdbx_formal_charge 
_atom_site.auth_seq_id 
_atom_site.auth_comp_id 
_atom_site.auth_asym_id 
_atom_site.auth_atom_id 
_atom_site.pdbx_PDB_model_num 
ATOM   1    N N   . SER A 1 22  ? -25.113 17.844  4.325   1.00 26.43 ? 1856 SER A N   1 
ATOM   2    C CA  . SER A 1 22  ? -25.255 18.962  3.393   1.00 30.16 ? 1856 SER A CA  1 
ATOM   3    C C   . SER A 1 22  ? -24.963 20.262  4.130   1.00 31.99 ? 1856 SER A C   1 
ATOM   4    O O   . SER A 1 22  ? -24.535 20.225  5.282   1.00 28.79 ? 1856 SER A O   1 
ATOM   5    C CB  . SER A 1 22  ? -26.655 18.983  2.782   1.00 22.38 ? 1856 SER A CB  1 
ATOM   6    O OG  . SER A 1 22  ? -27.621 19.227  3.794   1.00 23.44 ? 1856 SER A OG  1 
ATOM   7    N N   . MET A 1 23  ? -25.195 21.402  3.476   1.00 28.65 ? 1857 MET A N   1 
ATOM   8    C CA  . MET A 1 23  ? -24.805 22.699  4.029   1.00 25.38 ? 1857 MET A CA  1 
ATOM   9    C C   . MET A 1 23  ? -25.306 22.893  5.453   1.00 26.77 ? 1857 MET A C   1 
ATOM   10   O O   . MET A 1 23  ? -26.511 22.835  5.711   1.00 25.59 ? 1857 MET A O   1 
ATOM   11   C CB  . MET A 1 23  ? -25.314 23.841  3.134   1.00 26.03 ? 1857 MET A CB  1 
ATOM   12   C CG  . MET A 1 23  ? -24.519 25.119  3.285   1.00 24.78 ? 1857 MET A CG  1 
ATOM   13   S SD  . MET A 1 23  ? -25.307 26.551  2.500   1.00 26.42 ? 1857 MET A SD  1 
ATOM   14   C CE  . MET A 1 23  ? -25.671 25.933  0.858   1.00 27.01 ? 1857 MET A CE  1 
ATOM   15   N N   . SER A 1 24  ? -24.367 23.071  6.389   1.00 30.78 ? 1858 SER A N   1 
ATOM   16   C CA  . SER A 1 24  ? -24.684 23.311  7.807   1.00 24.61 ? 1858 SER A CA  1 
ATOM   17   C C   . SER A 1 24  ? -25.388 22.117  8.476   1.00 33.25 ? 1858 SER A C   1 
ATOM   18   O O   . SER A 1 24  ? -26.075 22.276  9.490   1.00 38.84 ? 1858 SER A O   1 
ATOM   19   C CB  . SER A 1 24  ? -25.546 24.573  7.972   1.00 29.94 ? 1858 SER A CB  1 
ATOM   20   O OG  . SER A 1 24  ? -24.925 25.712  7.392   1.00 26.92 ? 1858 SER A OG  1 
ATOM   21   N N   . VAL A 1 25  ? -25.234 20.931  7.890   1.00 30.19 ? 1859 VAL A N   1 
ATOM   22   C CA  . VAL A 1 25  ? -25.769 19.691  8.466   1.00 33.94 ? 1859 VAL A CA  1 
ATOM   23   C C   . VAL A 1 25  ? -24.641 18.678  8.489   1.00 35.91 ? 1859 VAL A C   1 
ATOM   24   O O   . VAL A 1 25  ? -24.383 18.009  7.483   1.00 36.29 ? 1859 VAL A O   1 
ATOM   25   C CB  . VAL A 1 25  ? -26.965 19.112  7.658   1.00 30.86 ? 1859 VAL A CB  1 
ATOM   26   C CG1 . VAL A 1 25  ? -27.434 17.767  8.258   1.00 30.74 ? 1859 VAL A CG1 1 
ATOM   27   C CG2 . VAL A 1 25  ? -28.109 20.094  7.604   1.00 28.42 ? 1859 VAL A CG2 1 
ATOM   28   N N   . LYS A 1 26  ? -23.957 18.578  9.627   1.00 37.47 ? 1860 LYS A N   1 
ATOM   29   C CA  . LYS A 1 26  ? -22.752 17.757  9.711   1.00 43.36 ? 1860 LYS A CA  1 
ATOM   30   C C   . LYS A 1 26  ? -22.983 16.393  10.340  1.00 34.20 ? 1860 LYS A C   1 
ATOM   31   O O   . LYS A 1 26  ? -23.627 16.278  11.377  1.00 33.21 ? 1860 LYS A O   1 
ATOM   32   C CB  . LYS A 1 26  ? -21.661 18.496  10.495  1.00 44.92 ? 1860 LYS A CB  1 
ATOM   33   C CG  . LYS A 1 26  ? -22.087 19.016  11.860  1.00 52.09 ? 1860 LYS A CG  1 
ATOM   34   C CD  . LYS A 1 26  ? -20.914 19.673  12.590  1.00 62.69 ? 1860 LYS A CD  1 
ATOM   35   C CE  . LYS A 1 26  ? -21.391 20.645  13.668  1.00 64.90 ? 1860 LYS A CE  1 
ATOM   36   N NZ  . LYS A 1 26  ? -22.191 19.972  14.733  1.00 55.55 ? 1860 LYS A NZ  1 
ATOM   37   N N   . LYS A 1 27  ? -22.449 15.366  9.691   1.00 40.88 ? 1861 LYS A N   1 
ATOM   38   C CA  . LYS A 1 27  ? -22.433 14.032  10.255  1.00 39.38 ? 1861 LYS A CA  1 
ATOM   39   C C   . LYS A 1 27  ? -21.321 13.916  11.291  1.00 38.70 ? 1861 LYS A C   1 
ATOM   40   O O   . LYS A 1 27  ? -20.299 14.595  11.181  1.00 40.99 ? 1861 LYS A O   1 
ATOM   41   C CB  . LYS A 1 27  ? -22.260 12.983  9.145   1.00 43.86 ? 1861 LYS A CB  1 
ATOM   42   C CG  . LYS A 1 27  ? -21.781 13.547  7.827   1.00 56.32 ? 1861 LYS A CG  1 
ATOM   43   C CD  . LYS A 1 27  ? -21.185 12.428  6.987   1.00 65.92 ? 1861 LYS A CD  1 
ATOM   44   C CE  . LYS A 1 27  ? -22.196 11.304  6.807   1.00 58.65 ? 1861 LYS A CE  1 
ATOM   45   N NZ  . LYS A 1 27  ? -21.689 10.155  5.992   1.00 59.35 ? 1861 LYS A NZ  1 
ATOM   46   N N   A PRO A 1 28  ? -21.525 13.056  12.295  0.69 40.99 ? 1862 PRO A N   1 
ATOM   47   N N   B PRO A 1 28  ? -21.527 13.071  12.320  0.31 41.01 ? 1862 PRO A N   1 
ATOM   48   C CA  A PRO A 1 28  ? -20.407 12.703  13.168  0.69 44.10 ? 1862 PRO A CA  1 
ATOM   49   C CA  B PRO A 1 28  ? -20.594 12.926  13.448  0.31 42.95 ? 1862 PRO A CA  1 
ATOM   50   C C   A PRO A 1 28  ? -19.311 12.036  12.339  0.69 42.11 ? 1862 PRO A C   1 
ATOM   51   C C   B PRO A 1 28  ? -19.133 12.711  13.035  0.31 42.70 ? 1862 PRO A C   1 
ATOM   52   O O   A PRO A 1 28  ? -19.616 11.291  11.403  0.69 37.68 ? 1862 PRO A O   1 
ATOM   53   O O   B PRO A 1 28  ? -18.864 12.048  12.035  0.31 41.90 ? 1862 PRO A O   1 
ATOM   54   C CB  A PRO A 1 28  ? -21.031 11.732  14.171  0.69 44.05 ? 1862 PRO A CB  1 
ATOM   55   C CB  B PRO A 1 28  ? -21.135 11.699  14.178  0.31 44.01 ? 1862 PRO A CB  1 
ATOM   56   C CG  A PRO A 1 28  ? -22.503 12.062  14.146  0.69 43.38 ? 1862 PRO A CG  1 
ATOM   57   C CG  B PRO A 1 28  ? -22.602 11.743  13.909  0.31 43.25 ? 1862 PRO A CG  1 
ATOM   58   C CD  A PRO A 1 28  ? -22.787 12.427  12.725  0.69 41.56 ? 1862 PRO A CD  1 
ATOM   59   C CD  B PRO A 1 28  ? -22.736 12.243  12.501  0.31 41.32 ? 1862 PRO A CD  1 
ATOM   60   N N   A LYS A 1 29  ? -18.057 12.330  12.662  0.69 39.72 ? 1863 LYS A N   1 
ATOM   61   N N   B LYS A 1 29  ? -18.208 13.266  13.813  0.31 40.57 ? 1863 LYS A N   1 
ATOM   62   C CA  A LYS A 1 29  ? -16.924 11.793  11.913  0.69 41.15 ? 1863 LYS A CA  1 
ATOM   63   C CA  B LYS A 1 29  ? -16.793 13.265  13.450  0.31 45.19 ? 1863 LYS A CA  1 
ATOM   64   C C   A LYS A 1 29  ? -15.958 11.092  12.855  0.69 40.31 ? 1863 LYS A C   1 
ATOM   65   C C   B LYS A 1 29  ? -16.021 12.061  13.991  0.31 40.65 ? 1863 LYS A C   1 
ATOM   66   O O   A LYS A 1 29  ? -15.838 11.472  14.021  0.69 40.15 ? 1863 LYS A O   1 
ATOM   67   O O   B LYS A 1 29  ? -15.856 11.913  15.203  0.31 42.07 ? 1863 LYS A O   1 
ATOM   68   C CB  A LYS A 1 29  ? -16.201 12.907  11.150  0.69 41.46 ? 1863 LYS A CB  1 
ATOM   69   C CB  B LYS A 1 29  ? -16.129 14.554  13.938  0.31 45.63 ? 1863 LYS A CB  1 
ATOM   70   N N   A ARG A 1 30  ? -15.272 10.071  12.352  0.69 40.54 ? 1864 ARG A N   1 
ATOM   71   N N   B ARG A 1 30  ? -15.554 11.204  13.085  0.31 41.05 ? 1864 ARG A N   1 
ATOM   72   C CA  A ARG A 1 30  ? -14.279 9.359   13.156  0.69 38.87 ? 1864 ARG A CA  1 
ATOM   73   C CA  B ARG A 1 30  ? -14.640 10.120  13.438  0.31 42.19 ? 1864 ARG A CA  1 
ATOM   74   C C   A ARG A 1 30  ? -13.084 10.252  13.490  0.69 39.67 ? 1864 ARG A C   1 
ATOM   75   C C   B ARG A 1 30  ? -13.287 10.718  13.801  0.31 40.87 ? 1864 ARG A C   1 
ATOM   76   O O   A ARG A 1 30  ? -12.690 11.100  12.688  0.69 35.54 ? 1864 ARG A O   1 
ATOM   77   O O   B ARG A 1 30  ? -12.910 11.767  13.271  0.31 37.44 ? 1864 ARG A O   1 
ATOM   78   C CB  A ARG A 1 30  ? -13.810 8.090   12.436  0.69 36.68 ? 1864 ARG A CB  1 
ATOM   79   C CB  B ARG A 1 30  ? -14.494 9.122   12.282  0.31 41.41 ? 1864 ARG A CB  1 
ATOM   80   C CG  A ARG A 1 30  ? -13.296 8.317   11.017  0.69 38.52 ? 1864 ARG A CG  1 
ATOM   81   C CG  B ARG A 1 30  ? -13.465 8.023   12.525  0.31 37.58 ? 1864 ARG A CG  1 
ATOM   82   C CD  A ARG A 1 30  ? -12.747 7.029   10.405  0.69 40.13 ? 1864 ARG A CD  1 
ATOM   83   C CD  B ARG A 1 30  ? -12.938 7.443   11.220  0.31 40.65 ? 1864 ARG A CD  1 
ATOM   84   N NE  A ARG A 1 30  ? -11.625 6.497   11.178  0.69 37.60 ? 1864 ARG A NE  1 
ATOM   85   N NE  B ARG A 1 30  ? -11.743 6.627   11.429  0.31 37.63 ? 1864 ARG A NE  1 
ATOM   86   C CZ  A ARG A 1 30  ? -10.359 6.887   11.031  0.69 34.18 ? 1864 ARG A CZ  1 
ATOM   87   C CZ  B ARG A 1 30  ? -10.503 7.034   11.166  0.31 34.76 ? 1864 ARG A CZ  1 
ATOM   88   N NH1 A ARG A 1 30  ? -10.046 7.808   10.126  0.69 28.29 ? 1864 ARG A NH1 1 
ATOM   89   N NH1 B ARG A 1 30  ? -10.287 8.251   10.682  0.31 33.64 ? 1864 ARG A NH1 1 
ATOM   90   N NH2 A ARG A 1 30  ? -9.407  6.354   11.787  0.69 31.86 ? 1864 ARG A NH2 1 
ATOM   91   N NH2 B ARG A 1 30  ? -9.476  6.226   11.387  0.31 32.13 ? 1864 ARG A NH2 1 
ATOM   92   N N   . ASP A 1 31  ? -12.550 10.070  14.697  1.00 38.76 ? 1865 ASP A N   1 
ATOM   93   C CA  . ASP A 1 31  ? -11.286 10.652  15.141  1.00 38.89 ? 1865 ASP A CA  1 
ATOM   94   C C   . ASP A 1 31  ? -10.144 10.203  14.222  1.00 33.96 ? 1865 ASP A C   1 
ATOM   95   O O   . ASP A 1 31  ? -9.784  9.025   14.219  1.00 33.58 ? 1865 ASP A O   1 
ATOM   96   C CB  . ASP A 1 31  ? -11.000 10.243  16.596  1.00 39.00 ? 1865 ASP A CB  1 
ATOM   97   C CG  . ASP A 1 31  ? -9.810  10.979  17.201  1.00 45.39 ? 1865 ASP A CG  1 
ATOM   98   O OD1 . ASP A 1 31  ? -9.042  11.629  16.456  1.00 40.82 ? 1865 ASP A OD1 1 
ATOM   99   O OD2 . ASP A 1 31  ? -9.632  10.896  18.435  1.00 53.55 ? 1865 ASP A OD2 1 
ATOM   100  N N   . ASP A 1 32  ? -9.585  11.136  13.448  1.00 33.81 ? 1866 ASP A N   1 
ATOM   101  C CA  . ASP A 1 32  ? -8.518  10.802  12.500  1.00 36.62 ? 1866 ASP A CA  1 
ATOM   102  C C   . ASP A 1 32  ? -7.122  11.264  12.956  1.00 31.67 ? 1866 ASP A C   1 
ATOM   103  O O   . ASP A 1 32  ? -6.158  11.220  12.182  1.00 31.28 ? 1866 ASP A O   1 
ATOM   104  C CB  . ASP A 1 32  ? -8.841  11.394  11.118  1.00 29.93 ? 1866 ASP A CB  1 
ATOM   105  C CG  . ASP A 1 32  ? -8.866  12.916  11.118  1.00 39.56 ? 1866 ASP A CG  1 
ATOM   106  O OD1 . ASP A 1 32  ? -8.930  13.526  12.207  1.00 39.32 ? 1866 ASP A OD1 1 
ATOM   107  O OD2 . ASP A 1 32  ? -8.835  13.508  10.017  1.00 42.61 ? 1866 ASP A OD2 1 
ATOM   108  N N   . SER A 1 33  ? -7.008  11.684  14.213  1.00 29.41 ? 1867 SER A N   1 
ATOM   109  C CA  . SER A 1 33  ? -5.786  12.324  14.702  1.00 34.48 ? 1867 SER A CA  1 
ATOM   110  C C   . SER A 1 33  ? -4.589  11.372  14.757  1.00 30.88 ? 1867 SER A C   1 
ATOM   111  O O   . SER A 1 33  ? -3.436  11.804  14.695  1.00 32.29 ? 1867 SER A O   1 
ATOM   112  C CB  . SER A 1 33  ? -6.024  12.934  16.089  1.00 34.66 ? 1867 SER A CB  1 
ATOM   113  O OG  . SER A 1 33  ? -6.317  11.938  17.054  1.00 37.33 ? 1867 SER A OG  1 
ATOM   114  N N   . LYS A 1 34  ? -4.863  10.078  14.853  1.00 29.98 ? 1868 LYS A N   1 
ATOM   115  C CA  . LYS A 1 34  ? -3.792  9.092   14.943  1.00 27.86 ? 1868 LYS A CA  1 
ATOM   116  C C   . LYS A 1 34  ? -3.516  8.401   13.613  1.00 29.62 ? 1868 LYS A C   1 
ATOM   117  O O   . LYS A 1 34  ? -2.676  7.509   13.559  1.00 23.16 ? 1868 LYS A O   1 
ATOM   118  C CB  . LYS A 1 34  ? -4.128  8.032   15.994  1.00 31.77 ? 1868 LYS A CB  1 
ATOM   119  C CG  . LYS A 1 34  ? -4.231  8.578   17.419  1.00 39.11 ? 1868 LYS A CG  1 
ATOM   120  C CD  . LYS A 1 34  ? -4.740  7.508   18.368  1.00 50.49 ? 1868 LYS A CD  1 
ATOM   121  N N   . ASP A 1 35  ? -4.221  8.793   12.553  1.00 21.34 ? 1869 ASP A N   1 
ATOM   122  C CA  . ASP A 1 35  ? -4.143  8.055   11.283  1.00 21.94 ? 1869 ASP A CA  1 
ATOM   123  C C   . ASP A 1 35  ? -2.734  8.022   10.684  1.00 24.32 ? 1869 ASP A C   1 
ATOM   124  O O   . ASP A 1 35  ? -2.284  6.981   10.194  1.00 25.07 ? 1869 ASP A O   1 
ATOM   125  C CB  . ASP A 1 35  ? -5.113  8.647   10.259  1.00 25.17 ? 1869 ASP A CB  1 
ATOM   126  C CG  . ASP A 1 35  ? -6.557  8.312   10.565  1.00 28.37 ? 1869 ASP A CG  1 
ATOM   127  O OD1 . ASP A 1 35  ? -6.804  7.580   11.550  1.00 27.02 ? 1869 ASP A OD1 1 
ATOM   128  O OD2 . ASP A 1 35  ? -7.440  8.771   9.810   1.00 27.74 ? 1869 ASP A OD2 1 
ATOM   129  N N   . LEU A 1 36  ? -2.056  9.164   10.710  1.00 23.41 ? 1870 LEU A N   1 
ATOM   130  C CA  . LEU A 1 36  ? -0.696  9.258   10.168  1.00 23.92 ? 1870 LEU A CA  1 
ATOM   131  C C   . LEU A 1 36  ? 0.265   8.278   10.856  1.00 25.67 ? 1870 LEU A C   1 
ATOM   132  O O   . LEU A 1 36  ? 0.960   7.512   10.187  1.00 26.31 ? 1870 LEU A O   1 
ATOM   133  C CB  . LEU A 1 36  ? -0.171  10.692  10.300  1.00 24.87 ? 1870 LEU A CB  1 
ATOM   134  C CG  . LEU A 1 36  ? 1.248   10.962  9.800   1.00 29.09 ? 1870 LEU A CG  1 
ATOM   135  C CD1 . LEU A 1 36  ? 1.374   10.655  8.306   1.00 22.56 ? 1870 LEU A CD1 1 
ATOM   136  C CD2 . LEU A 1 36  ? 1.626   12.420  10.090  1.00 26.77 ? 1870 LEU A CD2 1 
ATOM   137  N N   . ALA A 1 37  ? 0.279   8.278   12.185  1.00 25.69 ? 1871 ALA A N   1 
ATOM   138  C CA  . ALA A 1 37  ? 1.131   7.366   12.945  1.00 22.98 ? 1871 ALA A CA  1 
ATOM   139  C C   . ALA A 1 37  ? 0.773   5.897   12.735  1.00 23.13 ? 1871 ALA A C   1 
ATOM   140  O O   . ALA A 1 37  ? 1.661   5.045   12.655  1.00 27.84 ? 1871 ALA A O   1 
ATOM   141  C CB  . ALA A 1 37  ? 1.063   7.703   14.440  1.00 24.23 ? 1871 ALA A CB  1 
ATOM   142  N N   . LEU A 1 38  ? -0.523  5.593   12.674  1.00 23.08 ? 1872 LEU A N   1 
ATOM   143  C CA  . LEU A 1 38  ? -0.956  4.210   12.461  1.00 24.80 ? 1872 LEU A CA  1 
ATOM   144  C C   . LEU A 1 38  ? -0.571  3.703   11.058  1.00 22.97 ? 1872 LEU A C   1 
ATOM   145  O O   . LEU A 1 38  ? -0.115  2.555   10.903  1.00 22.28 ? 1872 LEU A O   1 
ATOM   146  C CB  . LEU A 1 38  ? -2.467  4.087   12.693  1.00 24.78 ? 1872 LEU A CB  1 
ATOM   147  C CG  . LEU A 1 38  ? -2.843  4.240   14.175  1.00 25.83 ? 1872 LEU A CG  1 
ATOM   148  C CD1 . LEU A 1 38  ? -4.350  4.363   14.349  1.00 27.20 ? 1872 LEU A CD1 1 
ATOM   149  C CD2 . LEU A 1 38  ? -2.307  3.048   14.959  1.00 25.48 ? 1872 LEU A CD2 1 
ATOM   150  N N   . CYS A 1 39  ? -0.745  4.544   10.040  1.00 21.21 ? 1873 CYS A N   1 
ATOM   151  C CA  . CYS A 1 39  ? -0.339  4.157   8.679   1.00 21.29 ? 1873 CYS A CA  1 
ATOM   152  C C   . CYS A 1 39  ? 1.177   3.941   8.600   1.00 23.99 ? 1873 CYS A C   1 
ATOM   153  O O   . CYS A 1 39  ? 1.642   3.012   7.936   1.00 21.81 ? 1873 CYS A O   1 
ATOM   154  C CB  . CYS A 1 39  ? -0.766  5.205   7.648   1.00 18.88 ? 1873 CYS A CB  1 
ATOM   155  S SG  . CYS A 1 39  ? -2.547  5.185   7.268   1.00 21.14 ? 1873 CYS A SG  1 
ATOM   156  N N   . SER A 1 40  ? 1.939   4.792   9.288   1.00 22.19 ? 1874 SER A N   1 
ATOM   157  C CA  . SER A 1 40  ? 3.392   4.620   9.351   1.00 19.95 ? 1874 SER A CA  1 
ATOM   158  C C   . SER A 1 40  ? 3.777   3.272   9.979   1.00 21.96 ? 1874 SER A C   1 
ATOM   159  O O   . SER A 1 40  ? 4.675   2.594   9.486   1.00 23.25 ? 1874 SER A O   1 
ATOM   160  C CB  . SER A 1 40  ? 4.042   5.771   10.136  1.00 24.54 ? 1874 SER A CB  1 
ATOM   161  O OG  . SER A 1 40  ? 5.462   5.653   10.118  1.00 25.06 ? 1874 SER A OG  1 
ATOM   162  N N   . MET A 1 41  ? 3.114   2.899   11.076  1.00 23.01 ? 1875 MET A N   1 
ATOM   163  C CA  A MET A 1 41  ? 3.380   1.619   11.736  0.68 20.67 ? 1875 MET A CA  1 
ATOM   164  C CA  B MET A 1 41  ? 3.347   1.616   11.745  0.32 20.84 ? 1875 MET A CA  1 
ATOM   165  C C   . MET A 1 41  ? 3.043   0.433   10.825  1.00 22.61 ? 1875 MET A C   1 
ATOM   166  O O   . MET A 1 41  ? 3.814   -0.527  10.737  1.00 26.15 ? 1875 MET A O   1 
ATOM   167  C CB  A MET A 1 41  ? 2.593   1.524   13.049  0.68 25.69 ? 1875 MET A CB  1 
ATOM   168  C CB  B MET A 1 41  ? 2.497   1.532   13.024  0.32 25.71 ? 1875 MET A CB  1 
ATOM   169  C CG  A MET A 1 41  ? 3.024   2.547   14.083  0.68 28.21 ? 1875 MET A CG  1 
ATOM   170  C CG  B MET A 1 41  ? 2.574   0.203   13.761  0.32 29.60 ? 1875 MET A CG  1 
ATOM   171  S SD  A MET A 1 41  ? 2.043   2.464   15.599  0.68 35.19 ? 1875 MET A SD  1 
ATOM   172  S SD  B MET A 1 41  ? 1.236   -0.934  13.331  0.32 37.05 ? 1875 MET A SD  1 
ATOM   173  C CE  A MET A 1 41  ? 2.364   0.774   16.089  0.68 31.49 ? 1875 MET A CE  1 
ATOM   174  C CE  B MET A 1 41  ? -0.179  -0.083  14.031  0.32 33.25 ? 1875 MET A CE  1 
ATOM   175  N N   . ILE A 1 42  ? 1.903   0.500   10.140  1.00 19.95 ? 1876 ILE A N   1 
ATOM   176  C CA  . ILE A 1 42  ? 1.547   -0.566  9.206   1.00 20.87 ? 1876 ILE A CA  1 
ATOM   177  C C   . ILE A 1 42  ? 2.581   -0.648  8.081   1.00 19.65 ? 1876 ILE A C   1 
ATOM   178  O O   . ILE A 1 42  ? 2.999   -1.746  7.679   1.00 21.42 ? 1876 ILE A O   1 
ATOM   179  C CB  . ILE A 1 42  ? 0.146   -0.362  8.604   1.00 22.25 ? 1876 ILE A CB  1 
ATOM   180  C CG1 . ILE A 1 42  ? -0.922  -0.442  9.699   1.00 23.69 ? 1876 ILE A CG1 1 
ATOM   181  C CG2 . ILE A 1 42  ? -0.126  -1.425  7.540   1.00 24.75 ? 1876 ILE A CG2 1 
ATOM   182  C CD1 . ILE A 1 42  ? -2.356  -0.203  9.175   1.00 20.51 ? 1876 ILE A CD1 1 
ATOM   183  N N   . LEU A 1 43  ? 3.000   0.504   7.571   1.00 18.58 ? 1877 LEU A N   1 
ATOM   184  C CA  . LEU A 1 43  ? 3.966   0.495   6.466   1.00 17.65 ? 1877 LEU A CA  1 
ATOM   185  C C   . LEU A 1 43  ? 5.304   -0.083  6.954   1.00 23.65 ? 1877 LEU A C   1 
ATOM   186  O O   . LEU A 1 43  ? 5.959   -0.809  6.213   1.00 19.72 ? 1877 LEU A O   1 
ATOM   187  C CB  . LEU A 1 43  ? 4.148   1.897   5.881   1.00 18.18 ? 1877 LEU A CB  1 
ATOM   188  C CG  . LEU A 1 43  ? 5.091   2.053   4.680   1.00 19.76 ? 1877 LEU A CG  1 
ATOM   189  C CD1 . LEU A 1 43  ? 4.664   1.199   3.477   1.00 21.57 ? 1877 LEU A CD1 1 
ATOM   190  C CD2 . LEU A 1 43  ? 5.159   3.541   4.294   1.00 20.92 ? 1877 LEU A CD2 1 
ATOM   191  N N   . THR A 1 44  ? 5.689   0.199   8.202   1.00 23.30 ? 1878 THR A N   1 
ATOM   192  C CA  . THR A 1 44  ? 6.906   -0.404  8.762   1.00 22.08 ? 1878 THR A CA  1 
ATOM   193  C C   . THR A 1 44  ? 6.789   -1.924  8.803   1.00 23.97 ? 1878 THR A C   1 
ATOM   194  O O   . THR A 1 44  ? 7.737   -2.642  8.461   1.00 22.61 ? 1878 THR A O   1 
ATOM   195  C CB  . THR A 1 44  ? 7.227   0.119   10.184  1.00 26.24 ? 1878 THR A CB  1 
ATOM   196  O OG1 . THR A 1 44  ? 7.556   1.509   10.111  1.00 23.55 ? 1878 THR A OG1 1 
ATOM   197  C CG2 . THR A 1 44  ? 8.431   -0.645  10.784  1.00 21.82 ? 1878 THR A CG2 1 
ATOM   198  N N   . GLU A 1 45  ? 5.623   -2.425  9.202   1.00 20.07 ? 1879 GLU A N   1 
ATOM   199  C CA  . GLU A 1 45  ? 5.416   -3.871  9.234   1.00 21.52 ? 1879 GLU A CA  1 
ATOM   200  C C   . GLU A 1 45  ? 5.532   -4.483  7.835   1.00 24.42 ? 1879 GLU A C   1 
ATOM   201  O O   . GLU A 1 45  ? 6.090   -5.572  7.670   1.00 23.59 ? 1879 GLU A O   1 
ATOM   202  C CB  . GLU A 1 45  ? 4.068   -4.196  9.871   1.00 25.26 ? 1879 GLU A CB  1 
ATOM   203  C CG  . GLU A 1 45  ? 4.037   -3.875  11.365  1.00 27.54 ? 1879 GLU A CG  1 
ATOM   204  C CD  . GLU A 1 45  ? 2.636   -3.948  11.959  1.00 42.54 ? 1879 GLU A CD  1 
ATOM   205  O OE1 . GLU A 1 45  ? 1.652   -3.778  11.207  1.00 45.10 ? 1879 GLU A OE1 1 
ATOM   206  O OE2 . GLU A 1 45  ? 2.519   -4.183  13.179  1.00 45.72 ? 1879 GLU A OE2 1 
ATOM   207  N N   . MET A 1 46  ? 5.039   -3.779  6.818   1.00 21.10 ? 1880 MET A N   1 
ATOM   208  C CA  A MET A 1 46  ? 5.164   -4.305  5.466   0.54 20.64 ? 1880 MET A CA  1 
ATOM   209  C CA  B MET A 1 46  ? 5.155   -4.222  5.429   0.46 20.69 ? 1880 MET A CA  1 
ATOM   210  C C   . MET A 1 46  ? 6.608   -4.235  4.968   1.00 20.16 ? 1880 MET A C   1 
ATOM   211  O O   . MET A 1 46  ? 7.069   -5.180  4.317   1.00 21.75 ? 1880 MET A O   1 
ATOM   212  C CB  A MET A 1 46  ? 4.230   -3.570  4.506   0.54 22.53 ? 1880 MET A CB  1 
ATOM   213  C CB  B MET A 1 46  ? 4.346   -3.308  4.502   0.46 22.13 ? 1880 MET A CB  1 
ATOM   214  C CG  A MET A 1 46  ? 2.765   -3.922  4.726   0.54 19.87 ? 1880 MET A CG  1 
ATOM   215  C CG  B MET A 1 46  ? 2.877   -3.177  4.868   0.46 21.89 ? 1880 MET A CG  1 
ATOM   216  S SD  A MET A 1 46  ? 1.683   -3.333  3.417   0.54 21.68 ? 1880 MET A SD  1 
ATOM   217  S SD  B MET A 1 46  ? 1.958   -4.691  4.572   0.46 18.57 ? 1880 MET A SD  1 
ATOM   218  C CE  A MET A 1 46  ? 1.952   -1.572  3.560   0.54 17.11 ? 1880 MET A CE  1 
ATOM   219  C CE  B MET A 1 46  ? 1.889   -4.692  2.780   0.46 22.47 ? 1880 MET A CE  1 
ATOM   220  N N   . GLU A 1 47  ? 7.315   -3.150  5.285   1.00 20.60 ? 1881 GLU A N   1 
ATOM   221  C CA  . GLU A 1 47  ? 8.720   -2.983  4.859   1.00 19.48 ? 1881 GLU A CA  1 
ATOM   222  C C   . GLU A 1 47  ? 9.640   -4.084  5.401   1.00 26.07 ? 1881 GLU A C   1 
ATOM   223  O O   . GLU A 1 47  ? 10.630  -4.438  4.751   1.00 23.10 ? 1881 GLU A O   1 
ATOM   224  C CB  . GLU A 1 47  ? 9.262   -1.599  5.285   1.00 19.74 ? 1881 GLU A CB  1 
ATOM   225  C CG  . GLU A 1 47  ? 8.726   -0.419  4.462   1.00 22.06 ? 1881 GLU A CG  1 
ATOM   226  C CD  . GLU A 1 47  ? 8.915   0.947   5.151   1.00 26.96 ? 1881 GLU A CD  1 
ATOM   227  O OE1 . GLU A 1 47  ? 9.068   0.992   6.391   1.00 23.66 ? 1881 GLU A OE1 1 
ATOM   228  O OE2 . GLU A 1 47  ? 8.892   1.989   4.449   1.00 24.83 ? 1881 GLU A OE2 1 
ATOM   229  N N   . THR A 1 48  ? 9.309   -4.626  6.573   1.00 23.85 ? 1882 THR A N   1 
ATOM   230  C CA  . THR A 1 48  ? 10.172  -5.609  7.233   1.00 25.30 ? 1882 THR A CA  1 
ATOM   231  C C   . THR A 1 48  ? 9.711   -7.071  7.094   1.00 27.69 ? 1882 THR A C   1 
ATOM   232  O O   . THR A 1 48  ? 10.335  -7.985  7.638   1.00 28.38 ? 1882 THR A O   1 
ATOM   233  C CB  . THR A 1 48  ? 10.336  -5.272  8.739   1.00 31.35 ? 1882 THR A CB  1 
ATOM   234  O OG1 . THR A 1 48  ? 9.060   -5.272  9.379   1.00 29.72 ? 1882 THR A OG1 1 
ATOM   235  C CG2 . THR A 1 48  ? 10.983  -3.910  8.920   1.00 28.34 ? 1882 THR A CG2 1 
ATOM   236  N N   . HIS A 1 49  ? 8.633   -7.293  6.353   1.00 20.68 ? 1883 HIS A N   1 
ATOM   237  C CA  . HIS A 1 49  ? 8.169   -8.641  6.021   1.00 21.89 ? 1883 HIS A CA  1 
ATOM   238  C C   . HIS A 1 49  ? 9.172   -9.328  5.089   1.00 23.77 ? 1883 HIS A C   1 
ATOM   239  O O   . HIS A 1 49  ? 9.684   -8.702  4.169   1.00 25.15 ? 1883 HIS A O   1 
ATOM   240  C CB  . HIS A 1 49  ? 6.785   -8.535  5.362   1.00 20.15 ? 1883 HIS A CB  1 
ATOM   241  C CG  . HIS A 1 49  ? 6.031   -9.825  5.245   1.00 23.43 ? 1883 HIS A CG  1 
ATOM   242  N ND1 . HIS A 1 49  ? 6.471   -10.897 4.491   1.00 23.95 ? 1883 HIS A ND1 1 
ATOM   243  C CD2 . HIS A 1 49  ? 4.812   -10.180 5.722   1.00 20.55 ? 1883 HIS A CD2 1 
ATOM   244  C CE1 . HIS A 1 49  ? 5.573   -11.865 4.539   1.00 26.72 ? 1883 HIS A CE1 1 
ATOM   245  N NE2 . HIS A 1 49  ? 4.552   -11.454 5.272   1.00 24.40 ? 1883 HIS A NE2 1 
ATOM   246  N N   . GLU A 1 50  ? 9.436   -10.616 5.303   1.00 26.48 ? 1884 GLU A N   1 
ATOM   247  C CA  A GLU A 1 50  ? 10.445  -11.288 4.487   0.50 26.45 ? 1884 GLU A CA  1 
ATOM   248  C CA  B GLU A 1 50  ? 10.394  -11.373 4.496   0.50 26.45 ? 1884 GLU A CA  1 
ATOM   249  C C   . GLU A 1 50  ? 10.046  -11.373 3.005   1.00 28.64 ? 1884 GLU A C   1 
ATOM   250  O O   . GLU A 1 50  ? 10.921  -11.438 2.139   1.00 26.99 ? 1884 GLU A O   1 
ATOM   251  C CB  A GLU A 1 50  ? 10.753  -12.684 5.041   0.50 31.85 ? 1884 GLU A CB  1 
ATOM   252  C CB  B GLU A 1 50  ? 10.475  -12.813 5.025   0.50 30.98 ? 1884 GLU A CB  1 
ATOM   253  C CG  A GLU A 1 50  ? 9.761   -13.759 4.671   0.50 27.76 ? 1884 GLU A CG  1 
ATOM   254  C CG  B GLU A 1 50  ? 11.307  -13.766 4.187   0.50 35.16 ? 1884 GLU A CG  1 
ATOM   255  C CD  A GLU A 1 50  ? 10.331  -15.156 4.860   0.50 36.08 ? 1884 GLU A CD  1 
ATOM   256  C CD  B GLU A 1 50  ? 11.253  -15.187 4.715   0.50 37.56 ? 1884 GLU A CD  1 
ATOM   257  O OE1 A GLU A 1 50  ? 11.138  -15.587 4.010   0.50 41.49 ? 1884 GLU A OE1 1 
ATOM   258  O OE1 B GLU A 1 50  ? 11.517  -16.126 3.932   0.50 43.04 ? 1884 GLU A OE1 1 
ATOM   259  O OE2 A GLU A 1 50  ? 9.969   -15.828 5.846   0.50 33.66 ? 1884 GLU A OE2 1 
ATOM   260  O OE2 B GLU A 1 50  ? 10.947  -15.364 5.913   0.50 38.17 ? 1884 GLU A OE2 1 
ATOM   261  N N   . ASP A 1 51  ? 8.752   -11.323 2.695   1.00 20.27 ? 1885 ASP A N   1 
ATOM   262  C CA  . ASP A 1 51  ? 8.328   -11.373 1.296   1.00 21.68 ? 1885 ASP A CA  1 
ATOM   263  C C   . ASP A 1 51  ? 8.196   -9.976  0.658   1.00 20.63 ? 1885 ASP A C   1 
ATOM   264  O O   . ASP A 1 51  ? 7.662   -9.852  -0.451  1.00 21.54 ? 1885 ASP A O   1 
ATOM   265  C CB  . ASP A 1 51  ? 6.999   -12.123 1.159   1.00 22.74 ? 1885 ASP A CB  1 
ATOM   266  C CG  . ASP A 1 51  ? 7.120   -13.621 1.465   1.00 26.84 ? 1885 ASP A CG  1 
ATOM   267  O OD1 . ASP A 1 51  ? 8.257   -14.158 1.479   1.00 25.30 ? 1885 ASP A OD1 1 
ATOM   268  O OD2 . ASP A 1 51  ? 6.055   -14.255 1.683   1.00 23.92 ? 1885 ASP A OD2 1 
ATOM   269  N N   . ALA A 1 52  ? 8.679   -8.932  1.337   1.00 19.17 ? 1886 ALA A N   1 
ATOM   270  C CA  . ALA A 1 52  ? 8.563   -7.569  0.791   1.00 21.34 ? 1886 ALA A CA  1 
ATOM   271  C C   . ALA A 1 52  ? 9.571   -7.237  -0.319  1.00 23.84 ? 1886 ALA A C   1 
ATOM   272  O O   . ALA A 1 52  ? 9.452   -6.199  -0.978  1.00 20.65 ? 1886 ALA A O   1 
ATOM   273  C CB  . ALA A 1 52  ? 8.697   -6.538  1.909   1.00 22.34 ? 1886 ALA A CB  1 
ATOM   274  N N   . TRP A 1 53  ? 10.560  -8.104  -0.528  1.00 21.41 ? 1887 TRP A N   1 
ATOM   275  C CA  . TRP A 1 53  ? 11.682  -7.754  -1.413  1.00 23.36 ? 1887 TRP A CA  1 
ATOM   276  C C   . TRP A 1 53  ? 11.340  -7.334  -2.861  1.00 20.25 ? 1887 TRP A C   1 
ATOM   277  O O   . TRP A 1 53  ? 12.070  -6.489  -3.421  1.00 22.55 ? 1887 TRP A O   1 
ATOM   278  C CB  . TRP A 1 53  ? 12.714  -8.912  -1.444  1.00 23.75 ? 1887 TRP A CB  1 
ATOM   279  C CG  . TRP A 1 53  ? 12.160  -10.224 -1.876  1.00 24.67 ? 1887 TRP A CG  1 
ATOM   280  C CD1 . TRP A 1 53  ? 11.614  -11.193 -1.077  1.00 25.18 ? 1887 TRP A CD1 1 
ATOM   281  C CD2 . TRP A 1 53  ? 12.091  -10.721 -3.215  1.00 26.99 ? 1887 TRP A CD2 1 
ATOM   282  N NE1 . TRP A 1 53  ? 11.206  -12.258 -1.842  1.00 25.43 ? 1887 TRP A NE1 1 
ATOM   283  C CE2 . TRP A 1 53  ? 11.481  -11.991 -3.159  1.00 26.84 ? 1887 TRP A CE2 1 
ATOM   284  C CE3 . TRP A 1 53  ? 12.469  -10.203 -4.463  1.00 26.82 ? 1887 TRP A CE3 1 
ATOM   285  C CZ2 . TRP A 1 53  ? 11.252  -12.759 -4.299  1.00 32.41 ? 1887 TRP A CZ2 1 
ATOM   286  C CZ3 . TRP A 1 53  ? 12.237  -10.964 -5.595  1.00 26.02 ? 1887 TRP A CZ3 1 
ATOM   287  C CH2 . TRP A 1 53  ? 11.640  -12.231 -5.506  1.00 30.53 ? 1887 TRP A CH2 1 
ATOM   288  N N   . PRO A 1 54  ? 10.245  -7.864  -3.474  1.00 20.03 ? 1888 PRO A N   1 
ATOM   289  C CA  . PRO A 1 54  ? 9.971   -7.371  -4.833  1.00 20.60 ? 1888 PRO A CA  1 
ATOM   290  C C   . PRO A 1 54  ? 9.417   -5.947  -4.874  1.00 21.37 ? 1888 PRO A C   1 
ATOM   291  O O   . PRO A 1 54  ? 9.386   -5.361  -5.962  1.00 19.65 ? 1888 PRO A O   1 
ATOM   292  C CB  . PRO A 1 54  ? 8.904   -8.350  -5.367  1.00 16.92 ? 1888 PRO A CB  1 
ATOM   293  C CG  . PRO A 1 54  ? 8.956   -9.545  -4.435  1.00 18.76 ? 1888 PRO A CG  1 
ATOM   294  C CD  . PRO A 1 54  ? 9.312   -8.949  -3.105  1.00 19.15 ? 1888 PRO A CD  1 
ATOM   295  N N   . PHE A 1 55  ? 9.017   -5.414  -3.716  1.00 18.74 ? 1889 PHE A N   1 
ATOM   296  C CA  . PHE A 1 55  ? 8.217   -4.179  -3.639  1.00 19.77 ? 1889 PHE A CA  1 
ATOM   297  C C   . PHE A 1 55  ? 8.900   -3.019  -2.917  1.00 23.31 ? 1889 PHE A C   1 
ATOM   298  O O   . PHE A 1 55  ? 8.289   -1.962  -2.746  1.00 21.82 ? 1889 PHE A O   1 
ATOM   299  C CB  . PHE A 1 55  ? 6.873   -4.488  -2.944  1.00 19.69 ? 1889 PHE A CB  1 
ATOM   300  C CG  . PHE A 1 55  ? 6.241   -5.763  -3.433  1.00 18.13 ? 1889 PHE A CG  1 
ATOM   301  C CD1 . PHE A 1 55  ? 5.756   -5.851  -4.742  1.00 20.35 ? 1889 PHE A CD1 1 
ATOM   302  C CD2 . PHE A 1 55  ? 6.135   -6.876  -2.602  1.00 19.10 ? 1889 PHE A CD2 1 
ATOM   303  C CE1 . PHE A 1 55  ? 5.206   -7.033  -5.228  1.00 18.69 ? 1889 PHE A CE1 1 
ATOM   304  C CE2 . PHE A 1 55  ? 5.564   -8.064  -3.081  1.00 19.28 ? 1889 PHE A CE2 1 
ATOM   305  C CZ  . PHE A 1 55  ? 5.102   -8.143  -4.396  1.00 19.58 ? 1889 PHE A CZ  1 
ATOM   306  N N   . LEU A 1 56  ? 10.140  -3.214  -2.473  1.00 20.12 ? 1890 LEU A N   1 
ATOM   307  C CA  . LEU A 1 56  ? 10.826  -2.197  -1.670  1.00 20.98 ? 1890 LEU A CA  1 
ATOM   308  C C   . LEU A 1 56  ? 11.275  -0.965  -2.452  1.00 24.24 ? 1890 LEU A C   1 
ATOM   309  O O   . LEU A 1 56  ? 11.297  0.143   -1.905  1.00 26.49 ? 1890 LEU A O   1 
ATOM   310  C CB  . LEU A 1 56  ? 12.044  -2.804  -0.970  1.00 21.38 ? 1890 LEU A CB  1 
ATOM   311  C CG  . LEU A 1 56  ? 11.714  -3.870  0.067   1.00 23.86 ? 1890 LEU A CG  1 
ATOM   312  C CD1 . LEU A 1 56  ? 12.990  -4.487  0.634   1.00 27.20 ? 1890 LEU A CD1 1 
ATOM   313  C CD2 . LEU A 1 56  ? 10.815  -3.273  1.165   1.00 30.94 ? 1890 LEU A CD2 1 
ATOM   314  N N   . LEU A 1 57  ? 11.623  -1.157  -3.721  1.00 22.24 ? 1891 LEU A N   1 
ATOM   315  C CA  . LEU A 1 57  ? 12.086  -0.080  -4.601  1.00 23.39 ? 1891 LEU A CA  1 
ATOM   316  C C   . LEU A 1 57  ? 11.307  -0.089  -5.917  1.00 20.46 ? 1891 LEU A C   1 
ATOM   317  O O   . LEU A 1 57  ? 10.726  -1.111  -6.280  1.00 21.34 ? 1891 LEU A O   1 
ATOM   318  C CB  . LEU A 1 57  ? 13.585  -0.241  -4.881  1.00 25.97 ? 1891 LEU A CB  1 
ATOM   319  C CG  . LEU A 1 57  ? 14.537  -0.201  -3.686  1.00 27.70 ? 1891 LEU A CG  1 
ATOM   320  C CD1 . LEU A 1 57  ? 15.967  -0.480  -4.147  1.00 34.06 ? 1891 LEU A CD1 1 
ATOM   321  C CD2 . LEU A 1 57  ? 14.466  1.141   -2.980  1.00 27.77 ? 1891 LEU A CD2 1 
ATOM   322  N N   . PRO A 1 58  ? 11.328  1.026   -6.665  1.00 20.02 ? 1892 PRO A N   1 
ATOM   323  C CA  . PRO A 1 58  ? 10.630  1.008   -7.959  1.00 18.97 ? 1892 PRO A CA  1 
ATOM   324  C C   . PRO A 1 58  ? 11.212  -0.032  -8.907  1.00 27.49 ? 1892 PRO A C   1 
ATOM   325  O O   . PRO A 1 58  ? 12.425  -0.243  -8.885  1.00 25.07 ? 1892 PRO A O   1 
ATOM   326  C CB  . PRO A 1 58  ? 10.873  2.412   -8.524  1.00 23.43 ? 1892 PRO A CB  1 
ATOM   327  C CG  . PRO A 1 58  ? 11.247  3.247   -7.363  1.00 26.21 ? 1892 PRO A CG  1 
ATOM   328  C CD  . PRO A 1 58  ? 11.921  2.343   -6.371  1.00 24.14 ? 1892 PRO A CD  1 
ATOM   329  N N   . VAL A 1 59  ? 10.366  -0.673  -9.702  1.00 23.61 ? 1893 VAL A N   1 
ATOM   330  C CA  . VAL A 1 59  ? 10.850  -1.560  -10.760 1.00 23.85 ? 1893 VAL A CA  1 
ATOM   331  C C   . VAL A 1 59  ? 11.727  -0.742  -11.710 1.00 28.71 ? 1893 VAL A C   1 
ATOM   332  O O   . VAL A 1 59  ? 11.373  0.377   -12.078 1.00 30.20 ? 1893 VAL A O   1 
ATOM   333  C CB  . VAL A 1 59  ? 9.684   -2.216  -11.530 1.00 28.82 ? 1893 VAL A CB  1 
ATOM   334  C CG1 . VAL A 1 59  ? 10.207  -3.028  -12.727 1.00 30.17 ? 1893 VAL A CG1 1 
ATOM   335  C CG2 . VAL A 1 59  ? 8.834   -3.087  -10.582 1.00 27.49 ? 1893 VAL A CG2 1 
ATOM   336  N N   . ASN A 1 60  ? 12.887  -1.287  -12.070 1.00 32.45 ? 1894 ASN A N   1 
ATOM   337  C CA  . ASN A 1 60  ? 13.800  -0.607  -12.981 1.00 31.48 ? 1894 ASN A CA  1 
ATOM   338  C C   . ASN A 1 60  ? 13.264  -0.648  -14.410 1.00 36.90 ? 1894 ASN A C   1 
ATOM   339  O O   . ASN A 1 60  ? 13.329  -1.683  -15.075 1.00 37.46 ? 1894 ASN A O   1 
ATOM   340  C CB  . ASN A 1 60  ? 15.191  -1.248  -12.906 1.00 34.49 ? 1894 ASN A CB  1 
ATOM   341  C CG  . ASN A 1 60  ? 16.261  -0.421  -13.604 1.00 51.33 ? 1894 ASN A CG  1 
ATOM   342  O OD1 . ASN A 1 60  ? 16.018  0.186   -14.653 1.00 42.01 ? 1894 ASN A OD1 1 
ATOM   343  N ND2 . ASN A 1 60  ? 17.456  -0.395  -13.021 1.00 42.95 ? 1894 ASN A ND2 1 
ATOM   344  N N   . LEU A 1 61  ? 12.738  0.481   -14.878 1.00 29.61 ? 1895 LEU A N   1 
ATOM   345  C CA  . LEU A 1 61  ? 12.029  0.498   -16.157 1.00 35.01 ? 1895 LEU A CA  1 
ATOM   346  C C   . LEU A 1 61  ? 12.960  0.330   -17.356 1.00 41.14 ? 1895 LEU A C   1 
ATOM   347  O O   . LEU A 1 61  ? 12.505  0.028   -18.461 1.00 39.57 ? 1895 LEU A O   1 
ATOM   348  C CB  . LEU A 1 61  ? 11.215  1.790   -16.310 1.00 34.35 ? 1895 LEU A CB  1 
ATOM   349  C CG  . LEU A 1 61  ? 10.081  1.998   -15.296 1.00 37.31 ? 1895 LEU A CG  1 
ATOM   350  C CD1 . LEU A 1 61  ? 9.268   3.269   -15.593 1.00 31.50 ? 1895 LEU A CD1 1 
ATOM   351  C CD2 . LEU A 1 61  ? 9.168   0.764   -15.240 1.00 33.58 ? 1895 LEU A CD2 1 
ATOM   352  N N   . LYS A 1 62  ? 14.258  0.517   -17.144 1.00 49.25 ? 1896 LYS A N   1 
ATOM   353  C CA  . LYS A 1 62  ? 15.219  0.330   -18.227 1.00 52.06 ? 1896 LYS A CA  1 
ATOM   354  C C   . LYS A 1 62  ? 15.660  -1.124  -18.342 1.00 54.24 ? 1896 LYS A C   1 
ATOM   355  O O   . LYS A 1 62  ? 16.089  -1.562  -19.409 1.00 58.38 ? 1896 LYS A O   1 
ATOM   356  C CB  . LYS A 1 62  ? 16.441  1.228   -18.031 1.00 54.51 ? 1896 LYS A CB  1 
ATOM   357  C CG  . LYS A 1 62  ? 16.164  2.707   -18.223 1.00 56.61 ? 1896 LYS A CG  1 
ATOM   358  C CD  . LYS A 1 62  ? 17.433  3.527   -18.035 1.00 65.78 ? 1896 LYS A CD  1 
ATOM   359  C CE  . LYS A 1 62  ? 18.430  3.274   -19.161 1.00 84.38 ? 1896 LYS A CE  1 
ATOM   360  N NZ  . LYS A 1 62  ? 17.938  3.764   -20.484 1.00 84.34 ? 1896 LYS A NZ  1 
ATOM   361  N N   . LEU A 1 63  ? 15.546  -1.878  -17.252 1.00 42.13 ? 1897 LEU A N   1 
ATOM   362  C CA  . LEU A 1 63  ? 16.051  -3.248  -17.239 1.00 37.54 ? 1897 LEU A CA  1 
ATOM   363  C C   . LEU A 1 63  ? 14.974  -4.325  -17.323 1.00 48.20 ? 1897 LEU A C   1 
ATOM   364  O O   . LEU A 1 63  ? 15.278  -5.478  -17.619 1.00 48.06 ? 1897 LEU A O   1 
ATOM   365  C CB  . LEU A 1 63  ? 16.890  -3.488  -15.984 1.00 44.21 ? 1897 LEU A CB  1 
ATOM   366  C CG  . LEU A 1 63  ? 18.089  -2.557  -15.794 1.00 58.59 ? 1897 LEU A CG  1 
ATOM   367  C CD1 . LEU A 1 63  ? 18.895  -2.972  -14.574 1.00 52.55 ? 1897 LEU A CD1 1 
ATOM   368  C CD2 . LEU A 1 63  ? 18.960  -2.524  -17.049 1.00 56.70 ? 1897 LEU A CD2 1 
ATOM   369  N N   . VAL A 1 64  ? 13.723  -3.971  -17.056 1.00 34.20 ? 1898 VAL A N   1 
ATOM   370  C CA  . VAL A 1 64  ? 12.679  -4.985  -17.040 1.00 30.98 ? 1898 VAL A CA  1 
ATOM   371  C C   . VAL A 1 64  ? 11.769  -4.817  -18.253 1.00 38.07 ? 1898 VAL A C   1 
ATOM   372  O O   . VAL A 1 64  ? 10.954  -3.891  -18.307 1.00 34.26 ? 1898 VAL A O   1 
ATOM   373  C CB  . VAL A 1 64  ? 11.850  -4.927  -15.735 1.00 36.42 ? 1898 VAL A CB  1 
ATOM   374  C CG1 . VAL A 1 64  ? 10.735  -5.954  -15.764 1.00 28.77 ? 1898 VAL A CG1 1 
ATOM   375  C CG2 . VAL A 1 64  ? 12.757  -5.164  -14.524 1.00 30.83 ? 1898 VAL A CG2 1 
ATOM   376  N N   . PRO A 1 65  ? 11.919  -5.712  -19.245 1.00 36.37 ? 1899 PRO A N   1 
ATOM   377  C CA  . PRO A 1 65  ? 11.131  -5.637  -20.480 1.00 39.71 ? 1899 PRO A CA  1 
ATOM   378  C C   . PRO A 1 65  ? 9.625   -5.627  -20.216 1.00 30.32 ? 1899 PRO A C   1 
ATOM   379  O O   . PRO A 1 65  ? 9.131   -6.390  -19.381 1.00 33.46 ? 1899 PRO A O   1 
ATOM   380  C CB  . PRO A 1 65  ? 11.539  -6.908  -21.242 1.00 45.09 ? 1899 PRO A CB  1 
ATOM   381  C CG  . PRO A 1 65  ? 12.877  -7.273  -20.697 1.00 44.73 ? 1899 PRO A CG  1 
ATOM   382  C CD  . PRO A 1 65  ? 12.864  -6.845  -19.253 1.00 43.17 ? 1899 PRO A CD  1 
ATOM   383  N N   . GLY A 1 66  ? 8.908   -4.762  -20.920 1.00 28.73 ? 1900 GLY A N   1 
ATOM   384  C CA  . GLY A 1 66  ? 7.463   -4.767  -20.862 1.00 33.23 ? 1900 GLY A CA  1 
ATOM   385  C C   . GLY A 1 66  ? 6.867   -3.920  -19.753 1.00 31.91 ? 1900 GLY A C   1 
ATOM   386  O O   . GLY A 1 66  ? 5.739   -3.465  -19.892 1.00 27.53 ? 1900 GLY A O   1 
ATOM   387  N N   . TYR A 1 67  ? 7.604   -3.695  -18.665 1.00 28.33 ? 1901 TYR A N   1 
ATOM   388  C CA  . TYR A 1 67  ? 6.980   -3.067  -17.488 1.00 27.35 ? 1901 TYR A CA  1 
ATOM   389  C C   . TYR A 1 67  ? 6.466   -1.647  -17.759 1.00 26.66 ? 1901 TYR A C   1 
ATOM   390  O O   . TYR A 1 67  ? 5.355   -1.289  -17.343 1.00 27.86 ? 1901 TYR A O   1 
ATOM   391  C CB  . TYR A 1 67  ? 7.945   -3.047  -16.289 1.00 25.17 ? 1901 TYR A CB  1 
ATOM   392  C CG  . TYR A 1 67  ? 7.193   -3.022  -14.972 1.00 23.39 ? 1901 TYR A CG  1 
ATOM   393  C CD1 . TYR A 1 67  ? 6.791   -4.202  -14.364 1.00 25.90 ? 1901 TYR A CD1 1 
ATOM   394  C CD2 . TYR A 1 67  ? 6.842   -1.818  -14.368 1.00 24.75 ? 1901 TYR A CD2 1 
ATOM   395  C CE1 . TYR A 1 67  ? 6.061   -4.191  -13.177 1.00 26.68 ? 1901 TYR A CE1 1 
ATOM   396  C CE2 . TYR A 1 67  ? 6.129   -1.795  -13.174 1.00 25.77 ? 1901 TYR A CE2 1 
ATOM   397  C CZ  . TYR A 1 67  ? 5.737   -2.980  -12.587 1.00 29.13 ? 1901 TYR A CZ  1 
ATOM   398  O OH  . TYR A 1 67  ? 5.012   -2.966  -11.406 1.00 27.01 ? 1901 TYR A OH  1 
ATOM   399  N N   . LYS A 1 68  ? 7.253   -0.841  -18.468 1.00 31.40 ? 1902 LYS A N   1 
ATOM   400  C CA  . LYS A 1 68  ? 6.884   0.554   -18.698 1.00 31.05 ? 1902 LYS A CA  1 
ATOM   401  C C   . LYS A 1 68  ? 5.602   0.692   -19.517 1.00 29.81 ? 1902 LYS A C   1 
ATOM   402  O O   . LYS A 1 68  ? 4.763   1.541   -19.224 1.00 30.92 ? 1902 LYS A O   1 
ATOM   403  C CB  . LYS A 1 68  ? 8.022   1.311   -19.396 1.00 33.22 ? 1902 LYS A CB  1 
ATOM   404  C CG  . LYS A 1 68  ? 7.885   2.837   -19.334 1.00 39.71 ? 1902 LYS A CG  1 
ATOM   405  C CD  . LYS A 1 68  ? 9.099   3.533   -19.946 1.00 45.65 ? 1902 LYS A CD  1 
ATOM   406  C CE  . LYS A 1 68  ? 9.066   5.040   -19.722 1.00 50.01 ? 1902 LYS A CE  1 
ATOM   407  N NZ  . LYS A 1 68  ? 7.795   5.653   -20.189 1.00 57.55 ? 1902 LYS A NZ  1 
ATOM   408  N N   . LYS A 1 69  ? 5.455   -0.139  -20.544 1.00 29.85 ? 1903 LYS A N   1 
ATOM   409  C CA  . LYS A 1 69  ? 4.282   -0.058  -21.420 1.00 24.97 ? 1903 LYS A CA  1 
ATOM   410  C C   . LYS A 1 69  ? 3.037   -0.640  -20.761 1.00 26.88 ? 1903 LYS A C   1 
ATOM   411  O O   . LYS A 1 69  ? 1.943   -0.093  -20.898 1.00 34.02 ? 1903 LYS A O   1 
ATOM   412  C CB  . LYS A 1 69  ? 4.551   -0.790  -22.753 1.00 24.55 ? 1903 LYS A CB  1 
ATOM   413  C CG  . LYS A 1 69  ? 3.375   -0.757  -23.730 1.00 30.21 ? 1903 LYS A CG  1 
ATOM   414  C CD  . LYS A 1 69  ? 2.979   0.682   -24.048 1.00 33.58 ? 1903 LYS A CD  1 
ATOM   415  C CE  . LYS A 1 69  ? 1.831   0.755   -25.049 1.00 32.67 ? 1903 LYS A CE  1 
ATOM   416  N NZ  . LYS A 1 69  ? 2.321   0.662   -26.452 1.00 35.24 ? 1903 LYS A NZ  1 
ATOM   417  N N   . VAL A 1 70  ? 3.205   -1.749  -20.048 1.00 27.40 ? 1904 VAL A N   1 
ATOM   418  C CA  . VAL A 1 70  ? 2.073   -2.490  -19.497 1.00 26.81 ? 1904 VAL A CA  1 
ATOM   419  C C   . VAL A 1 70  ? 1.511   -1.852  -18.219 1.00 29.66 ? 1904 VAL A C   1 
ATOM   420  O O   . VAL A 1 70  ? 0.299   -1.770  -18.054 1.00 25.93 ? 1904 VAL A O   1 
ATOM   421  C CB  . VAL A 1 70  ? 2.470   -3.960  -19.215 1.00 26.31 ? 1904 VAL A CB  1 
ATOM   422  C CG1 . VAL A 1 70  ? 1.381   -4.707  -18.452 1.00 24.66 ? 1904 VAL A CG1 1 
ATOM   423  C CG2 . VAL A 1 70  ? 2.780   -4.672  -20.538 1.00 30.47 ? 1904 VAL A CG2 1 
ATOM   424  N N   . ILE A 1 71  ? 2.391   -1.392  -17.332 1.00 25.46 ? 1905 ILE A N   1 
ATOM   425  C CA  . ILE A 1 71  ? 1.971   -0.907  -16.005 1.00 24.47 ? 1905 ILE A CA  1 
ATOM   426  C C   . ILE A 1 71  ? 1.855   0.617   -15.990 1.00 25.57 ? 1905 ILE A C   1 
ATOM   427  O O   . ILE A 1 71  ? 2.855   1.318   -15.862 1.00 28.47 ? 1905 ILE A O   1 
ATOM   428  C CB  . ILE A 1 71  ? 2.966   -1.361  -14.893 1.00 28.45 ? 1905 ILE A CB  1 
ATOM   429  C CG1 . ILE A 1 71  ? 3.101   -2.884  -14.876 1.00 27.23 ? 1905 ILE A CG1 1 
ATOM   430  C CG2 . ILE A 1 71  ? 2.529   -0.833  -13.502 1.00 25.43 ? 1905 ILE A CG2 1 
ATOM   431  C CD1 . ILE A 1 71  ? 1.790   -3.626  -14.598 1.00 24.13 ? 1905 ILE A CD1 1 
ATOM   432  N N   . LYS A 1 72  ? 0.633   1.124   -16.109 1.00 26.27 ? 1906 LYS A N   1 
ATOM   433  C CA  . LYS A 1 72  ? 0.428   2.557   -16.322 1.00 33.71 ? 1906 LYS A CA  1 
ATOM   434  C C   . LYS A 1 72  ? 0.763   3.428   -15.111 1.00 28.08 ? 1906 LYS A C   1 
ATOM   435  O O   . LYS A 1 72  ? 1.160   4.586   -15.273 1.00 25.70 ? 1906 LYS A O   1 
ATOM   436  C CB  . LYS A 1 72  ? -1.018  2.824   -16.753 1.00 33.69 ? 1906 LYS A CB  1 
ATOM   437  C CG  . LYS A 1 72  ? -1.437  2.077   -18.023 1.00 40.73 ? 1906 LYS A CG  1 
ATOM   438  C CD  . LYS A 1 72  ? -0.440  2.271   -19.165 1.00 37.97 ? 1906 LYS A CD  1 
ATOM   439  C CE  . LYS A 1 72  ? -0.845  1.449   -20.392 1.00 45.65 ? 1906 LYS A CE  1 
ATOM   440  N NZ  . LYS A 1 72  ? 0.043   1.689   -21.572 1.00 51.67 ? 1906 LYS A NZ  1 
ATOM   441  N N   . LYS A 1 73  ? 0.595   2.877   -13.909 1.00 27.92 ? 1907 LYS A N   1 
ATOM   442  C CA  . LYS A 1 73  ? 0.890   3.601   -12.667 1.00 26.41 ? 1907 LYS A CA  1 
ATOM   443  C C   . LYS A 1 73  ? 1.750   2.761   -11.717 1.00 21.91 ? 1907 LYS A C   1 
ATOM   444  O O   . LYS A 1 73  ? 1.223   2.107   -10.813 1.00 24.39 ? 1907 LYS A O   1 
ATOM   445  C CB  . LYS A 1 73  ? -0.402  4.008   -11.958 1.00 26.91 ? 1907 LYS A CB  1 
ATOM   446  C CG  . LYS A 1 73  ? -1.314  4.906   -12.785 1.00 39.05 ? 1907 LYS A CG  1 
ATOM   447  C CD  . LYS A 1 73  ? -2.710  5.008   -12.172 1.00 51.72 ? 1907 LYS A CD  1 
ATOM   448  C CE  . LYS A 1 73  ? -2.684  5.765   -10.851 1.00 63.26 ? 1907 LYS A CE  1 
ATOM   449  N NZ  . LYS A 1 73  ? -4.053  5.961   -10.288 1.00 72.87 ? 1907 LYS A NZ  1 
ATOM   450  N N   . PRO A 1 74  ? 3.070   2.772   -11.928 1.00 22.20 ? 1908 PRO A N   1 
ATOM   451  C CA  . PRO A 1 74  ? 3.975   2.051   -11.022 1.00 21.60 ? 1908 PRO A CA  1 
ATOM   452  C C   . PRO A 1 74  ? 3.884   2.561   -9.580  1.00 19.44 ? 1908 PRO A C   1 
ATOM   453  O O   . PRO A 1 74  ? 3.671   3.763   -9.360  1.00 20.85 ? 1908 PRO A O   1 
ATOM   454  C CB  . PRO A 1 74  ? 5.364   2.331   -11.604 1.00 24.93 ? 1908 PRO A CB  1 
ATOM   455  C CG  . PRO A 1 74  ? 5.109   2.708   -13.048 1.00 29.82 ? 1908 PRO A CG  1 
ATOM   456  C CD  . PRO A 1 74  ? 3.782   3.409   -13.054 1.00 23.27 ? 1908 PRO A CD  1 
ATOM   457  N N   . MET A 1 75  ? 4.038   1.656   -8.616  1.00 19.89 ? 1909 MET A N   1 
ATOM   458  C CA  . MET A 1 75  ? 4.059   2.057   -7.209  1.00 20.40 ? 1909 MET A CA  1 
ATOM   459  C C   . MET A 1 75  ? 4.868   1.024   -6.411  1.00 21.15 ? 1909 MET A C   1 
ATOM   460  O O   . MET A 1 75  ? 4.910   -0.156  -6.775  1.00 20.41 ? 1909 MET A O   1 
ATOM   461  C CB  . MET A 1 75  ? 2.621   2.213   -6.667  1.00 19.13 ? 1909 MET A CB  1 
ATOM   462  C CG  . MET A 1 75  ? 2.523   2.803   -5.237  1.00 20.91 ? 1909 MET A CG  1 
ATOM   463  S SD  . MET A 1 75  ? 3.387   4.385   -4.983  1.00 21.53 ? 1909 MET A SD  1 
ATOM   464  C CE  . MET A 1 75  ? 2.644   5.404   -6.263  1.00 20.95 ? 1909 MET A CE  1 
ATOM   465  N N   . ASP A 1 76  ? 5.534   1.480   -5.353  1.00 18.38 ? 1910 ASP A N   1 
ATOM   466  C CA  . ASP A 1 76  ? 6.388   0.614   -4.526  1.00 15.93 ? 1910 ASP A CA  1 
ATOM   467  C C   . ASP A 1 76  ? 6.467   1.166   -3.096  1.00 17.82 ? 1910 ASP A C   1 
ATOM   468  O O   . ASP A 1 76  ? 6.119   2.323   -2.867  1.00 19.22 ? 1910 ASP A O   1 
ATOM   469  C CB  . ASP A 1 76  ? 7.791   0.536   -5.127  1.00 18.83 ? 1910 ASP A CB  1 
ATOM   470  C CG  . ASP A 1 76  ? 8.534   1.841   -4.970  1.00 22.96 ? 1910 ASP A CG  1 
ATOM   471  O OD1 . ASP A 1 76  ? 8.295   2.747   -5.793  1.00 20.99 ? 1910 ASP A OD1 1 
ATOM   472  O OD2 . ASP A 1 76  ? 9.333   1.962   -4.012  1.00 25.03 ? 1910 ASP A OD2 1 
ATOM   473  N N   . PHE A 1 77  ? 6.976   0.377   -2.143  1.00 18.21 ? 1911 PHE A N   1 
ATOM   474  C CA  . PHE A 1 77  ? 6.948   0.801   -0.737  1.00 19.51 ? 1911 PHE A CA  1 
ATOM   475  C C   . PHE A 1 77  ? 7.805   2.046   -0.448  1.00 18.15 ? 1911 PHE A C   1 
ATOM   476  O O   . PHE A 1 77  ? 7.438   2.855   0.405   1.00 18.87 ? 1911 PHE A O   1 
ATOM   477  C CB  . PHE A 1 77  ? 7.409   -0.329  0.197   1.00 19.55 ? 1911 PHE A CB  1 
ATOM   478  C CG  . PHE A 1 77  ? 6.467   -1.520  0.257   1.00 21.09 ? 1911 PHE A CG  1 
ATOM   479  C CD1 . PHE A 1 77  ? 5.211   -1.472  -0.316  1.00 21.86 ? 1911 PHE A CD1 1 
ATOM   480  C CD2 . PHE A 1 77  ? 6.867   -2.699  0.881   1.00 22.34 ? 1911 PHE A CD2 1 
ATOM   481  C CE1 . PHE A 1 77  ? 4.357   -2.591  -0.267  1.00 23.10 ? 1911 PHE A CE1 1 
ATOM   482  C CE2 . PHE A 1 77  ? 6.038   -3.811  0.928   1.00 22.31 ? 1911 PHE A CE2 1 
ATOM   483  C CZ  . PHE A 1 77  ? 4.774   -3.752  0.364   1.00 22.02 ? 1911 PHE A CZ  1 
ATOM   484  N N   . SER A 1 78  ? 8.944   2.213   -1.123  1.00 17.85 ? 1912 SER A N   1 
ATOM   485  C CA  . SER A 1 78  ? 9.775   3.393   -0.827  1.00 18.50 ? 1912 SER A CA  1 
ATOM   486  C C   . SER A 1 78  ? 9.104   4.685   -1.307  1.00 22.96 ? 1912 SER A C   1 
ATOM   487  O O   . SER A 1 78  ? 9.264   5.748   -0.690  1.00 21.86 ? 1912 SER A O   1 
ATOM   488  C CB  . SER A 1 78  ? 11.191  3.239   -1.438  1.00 21.76 ? 1912 SER A CB  1 
ATOM   489  O OG  . SER A 1 78  ? 11.204  3.464   -2.841  1.00 24.31 ? 1912 SER A OG  1 
ATOM   490  N N   . THR A 1 79  ? 8.332   4.591   -2.386  1.00 17.59 ? 1913 THR A N   1 
ATOM   491  C CA  . THR A 1 79  ? 7.595   5.746   -2.902  1.00 19.81 ? 1913 THR A CA  1 
ATOM   492  C C   . THR A 1 79  ? 6.442   6.090   -1.953  1.00 23.68 ? 1913 THR A C   1 
ATOM   493  O O   . THR A 1 79  ? 6.220   7.260   -1.636  1.00 21.53 ? 1913 THR A O   1 
ATOM   494  C CB  . THR A 1 79  ? 7.090   5.483   -4.332  1.00 24.79 ? 1913 THR A CB  1 
ATOM   495  O OG1 . THR A 1 79  ? 8.222   5.315   -5.207  1.00 19.53 ? 1913 THR A OG1 1 
ATOM   496  C CG2 . THR A 1 79  ? 6.235   6.638   -4.841  1.00 23.47 ? 1913 THR A CG2 1 
ATOM   497  N N   . ILE A 1 80  ? 5.743   5.072   -1.455  1.00 19.85 ? 1914 ILE A N   1 
ATOM   498  C CA  . ILE A 1 80  ? 4.683   5.313   -0.456  1.00 16.73 ? 1914 ILE A CA  1 
ATOM   499  C C   . ILE A 1 80  ? 5.261   5.954   0.811   1.00 18.57 ? 1914 ILE A C   1 
ATOM   500  O O   . ILE A 1 80  ? 4.674   6.902   1.359   1.00 20.81 ? 1914 ILE A O   1 
ATOM   501  C CB  . ILE A 1 80  ? 3.940   3.997   -0.101  1.00 16.10 ? 1914 ILE A CB  1 
ATOM   502  C CG1 . ILE A 1 80  ? 3.181   3.476   -1.335  1.00 17.58 ? 1914 ILE A CG1 1 
ATOM   503  C CG2 . ILE A 1 80  ? 2.944   4.215   1.081   1.00 16.17 ? 1914 ILE A CG2 1 
ATOM   504  C CD1 . ILE A 1 80  ? 2.620   2.039   -1.169  1.00 16.26 ? 1914 ILE A CD1 1 
ATOM   505  N N   . ARG A 1 81  ? 6.413   5.452   1.272   1.00 19.16 ? 1915 ARG A N   1 
ATOM   506  C CA  . ARG A 1 81  ? 7.074   6.011   2.456   1.00 17.94 ? 1915 ARG A CA  1 
ATOM   507  C C   . ARG A 1 81  ? 7.441   7.491   2.255   1.00 20.91 ? 1915 ARG A C   1 
ATOM   508  O O   . ARG A 1 81  ? 7.231   8.310   3.149   1.00 21.29 ? 1915 ARG A O   1 
ATOM   509  C CB  . ARG A 1 81  ? 8.337   5.193   2.805   1.00 19.03 ? 1915 ARG A CB  1 
ATOM   510  C CG  . ARG A 1 81  ? 9.185   5.770   3.939   1.00 22.24 ? 1915 ARG A CG  1 
ATOM   511  C CD  . ARG A 1 81  ? 8.442   5.838   5.276   1.00 18.60 ? 1915 ARG A CD  1 
ATOM   512  N NE  . ARG A 1 81  ? 8.263   4.528   5.905   1.00 21.14 ? 1915 ARG A NE  1 
ATOM   513  C CZ  . ARG A 1 81  ? 7.524   4.333   6.998   1.00 26.11 ? 1915 ARG A CZ  1 
ATOM   514  N NH1 . ARG A 1 81  ? 6.905   5.365   7.564   1.00 20.28 ? 1915 ARG A NH1 1 
ATOM   515  N NH2 . ARG A 1 81  ? 7.401   3.116   7.526   1.00 25.12 ? 1915 ARG A NH2 1 
ATOM   516  N N   . GLU A 1 82  ? 7.987   7.831   1.087   1.00 16.62 ? 1916 GLU A N   1 
ATOM   517  C CA  . GLU A 1 82  ? 8.324   9.231   0.795   1.00 18.12 ? 1916 GLU A CA  1 
ATOM   518  C C   . GLU A 1 82  ? 7.071   10.121  0.785   1.00 19.07 ? 1916 GLU A C   1 
ATOM   519  O O   . GLU A 1 82  ? 7.083   11.241  1.310   1.00 20.02 ? 1916 GLU A O   1 
ATOM   520  C CB  . GLU A 1 82  ? 9.039   9.339   -0.554  1.00 22.06 ? 1916 GLU A CB  1 
ATOM   521  C CG  . GLU A 1 82  ? 9.483   10.761  -0.922  1.00 26.63 ? 1916 GLU A CG  1 
ATOM   522  C CD  . GLU A 1 82  ? 10.534  11.325  0.025   1.00 29.62 ? 1916 GLU A CD  1 
ATOM   523  O OE1 . GLU A 1 82  ? 11.358  10.545  0.541   1.00 31.95 ? 1916 GLU A OE1 1 
ATOM   524  O OE2 . GLU A 1 82  ? 10.536  12.556  0.257   1.00 32.55 ? 1916 GLU A OE2 1 
ATOM   525  N N   . LYS A 1 83  ? 6.000   9.624   0.186   1.00 23.28 ? 1917 LYS A N   1 
ATOM   526  C CA  . LYS A 1 83  ? 4.756   10.393  0.131   1.00 20.47 ? 1917 LYS A CA  1 
ATOM   527  C C   . LYS A 1 83  ? 4.149   10.581  1.521   1.00 24.97 ? 1917 LYS A C   1 
ATOM   528  O O   . LYS A 1 83  ? 3.599   11.656  1.824   1.00 22.00 ? 1917 LYS A O   1 
ATOM   529  C CB  . LYS A 1 83  ? 3.738   9.726   -0.802  1.00 22.18 ? 1917 LYS A CB  1 
ATOM   530  C CG  . LYS A 1 83  ? 4.091   9.845   -2.293  1.00 22.01 ? 1917 LYS A CG  1 
ATOM   531  C CD  . LYS A 1 83  ? 3.145   9.062   -3.191  1.00 22.67 ? 1917 LYS A CD  1 
ATOM   532  C CE  . LYS A 1 83  ? 1.755   9.700   -3.297  1.00 23.82 ? 1917 LYS A CE  1 
ATOM   533  N NZ  . LYS A 1 83  ? 0.996   9.080   -4.423  1.00 22.99 ? 1917 LYS A NZ  1 
ATOM   534  N N   . LEU A 1 84  ? 4.234   9.550   2.362   1.00 21.40 ? 1918 LEU A N   1 
ATOM   535  C CA  . LEU A 1 84  ? 3.694   9.638   3.726   1.00 18.39 ? 1918 LEU A CA  1 
ATOM   536  C C   . LEU A 1 84  ? 4.509   10.612  4.585   1.00 25.76 ? 1918 LEU A C   1 
ATOM   537  O O   . LEU A 1 84  ? 3.972   11.284  5.467   1.00 27.22 ? 1918 LEU A O   1 
ATOM   538  C CB  . LEU A 1 84  ? 3.658   8.255   4.380   1.00 21.82 ? 1918 LEU A CB  1 
ATOM   539  C CG  . LEU A 1 84  ? 2.869   8.074   5.682   1.00 21.99 ? 1918 LEU A CG  1 
ATOM   540  C CD1 . LEU A 1 84  ? 1.367   8.357   5.504   1.00 19.29 ? 1918 LEU A CD1 1 
ATOM   541  C CD2 . LEU A 1 84  ? 3.082   6.681   6.295   1.00 22.45 ? 1918 LEU A CD2 1 
ATOM   542  N N   . SER A 1 85  ? 5.810   10.677  4.334   1.00 21.92 ? 1919 SER A N   1 
ATOM   543  C CA  . SER A 1 85  ? 6.696   11.546  5.104   1.00 23.27 ? 1919 SER A CA  1 
ATOM   544  C C   . SER A 1 85  ? 6.656   13.013  4.676   1.00 23.16 ? 1919 SER A C   1 
ATOM   545  O O   . SER A 1 85  ? 7.235   13.873  5.356   1.00 24.59 ? 1919 SER A O   1 
ATOM   546  C CB  . SER A 1 85  ? 8.146   11.037  5.000   1.00 23.10 ? 1919 SER A CB  1 
ATOM   547  O OG  . SER A 1 85  ? 8.287   9.793   5.670   1.00 26.42 ? 1919 SER A OG  1 
ATOM   548  N N   . SER A 1 86  ? 6.006   13.295  3.553   1.00 20.31 ? 1920 SER A N   1 
ATOM   549  C CA  . SER A 1 86  ? 6.046   14.636  2.965   1.00 19.19 ? 1920 SER A CA  1 
ATOM   550  C C   . SER A 1 86  ? 4.639   15.208  2.773   1.00 21.35 ? 1920 SER A C   1 
ATOM   551  O O   . SER A 1 86  ? 4.438   16.145  1.995   1.00 21.97 ? 1920 SER A O   1 
ATOM   552  C CB  . SER A 1 86  ? 6.802   14.624  1.623   1.00 24.99 ? 1920 SER A CB  1 
ATOM   553  O OG  . SER A 1 86  ? 6.206   13.740  0.677   1.00 24.46 ? 1920 SER A OG  1 
ATOM   554  N N   . GLY A 1 87  ? 3.667   14.640  3.480   1.00 21.42 ? 1921 GLY A N   1 
ATOM   555  C CA  . GLY A 1 87  ? 2.314   15.177  3.434   1.00 21.62 ? 1921 GLY A CA  1 
ATOM   556  C C   . GLY A 1 87  ? 1.550   15.030  2.126   1.00 25.39 ? 1921 GLY A C   1 
ATOM   557  O O   . GLY A 1 87  ? 0.662   15.837  1.814   1.00 22.69 ? 1921 GLY A O   1 
ATOM   558  N N   . GLN A 1 88  ? 1.848   13.983  1.361   1.00 22.16 ? 1922 GLN A N   1 
ATOM   559  C CA  . GLN A 1 88  ? 1.204   13.817  0.064   1.00 23.59 ? 1922 GLN A CA  1 
ATOM   560  C C   . GLN A 1 88  ? -0.033  12.899  0.066   1.00 22.23 ? 1922 GLN A C   1 
ATOM   561  O O   . GLN A 1 88  ? -0.669  12.722  -0.987  1.00 22.80 ? 1922 GLN A O   1 
ATOM   562  C CB  . GLN A 1 88  ? 2.233   13.310  -0.961  1.00 21.84 ? 1922 GLN A CB  1 
ATOM   563  C CG  . GLN A 1 88  ? 3.355   14.330  -1.257  1.00 24.14 ? 1922 GLN A CG  1 
ATOM   564  C CD  . GLN A 1 88  ? 4.249   13.897  -2.408  1.00 26.87 ? 1922 GLN A CD  1 
ATOM   565  O OE1 . GLN A 1 88  ? 3.795   13.723  -3.536  1.00 28.43 ? 1922 GLN A OE1 1 
ATOM   566  N NE2 . GLN A 1 88  ? 5.520   13.691  -2.114  1.00 22.43 ? 1922 GLN A NE2 1 
ATOM   567  N N   . TYR A 1 89  ? -0.385  12.328  1.223   1.00 20.60 ? 1923 TYR A N   1 
ATOM   568  C CA  . TYR A 1 89  ? -1.691  11.652  1.372   1.00 20.69 ? 1923 TYR A CA  1 
ATOM   569  C C   . TYR A 1 89  ? -2.668  12.524  2.155   1.00 22.44 ? 1923 TYR A C   1 
ATOM   570  O O   . TYR A 1 89  ? -2.456  12.793  3.333   1.00 22.47 ? 1923 TYR A O   1 
ATOM   571  C CB  . TYR A 1 89  ? -1.553  10.292  2.077   1.00 20.94 ? 1923 TYR A CB  1 
ATOM   572  C CG  . TYR A 1 89  ? -0.745  9.295   1.266   1.00 18.64 ? 1923 TYR A CG  1 
ATOM   573  C CD1 . TYR A 1 89  ? -1.188  8.866   0.025   1.00 20.41 ? 1923 TYR A CD1 1 
ATOM   574  C CD2 . TYR A 1 89  ? 0.472   8.808   1.741   1.00 18.40 ? 1923 TYR A CD2 1 
ATOM   575  C CE1 . TYR A 1 89  ? -0.437  7.956   -0.742  1.00 20.49 ? 1923 TYR A CE1 1 
ATOM   576  C CE2 . TYR A 1 89  ? 1.235   7.904   0.982   1.00 20.50 ? 1923 TYR A CE2 1 
ATOM   577  C CZ  . TYR A 1 89  ? 0.767   7.491   -0.258  1.00 21.64 ? 1923 TYR A CZ  1 
ATOM   578  O OH  . TYR A 1 89  ? 1.485   6.605   -1.033  1.00 20.78 ? 1923 TYR A OH  1 
ATOM   579  N N   . PRO A 1 90  ? -3.758  12.947  1.498   1.00 22.06 ? 1924 PRO A N   1 
ATOM   580  C CA  . PRO A 1 90  ? -4.781  13.781  2.147   1.00 29.76 ? 1924 PRO A CA  1 
ATOM   581  C C   . PRO A 1 90  ? -5.520  13.052  3.269   1.00 32.88 ? 1924 PRO A C   1 
ATOM   582  O O   . PRO A 1 90  ? -5.913  13.680  4.257   1.00 28.13 ? 1924 PRO A O   1 
ATOM   583  C CB  . PRO A 1 90  ? -5.740  14.120  0.999   1.00 27.11 ? 1924 PRO A CB  1 
ATOM   584  C CG  . PRO A 1 90  ? -4.943  13.911  -0.257  1.00 34.79 ? 1924 PRO A CG  1 
ATOM   585  C CD  . PRO A 1 90  ? -4.004  12.785  0.055   1.00 24.68 ? 1924 PRO A CD  1 
ATOM   586  N N   . ASN A 1 91  ? -5.707  11.743  3.120   1.00 24.81 ? 1925 ASN A N   1 
ATOM   587  C CA  . ASN A 1 91  ? -6.396  10.954  4.141   1.00 24.87 ? 1925 ASN A CA  1 
ATOM   588  C C   . ASN A 1 91  ? -5.971  9.483   4.099   1.00 27.20 ? 1925 ASN A C   1 
ATOM   589  O O   . ASN A 1 91  ? -5.244  9.069   3.188   1.00 25.12 ? 1925 ASN A O   1 
ATOM   590  C CB  . ASN A 1 91  ? -7.910  11.068  3.961   1.00 27.62 ? 1925 ASN A CB  1 
ATOM   591  C CG  . ASN A 1 91  ? -8.349  10.681  2.570   1.00 31.04 ? 1925 ASN A CG  1 
ATOM   592  O OD1 . ASN A 1 91  ? -8.094  9.565   2.122   1.00 29.26 ? 1925 ASN A OD1 1 
ATOM   593  N ND2 . ASN A 1 91  ? -9.004  11.599  1.874   1.00 30.38 ? 1925 ASN A ND2 1 
ATOM   594  N N   A LEU A 1 92  ? -6.421  8.733   5.107   0.14 23.31 ? 1926 LEU A N   1 
ATOM   595  N N   B LEU A 1 92  ? -6.405  8.684   5.070   0.86 23.05 ? 1926 LEU A N   1 
ATOM   596  C CA  A LEU A 1 92  ? -6.253  7.282   5.198   0.14 26.59 ? 1926 LEU A CA  1 
ATOM   597  C CA  B LEU A 1 92  ? -5.952  7.287   5.117   0.86 26.21 ? 1926 LEU A CA  1 
ATOM   598  C C   A LEU A 1 92  ? -6.392  6.575   3.874   0.14 25.93 ? 1926 LEU A C   1 
ATOM   599  C C   B LEU A 1 92  ? -6.426  6.449   3.907   0.86 26.04 ? 1926 LEU A C   1 
ATOM   600  O O   A LEU A 1 92  ? -5.527  5.815   3.445   0.14 24.96 ? 1926 LEU A O   1 
ATOM   601  O O   B LEU A 1 92  ? -5.786  5.448   3.571   0.86 23.50 ? 1926 LEU A O   1 
ATOM   602  C CB  A LEU A 1 92  ? -7.297  6.680   6.139   0.14 26.95 ? 1926 LEU A CB  1 
ATOM   603  C CB  B LEU A 1 92  ? -6.398  6.620   6.428   0.86 29.15 ? 1926 LEU A CB  1 
ATOM   604  C CG  A LEU A 1 92  ? -7.044  6.684   7.634   0.14 26.66 ? 1926 LEU A CG  1 
ATOM   605  C CG  B LEU A 1 92  ? -7.860  6.158   6.527   0.86 23.40 ? 1926 LEU A CG  1 
ATOM   606  C CD1 A LEU A 1 92  ? -8.126  5.898   8.351   0.14 26.41 ? 1926 LEU A CD1 1 
ATOM   607  C CD1 B LEU A 1 92  ? -8.089  5.390   7.818   0.86 25.17 ? 1926 LEU A CD1 1 
ATOM   608  C CD2 A LEU A 1 92  ? -5.697  6.099   7.901   0.14 25.96 ? 1926 LEU A CD2 1 
ATOM   609  C CD2 B LEU A 1 92  ? -8.840  7.327   6.444   0.86 30.93 ? 1926 LEU A CD2 1 
ATOM   610  N N   . GLU A 1 93  ? -7.529  6.826   3.248   1.00 24.14 ? 1927 GLU A N   1 
ATOM   611  C CA  . GLU A 1 93  ? -7.972  6.055   2.090   1.00 27.82 ? 1927 GLU A CA  1 
ATOM   612  C C   . GLU A 1 93  ? -7.079  6.217   0.861   1.00 27.05 ? 1927 GLU A C   1 
ATOM   613  O O   . GLU A 1 93  ? -6.937  5.277   0.080   1.00 27.63 ? 1927 GLU A O   1 
ATOM   614  C CB  . GLU A 1 93  ? -9.409  6.422   1.721   1.00 27.61 ? 1927 GLU A CB  1 
ATOM   615  C CG  . GLU A 1 93  ? -10.431 6.184   2.848   1.00 36.12 ? 1927 GLU A CG  1 
ATOM   616  C CD  . GLU A 1 93  ? -10.537 4.719   3.303   1.00 48.51 ? 1927 GLU A CD  1 
ATOM   617  O OE1 . GLU A 1 93  ? -10.129 3.801   2.549   1.00 47.47 ? 1927 GLU A OE1 1 
ATOM   618  O OE2 . GLU A 1 93  ? -11.044 4.489   4.425   1.00 48.93 ? 1927 GLU A OE2 1 
ATOM   619  N N   . THR A 1 94  ? -6.484  7.394   0.685   1.00 22.94 ? 1928 THR A N   1 
ATOM   620  C CA  . THR A 1 94  ? -5.563  7.587   -0.432  1.00 20.86 ? 1928 THR A CA  1 
ATOM   621  C C   . THR A 1 94  ? -4.283  6.771   -0.196  1.00 23.10 ? 1928 THR A C   1 
ATOM   622  O O   . THR A 1 94  ? -3.655  6.307   -1.147  1.00 22.27 ? 1928 THR A O   1 
ATOM   623  C CB  . THR A 1 94  ? -5.210  9.077   -0.642  1.00 26.69 ? 1928 THR A CB  1 
ATOM   624  O OG1 . THR A 1 94  ? -4.653  9.621   0.558   1.00 25.40 ? 1928 THR A OG1 1 
ATOM   625  C CG2 . THR A 1 94  ? -6.462  9.872   -1.003  1.00 28.05 ? 1928 THR A CG2 1 
ATOM   626  N N   . PHE A 1 95  ? -3.917  6.592   1.070   1.00 21.34 ? 1929 PHE A N   1 
ATOM   627  C CA  . PHE A 1 95  ? -2.771  5.738   1.435   1.00 21.89 ? 1929 PHE A CA  1 
ATOM   628  C C   . PHE A 1 95  ? -3.084  4.286   1.065   1.00 24.25 ? 1929 PHE A C   1 
ATOM   629  O O   . PHE A 1 95  ? -2.295  3.619   0.400   1.00 21.15 ? 1929 PHE A O   1 
ATOM   630  C CB  . PHE A 1 95  ? -2.456  5.881   2.931   1.00 19.09 ? 1929 PHE A CB  1 
ATOM   631  C CG  . PHE A 1 95  ? -1.517  4.833   3.475   1.00 20.92 ? 1929 PHE A CG  1 
ATOM   632  C CD1 . PHE A 1 95  ? -0.145  4.981   3.352   1.00 20.92 ? 1929 PHE A CD1 1 
ATOM   633  C CD2 . PHE A 1 95  ? -2.011  3.718   4.144   1.00 19.95 ? 1929 PHE A CD2 1 
ATOM   634  C CE1 . PHE A 1 95  ? 0.732   4.026   3.864   1.00 17.72 ? 1929 PHE A CE1 1 
ATOM   635  C CE2 . PHE A 1 95  ? -1.159  2.756   4.666   1.00 18.94 ? 1929 PHE A CE2 1 
ATOM   636  C CZ  . PHE A 1 95  ? 0.229   2.910   4.524   1.00 18.72 ? 1929 PHE A CZ  1 
ATOM   637  N N   . ALA A 1 96  ? -4.264  3.799   1.446   1.00 18.77 ? 1930 ALA A N   1 
ATOM   638  C CA  . ALA A 1 96  ? -4.606  2.406   1.139   1.00 20.41 ? 1930 ALA A CA  1 
ATOM   639  C C   . ALA A 1 96  ? -4.733  2.160   -0.376  1.00 21.49 ? 1930 ALA A C   1 
ATOM   640  O O   . ALA A 1 96  ? -4.424  1.058   -0.862  1.00 20.38 ? 1930 ALA A O   1 
ATOM   641  C CB  . ALA A 1 96  ? -5.894  1.997   1.865   1.00 22.38 ? 1930 ALA A CB  1 
ATOM   642  N N   . LEU A 1 97  ? -5.168  3.170   -1.130  1.00 20.85 ? 1931 LEU A N   1 
ATOM   643  C CA  . LEU A 1 97  ? -5.241  3.029   -2.591  1.00 23.65 ? 1931 LEU A CA  1 
ATOM   644  C C   . LEU A 1 97  ? -3.864  2.751   -3.208  1.00 21.61 ? 1931 LEU A C   1 
ATOM   645  O O   . LEU A 1 97  ? -3.742  1.924   -4.123  1.00 21.88 ? 1931 LEU A O   1 
ATOM   646  C CB  . LEU A 1 97  ? -5.852  4.277   -3.237  1.00 27.41 ? 1931 LEU A CB  1 
ATOM   647  C CG  . LEU A 1 97  ? -7.359  4.477   -3.060  1.00 36.84 ? 1931 LEU A CG  1 
ATOM   648  C CD1 . LEU A 1 97  ? -7.783  5.784   -3.713  1.00 36.69 ? 1931 LEU A CD1 1 
ATOM   649  C CD2 . LEU A 1 97  ? -8.134  3.305   -3.653  1.00 35.55 ? 1931 LEU A CD2 1 
ATOM   650  N N   . ASP A 1 98  ? -2.836  3.451   -2.719  1.00 19.35 ? 1932 ASP A N   1 
ATOM   651  C CA  . ASP A 1 98  ? -1.467  3.244   -3.216  1.00 20.55 ? 1932 ASP A CA  1 
ATOM   652  C C   . ASP A 1 98  ? -0.902  1.890   -2.792  1.00 23.10 ? 1932 ASP A C   1 
ATOM   653  O O   . ASP A 1 98  ? -0.182  1.258   -3.562  1.00 19.08 ? 1932 ASP A O   1 
ATOM   654  C CB  . ASP A 1 98  ? -0.533  4.356   -2.731  1.00 19.78 ? 1932 ASP A CB  1 
ATOM   655  C CG  . ASP A 1 98  ? -0.347  5.461   -3.761  1.00 21.94 ? 1932 ASP A CG  1 
ATOM   656  O OD1 . ASP A 1 98  ? -0.995  5.423   -4.838  1.00 24.29 ? 1932 ASP A OD1 1 
ATOM   657  O OD2 . ASP A 1 98  ? 0.439   6.395   -3.485  1.00 21.77 ? 1932 ASP A OD2 1 
ATOM   658  N N   . VAL A 1 99  ? -1.201  1.446   -1.571  1.00 19.14 ? 1933 VAL A N   1 
ATOM   659  C CA  . VAL A 1 99  ? -0.743  0.118   -1.163  1.00 16.66 ? 1933 VAL A CA  1 
ATOM   660  C C   . VAL A 1 99  ? -1.370  -0.960  -2.066  1.00 19.33 ? 1933 VAL A C   1 
ATOM   661  O O   . VAL A 1 99  ? -0.680  -1.856  -2.564  1.00 21.11 ? 1933 VAL A O   1 
ATOM   662  C CB  . VAL A 1 99  ? -1.073  -0.202  0.328   1.00 16.71 ? 1933 VAL A CB  1 
ATOM   663  C CG1 . VAL A 1 99  ? -0.697  -1.650  0.661   1.00 20.26 ? 1933 VAL A CG1 1 
ATOM   664  C CG2 . VAL A 1 99  ? -0.339  0.767   1.269   1.00 19.09 ? 1933 VAL A CG2 1 
ATOM   665  N N   . ARG A 1 100 ? -2.681  -0.871  -2.274  1.00 22.36 ? 1934 ARG A N   1 
ATOM   666  C CA  . ARG A 1 100 ? -3.377  -1.861  -3.099  1.00 21.04 ? 1934 ARG A CA  1 
ATOM   667  C C   . ARG A 1 100 ? -2.888  -1.852  -4.553  1.00 21.23 ? 1934 ARG A C   1 
ATOM   668  O O   . ARG A 1 100 ? -2.788  -2.916  -5.186  1.00 22.38 ? 1934 ARG A O   1 
ATOM   669  C CB  . ARG A 1 100 ? -4.893  -1.625  -3.019  1.00 21.41 ? 1934 ARG A CB  1 
ATOM   670  C CG  . ARG A 1 100 ? -5.426  -2.038  -1.655  1.00 23.18 ? 1934 ARG A CG  1 
ATOM   671  C CD  . ARG A 1 100 ? -6.856  -1.571  -1.397  1.00 22.30 ? 1934 ARG A CD  1 
ATOM   672  N NE  . ARG A 1 100 ? -7.270  -1.971  -0.052  1.00 24.48 ? 1934 ARG A NE  1 
ATOM   673  C CZ  . ARG A 1 100 ? -8.095  -1.272  0.722   1.00 32.68 ? 1934 ARG A CZ  1 
ATOM   674  N NH1 . ARG A 1 100 ? -8.611  -0.133  0.282   1.00 30.59 ? 1934 ARG A NH1 1 
ATOM   675  N NH2 . ARG A 1 100 ? -8.402  -1.714  1.939   1.00 29.99 ? 1934 ARG A NH2 1 
ATOM   676  N N   . LEU A 1 101 ? -2.555  -0.667  -5.059  1.00 20.08 ? 1935 LEU A N   1 
ATOM   677  C CA  . LEU A 1 101 ? -1.955  -0.514  -6.389  1.00 20.29 ? 1935 LEU A CA  1 
ATOM   678  C C   . LEU A 1 101 ? -0.666  -1.343  -6.541  1.00 21.60 ? 1935 LEU A C   1 
ATOM   679  O O   . LEU A 1 101 ? -0.433  -1.953  -7.592  1.00 22.05 ? 1935 LEU A O   1 
ATOM   680  C CB  . LEU A 1 101 ? -1.681  0.973   -6.670  1.00 21.88 ? 1935 LEU A CB  1 
ATOM   681  C CG  . LEU A 1 101 ? -1.027  1.371   -8.003  1.00 21.72 ? 1935 LEU A CG  1 
ATOM   682  C CD1 . LEU A 1 101 ? -1.831  0.910   -9.226  1.00 22.84 ? 1935 LEU A CD1 1 
ATOM   683  C CD2 . LEU A 1 101 ? -0.801  2.885   -8.033  1.00 23.68 ? 1935 LEU A CD2 1 
ATOM   684  N N   . VAL A 1 102 ? 0.173   -1.381  -5.503  1.00 19.52 ? 1936 VAL A N   1 
ATOM   685  C CA  . VAL A 1 102 ? 1.365   -2.236  -5.554  1.00 18.48 ? 1936 VAL A CA  1 
ATOM   686  C C   . VAL A 1 102 ? 0.965   -3.681  -5.896  1.00 22.81 ? 1936 VAL A C   1 
ATOM   687  O O   . VAL A 1 102 ? 1.558   -4.313  -6.781  1.00 21.33 ? 1936 VAL A O   1 
ATOM   688  C CB  . VAL A 1 102 ? 2.150   -2.232  -4.210  1.00 16.90 ? 1936 VAL A CB  1 
ATOM   689  C CG1 . VAL A 1 102 ? 3.324   -3.245  -4.238  1.00 18.70 ? 1936 VAL A CG1 1 
ATOM   690  C CG2 . VAL A 1 102 ? 2.667   -0.828  -3.877  1.00 17.62 ? 1936 VAL A CG2 1 
ATOM   691  N N   . PHE A 1 103 ? -0.041  -4.203  -5.197  1.00 18.35 ? 1937 PHE A N   1 
ATOM   692  C CA  . PHE A 1 103 ? -0.421  -5.599  -5.362  1.00 19.25 ? 1937 PHE A CA  1 
ATOM   693  C C   . PHE A 1 103 ? -1.277  -5.816  -6.621  1.00 19.98 ? 1937 PHE A C   1 
ATOM   694  O O   . PHE A 1 103 ? -1.232  -6.893  -7.226  1.00 24.76 ? 1937 PHE A O   1 
ATOM   695  C CB  . PHE A 1 103 ? -1.141  -6.087  -4.089  1.00 20.03 ? 1937 PHE A CB  1 
ATOM   696  C CG  . PHE A 1 103 ? -0.345  -5.838  -2.843  1.00 16.65 ? 1937 PHE A CG  1 
ATOM   697  C CD1 . PHE A 1 103 ? 1.015   -6.121  -2.828  1.00 20.98 ? 1937 PHE A CD1 1 
ATOM   698  C CD2 . PHE A 1 103 ? -0.933  -5.279  -1.709  1.00 24.19 ? 1937 PHE A CD2 1 
ATOM   699  C CE1 . PHE A 1 103 ? 1.781   -5.863  -1.702  1.00 21.30 ? 1937 PHE A CE1 1 
ATOM   700  C CE2 . PHE A 1 103 ? -0.175  -5.027  -0.566  1.00 24.28 ? 1937 PHE A CE2 1 
ATOM   701  C CZ  . PHE A 1 103 ? 1.183   -5.325  -0.565  1.00 20.93 ? 1937 PHE A CZ  1 
ATOM   702  N N   . ASP A 1 104 ? -2.010  -4.798  -7.052  1.00 21.33 ? 1938 ASP A N   1 
ATOM   703  C CA  . ASP A 1 104 ? -2.759  -4.937  -8.304  1.00 22.54 ? 1938 ASP A CA  1 
ATOM   704  C C   . ASP A 1 104 ? -1.796  -4.973  -9.494  1.00 25.42 ? 1938 ASP A C   1 
ATOM   705  O O   . ASP A 1 104 ? -1.972  -5.775  -10.424 1.00 23.17 ? 1938 ASP A O   1 
ATOM   706  C CB  . ASP A 1 104 ? -3.790  -3.810  -8.462  1.00 25.26 ? 1938 ASP A CB  1 
ATOM   707  C CG  . ASP A 1 104 ? -4.964  -3.963  -7.516  1.00 25.52 ? 1938 ASP A CG  1 
ATOM   708  O OD1 . ASP A 1 104 ? -5.147  -5.073  -6.967  1.00 24.47 ? 1938 ASP A OD1 1 
ATOM   709  O OD2 . ASP A 1 104 ? -5.730  -2.986  -7.342  1.00 28.62 ? 1938 ASP A OD2 1 
ATOM   710  N N   . ASN A 1 105 ? -0.767  -4.124  -9.455  1.00 24.38 ? 1939 ASN A N   1 
ATOM   711  C CA  . ASN A 1 105 ? 0.279   -4.148  -10.477 1.00 23.17 ? 1939 ASN A CA  1 
ATOM   712  C C   . ASN A 1 105 ? 0.981   -5.501  -10.523 1.00 27.48 ? 1939 ASN A C   1 
ATOM   713  O O   . ASN A 1 105 ? 1.233   -6.043  -11.609 1.00 26.36 ? 1939 ASN A O   1 
ATOM   714  C CB  . ASN A 1 105 ? 1.328   -3.054  -10.221 1.00 20.30 ? 1939 ASN A CB  1 
ATOM   715  C CG  . ASN A 1 105 ? 0.825   -1.658  -10.532 1.00 23.76 ? 1939 ASN A CG  1 
ATOM   716  O OD1 . ASN A 1 105 ? -0.210  -1.474  -11.181 1.00 24.99 ? 1939 ASN A OD1 1 
ATOM   717  N ND2 . ASN A 1 105 ? 1.570   -0.651  -10.064 1.00 21.99 ? 1939 ASN A ND2 1 
ATOM   718  N N   . CYS A 1 106 ? 1.306   -6.038  -9.341  1.00 19.87 ? 1940 CYS A N   1 
ATOM   719  C CA  . CYS A 1 106 ? 1.969   -7.339  -9.239  1.00 21.98 ? 1940 CYS A CA  1 
ATOM   720  C C   . CYS A 1 106 ? 1.147   -8.445  -9.908  1.00 20.67 ? 1940 CYS A C   1 
ATOM   721  O O   . CYS A 1 106 ? 1.690   -9.295  -10.610 1.00 24.53 ? 1940 CYS A O   1 
ATOM   722  C CB  . CYS A 1 106 ? 2.236   -7.700  -7.769  1.00 19.90 ? 1940 CYS A CB  1 
ATOM   723  S SG  . CYS A 1 106 ? 3.240   -9.210  -7.517  1.00 22.08 ? 1940 CYS A SG  1 
ATOM   724  N N   . GLU A 1 107 ? -0.167  -8.433  -9.703  1.00 22.43 ? 1941 GLU A N   1 
ATOM   725  C CA  . GLU A 1 107 ? -0.994  -9.480  -10.300 1.00 26.55 ? 1941 GLU A CA  1 
ATOM   726  C C   . GLU A 1 107 ? -1.038  -9.359  -11.819 1.00 30.26 ? 1941 GLU A C   1 
ATOM   727  O O   . GLU A 1 107 ? -1.099  -10.360 -12.537 1.00 28.69 ? 1941 GLU A O   1 
ATOM   728  C CB  . GLU A 1 107 ? -2.407  -9.434  -9.739  1.00 27.85 ? 1941 GLU A CB  1 
ATOM   729  C CG  . GLU A 1 107 ? -2.555  -10.099 -8.391  1.00 37.00 ? 1941 GLU A CG  1 
ATOM   730  C CD  . GLU A 1 107 ? -4.003  -10.457 -8.090  1.00 44.92 ? 1941 GLU A CD  1 
ATOM   731  O OE1 . GLU A 1 107 ? -4.619  -11.164 -8.917  1.00 42.74 ? 1941 GLU A OE1 1 
ATOM   732  O OE2 . GLU A 1 107 ? -4.526  -10.035 -7.035  1.00 41.60 ? 1941 GLU A OE2 1 
ATOM   733  N N   . THR A 1 108 ? -1.016  -8.125  -12.303 1.00 25.89 ? 1942 THR A N   1 
ATOM   734  C CA  . THR A 1 108 ? -1.111  -7.855  -13.735 1.00 26.10 ? 1942 THR A CA  1 
ATOM   735  C C   . THR A 1 108 ? 0.099   -8.417  -14.470 1.00 30.99 ? 1942 THR A C   1 
ATOM   736  O O   . THR A 1 108 ? -0.015  -8.943  -15.587 1.00 28.80 ? 1942 THR A O   1 
ATOM   737  C CB  . THR A 1 108 ? -1.229  -6.338  -13.999 1.00 30.69 ? 1942 THR A CB  1 
ATOM   738  O OG1 . THR A 1 108 ? -2.510  -5.877  -13.545 1.00 32.05 ? 1942 THR A OG1 1 
ATOM   739  C CG2 . THR A 1 108 ? -1.084  -6.019  -15.486 1.00 31.10 ? 1942 THR A CG2 1 
ATOM   740  N N   . PHE A 1 109 ? 1.257   -8.333  -13.819 1.00 24.15 ? 1943 PHE A N   1 
ATOM   741  C CA  . PHE A 1 109 ? 2.527   -8.605  -14.485 1.00 26.12 ? 1943 PHE A CA  1 
ATOM   742  C C   . PHE A 1 109 ? 3.119   -9.981  -14.182 1.00 33.05 ? 1943 PHE A C   1 
ATOM   743  O O   . PHE A 1 109 ? 3.992   -10.455 -14.915 1.00 29.30 ? 1943 PHE A O   1 
ATOM   744  C CB  . PHE A 1 109 ? 3.547   -7.521  -14.108 1.00 25.30 ? 1943 PHE A CB  1 
ATOM   745  C CG  . PHE A 1 109 ? 4.689   -7.388  -15.087 1.00 26.49 ? 1943 PHE A CG  1 
ATOM   746  C CD1 . PHE A 1 109 ? 4.521   -6.691  -16.277 1.00 25.44 ? 1943 PHE A CD1 1 
ATOM   747  C CD2 . PHE A 1 109 ? 5.937   -7.930  -14.805 1.00 24.58 ? 1943 PHE A CD2 1 
ATOM   748  C CE1 . PHE A 1 109 ? 5.584   -6.555  -17.186 1.00 26.41 ? 1943 PHE A CE1 1 
ATOM   749  C CE2 . PHE A 1 109 ? 7.001   -7.794  -15.699 1.00 27.00 ? 1943 PHE A CE2 1 
ATOM   750  C CZ  . PHE A 1 109 ? 6.818   -7.104  -16.894 1.00 27.00 ? 1943 PHE A CZ  1 
ATOM   751  N N   . ASN A 1 110 ? 2.653   -10.620 -13.113 1.00 25.66 ? 1944 ASN A N   1 
ATOM   752  C CA  . ASN A 1 110 ? 3.239   -11.881 -12.667 1.00 26.20 ? 1944 ASN A CA  1 
ATOM   753  C C   . ASN A 1 110 ? 2.219   -13.026 -12.570 1.00 24.01 ? 1944 ASN A C   1 
ATOM   754  O O   . ASN A 1 110 ? 1.081   -12.827 -12.132 1.00 27.15 ? 1944 ASN A O   1 
ATOM   755  C CB  . ASN A 1 110 ? 3.929   -11.698 -11.301 1.00 23.82 ? 1944 ASN A CB  1 
ATOM   756  C CG  . ASN A 1 110 ? 5.068   -10.677 -11.340 1.00 28.82 ? 1944 ASN A CG  1 
ATOM   757  O OD1 . ASN A 1 110 ? 6.207   -11.001 -11.693 1.00 27.88 ? 1944 ASN A OD1 1 
ATOM   758  N ND2 . ASN A 1 110 ? 4.768   -9.441  -10.954 1.00 22.86 ? 1944 ASN A ND2 1 
ATOM   759  N N   . GLU A 1 111 ? 2.630   -14.220 -13.002 1.00 29.51 ? 1945 GLU A N   1 
ATOM   760  C CA  . GLU A 1 111 ? 1.829   -15.429 -12.800 1.00 25.89 ? 1945 GLU A CA  1 
ATOM   761  C C   . GLU A 1 111 ? 1.620   -15.669 -11.306 1.00 26.30 ? 1945 GLU A C   1 
ATOM   762  O O   . GLU A 1 111 ? 2.531   -15.433 -10.522 1.00 27.56 ? 1945 GLU A O   1 
ATOM   763  C CB  A GLU A 1 111 ? 2.513   -16.649 -13.421 0.45 33.89 ? 1945 GLU A CB  1 
ATOM   764  C CB  B GLU A 1 111 ? 2.508   -16.641 -13.444 0.55 33.89 ? 1945 GLU A CB  1 
ATOM   765  C CG  A GLU A 1 111 ? 3.080   -16.429 -14.814 0.45 34.05 ? 1945 GLU A CG  1 
ATOM   766  C CG  B GLU A 1 111 ? 2.489   -16.633 -14.970 0.55 33.43 ? 1945 GLU A CG  1 
ATOM   767  C CD  A GLU A 1 111 ? 4.101   -17.484 -15.189 0.45 42.98 ? 1945 GLU A CD  1 
ATOM   768  C CD  B GLU A 1 111 ? 1.137   -17.007 -15.537 0.55 37.97 ? 1945 GLU A CD  1 
ATOM   769  O OE1 A GLU A 1 111 ? 3.715   -18.666 -15.307 0.45 42.77 ? 1945 GLU A OE1 1 
ATOM   770  O OE1 B GLU A 1 111 ? 0.323   -17.596 -14.794 0.55 42.20 ? 1945 GLU A OE1 1 
ATOM   771  O OE2 A GLU A 1 111 ? 5.291   -17.134 -15.358 0.45 42.11 ? 1945 GLU A OE2 1 
ATOM   772  O OE2 B GLU A 1 111 ? 0.885   -16.710 -16.725 0.55 41.89 ? 1945 GLU A OE2 1 
ATOM   773  N N   . ASP A 1 112 ? 0.440   -16.158 -10.921 1.00 31.86 ? 1946 ASP A N   1 
ATOM   774  C CA  . ASP A 1 112 ? 0.134   -16.411 -9.506  1.00 30.86 ? 1946 ASP A CA  1 
ATOM   775  C C   . ASP A 1 112 ? 1.131   -17.338 -8.809  1.00 32.93 ? 1946 ASP A C   1 
ATOM   776  O O   . ASP A 1 112 ? 1.369   -17.201 -7.611  1.00 36.75 ? 1946 ASP A O   1 
ATOM   777  C CB  . ASP A 1 112 ? -1.263  -17.016 -9.343  1.00 28.36 ? 1946 ASP A CB  1 
ATOM   778  C CG  . ASP A 1 112 ? -2.368  -16.052 -9.698  1.00 39.55 ? 1946 ASP A CG  1 
ATOM   779  O OD1 . ASP A 1 112 ? -2.165  -14.821 -9.588  1.00 36.48 ? 1946 ASP A OD1 1 
ATOM   780  O OD2 . ASP A 1 112 ? -3.452  -16.534 -10.086 1.00 36.03 ? 1946 ASP A OD2 1 
ATOM   781  N N   . ASP A 1 113 ? 1.703   -18.286 -9.544  1.00 40.88 ? 1947 ASP A N   1 
ATOM   782  C CA  . ASP A 1 113 ? 2.574   -19.273 -8.908  1.00 46.96 ? 1947 ASP A CA  1 
ATOM   783  C C   . ASP A 1 113 ? 4.062   -18.983 -9.072  1.00 44.43 ? 1947 ASP A C   1 
ATOM   784  O O   . ASP A 1 113 ? 4.901   -19.812 -8.719  1.00 49.23 ? 1947 ASP A O   1 
ATOM   785  C CB  . ASP A 1 113 ? 2.251   -20.672 -9.430  1.00 51.48 ? 1947 ASP A CB  1 
ATOM   786  C CG  . ASP A 1 113 ? 0.956   -21.214 -8.851  1.00 63.43 ? 1947 ASP A CG  1 
ATOM   787  O OD1 . ASP A 1 113 ? 0.675   -20.930 -7.665  1.00 57.00 ? 1947 ASP A OD1 1 
ATOM   788  O OD2 . ASP A 1 113 ? 0.219   -21.915 -9.576  1.00 78.09 ? 1947 ASP A OD2 1 
ATOM   789  N N   . SER A 1 114 ? 4.395   -17.804 -9.585  1.00 31.25 ? 1948 SER A N   1 
ATOM   790  C CA  . SER A 1 114 ? 5.784   -17.371 -9.596  1.00 29.17 ? 1948 SER A CA  1 
ATOM   791  C C   . SER A 1 114 ? 6.148   -16.925 -8.188  1.00 30.09 ? 1948 SER A C   1 
ATOM   792  O O   . SER A 1 114 ? 5.255   -16.712 -7.355  1.00 28.28 ? 1948 SER A O   1 
ATOM   793  C CB  . SER A 1 114 ? 5.996   -16.227 -10.583 1.00 29.18 ? 1948 SER A CB  1 
ATOM   794  O OG  . SER A 1 114 ? 5.213   -15.103 -10.216 1.00 28.68 ? 1948 SER A OG  1 
ATOM   795  N N   . ASP A 1 115 ? 7.442   -16.778 -7.914  1.00 30.31 ? 1949 ASP A N   1 
ATOM   796  C CA  . ASP A 1 115 ? 7.882   -16.312 -6.596  1.00 30.75 ? 1949 ASP A CA  1 
ATOM   797  C C   . ASP A 1 115 ? 7.353   -14.909 -6.301  1.00 28.54 ? 1949 ASP A C   1 
ATOM   798  O O   . ASP A 1 115 ? 6.894   -14.646 -5.191  1.00 26.22 ? 1949 ASP A O   1 
ATOM   799  C CB  . ASP A 1 115 ? 9.405   -16.314 -6.473  1.00 27.80 ? 1949 ASP A CB  1 
ATOM   800  C CG  . ASP A 1 115 ? 9.997   -17.706 -6.531  1.00 39.80 ? 1949 ASP A CG  1 
ATOM   801  O OD1 . ASP A 1 115 ? 9.724   -18.511 -5.615  1.00 34.03 ? 1949 ASP A OD1 1 
ATOM   802  O OD2 . ASP A 1 115 ? 10.759  -17.983 -7.481  1.00 38.11 ? 1949 ASP A OD2 1 
ATOM   803  N N   . ILE A 1 116 ? 7.423   -14.014 -7.288  1.00 26.89 ? 1950 ILE A N   1 
ATOM   804  C CA  . ILE A 1 116 ? 6.946   -12.639 -7.097  1.00 19.12 ? 1950 ILE A CA  1 
ATOM   805  C C   . ILE A 1 116 ? 5.420   -12.610 -6.983  1.00 25.18 ? 1950 ILE A C   1 
ATOM   806  O O   . ILE A 1 116 ? 4.860   -11.906 -6.129  1.00 23.45 ? 1950 ILE A O   1 
ATOM   807  C CB  . ILE A 1 116 ? 7.440   -11.718 -8.247  1.00 25.21 ? 1950 ILE A CB  1 
ATOM   808  C CG1 . ILE A 1 116 ? 8.968   -11.583 -8.171  1.00 28.98 ? 1950 ILE A CG1 1 
ATOM   809  C CG2 . ILE A 1 116 ? 6.786   -10.329 -8.166  1.00 21.52 ? 1950 ILE A CG2 1 
ATOM   810  C CD1 . ILE A 1 116 ? 9.596   -10.791 -9.321  1.00 27.46 ? 1950 ILE A CD1 1 
ATOM   811  N N   . GLY A 1 117 ? 4.756   -13.391 -7.827  1.00 22.80 ? 1951 GLY A N   1 
ATOM   812  C CA  . GLY A 1 117 ? 3.305   -13.524 -7.772  1.00 22.09 ? 1951 GLY A CA  1 
ATOM   813  C C   . GLY A 1 117 ? 2.795   -13.968 -6.403  1.00 25.51 ? 1951 GLY A C   1 
ATOM   814  O O   . GLY A 1 117 ? 1.849   -13.382 -5.863  1.00 23.17 ? 1951 GLY A O   1 
ATOM   815  N N   . ARG A 1 118 ? 3.402   -15.015 -5.847  1.00 22.82 ? 1952 ARG A N   1 
ATOM   816  C CA  A ARG A 1 118 ? 3.059   -15.531 -4.522  0.48 26.33 ? 1952 ARG A CA  1 
ATOM   817  C CA  B ARG A 1 118 ? 2.974   -15.501 -4.541  0.52 26.27 ? 1952 ARG A CA  1 
ATOM   818  C C   . ARG A 1 118 ? 3.327   -14.490 -3.442  1.00 24.01 ? 1952 ARG A C   1 
ATOM   819  O O   . ARG A 1 118 ? 2.535   -14.292 -2.521  1.00 24.64 ? 1952 ARG A O   1 
ATOM   820  C CB  A ARG A 1 118 ? 3.866   -16.796 -4.209  0.48 30.68 ? 1952 ARG A CB  1 
ATOM   821  C CB  B ARG A 1 118 ? 3.590   -16.869 -4.231  0.52 31.35 ? 1952 ARG A CB  1 
ATOM   822  C CG  A ARG A 1 118 ? 3.283   -18.094 -4.737  0.48 32.04 ? 1952 ARG A CG  1 
ATOM   823  C CG  B ARG A 1 118 ? 3.045   -17.526 -2.957  0.52 25.75 ? 1952 ARG A CG  1 
ATOM   824  C CD  A ARG A 1 118 ? 3.965   -19.297 -4.080  0.48 38.39 ? 1952 ARG A CD  1 
ATOM   825  C CD  B ARG A 1 118 ? 1.518   -17.542 -2.916  0.52 27.29 ? 1952 ARG A CD  1 
ATOM   826  N NE  A ARG A 1 118 ? 5.311   -19.524 -4.601  0.48 34.23 ? 1952 ARG A NE  1 
ATOM   827  N NE  B ARG A 1 118 ? 0.935   -18.187 -4.091  0.52 26.98 ? 1952 ARG A NE  1 
ATOM   828  C CZ  A ARG A 1 118 ? 5.573   -20.198 -5.715  0.48 34.37 ? 1952 ARG A CZ  1 
ATOM   829  C CZ  B ARG A 1 118 ? -0.353  -18.143 -4.405  0.52 32.97 ? 1952 ARG A CZ  1 
ATOM   830  N NH1 A ARG A 1 118 ? 6.826   -20.350 -6.121  0.48 38.26 ? 1952 ARG A NH1 1 
ATOM   831  N NH1 B ARG A 1 118 ? -0.792  -18.756 -5.500  0.52 30.17 ? 1952 ARG A NH1 1 
ATOM   832  N NH2 A ARG A 1 118 ? 4.580   -20.717 -6.422  0.48 41.25 ? 1952 ARG A NH2 1 
ATOM   833  N NH2 B ARG A 1 118 ? -1.202  -17.481 -3.632  0.52 30.87 ? 1952 ARG A NH2 1 
ATOM   834  N N   . ALA A 1 119 ? 4.490   -13.851 -3.547  1.00 23.04 ? 1953 ALA A N   1 
ATOM   835  C CA  . ALA A 1 119 ? 4.869   -12.797 -2.605  1.00 21.40 ? 1953 ALA A CA  1 
ATOM   836  C C   . ALA A 1 119 ? 3.814   -11.696 -2.560  1.00 22.10 ? 1953 ALA A C   1 
ATOM   837  O O   . ALA A 1 119 ? 3.461   -11.215 -1.476  1.00 20.80 ? 1953 ALA A O   1 
ATOM   838  C CB  . ALA A 1 119 ? 6.239   -12.210 -2.973  1.00 23.26 ? 1953 ALA A CB  1 
ATOM   839  N N   . GLY A 1 120 ? 3.321   -11.285 -3.728  1.00 19.26 ? 1954 GLY A N   1 
ATOM   840  C CA  . GLY A 1 120 ? 2.273   -10.275 -3.791  1.00 20.98 ? 1954 GLY A CA  1 
ATOM   841  C C   . GLY A 1 120 ? 0.973   -10.705 -3.126  1.00 25.11 ? 1954 GLY A C   1 
ATOM   842  O O   . GLY A 1 120 ? 0.377   -9.945  -2.352  1.00 18.83 ? 1954 GLY A O   1 
ATOM   843  N N   . HIS A 1 121 ? 0.513   -11.921 -3.422  1.00 23.61 ? 1955 HIS A N   1 
ATOM   844  C CA  . HIS A 1 121 ? -0.681  -12.433 -2.754  1.00 20.78 ? 1955 HIS A CA  1 
ATOM   845  C C   . HIS A 1 121 ? -0.511  -12.477 -1.230  1.00 20.57 ? 1955 HIS A C   1 
ATOM   846  O O   . HIS A 1 121 ? -1.422  -12.076 -0.484  1.00 21.22 ? 1955 HIS A O   1 
ATOM   847  C CB  . HIS A 1 121 ? -1.045  -13.825 -3.298  1.00 20.40 ? 1955 HIS A CB  1 
ATOM   848  C CG  . HIS A 1 121 ? -1.618  -13.797 -4.682  1.00 27.75 ? 1955 HIS A CG  1 
ATOM   849  N ND1 . HIS A 1 121 ? -2.806  -13.168 -4.982  1.00 32.16 ? 1955 HIS A ND1 1 
ATOM   850  C CD2 . HIS A 1 121 ? -1.171  -14.334 -5.843  1.00 28.71 ? 1955 HIS A CD2 1 
ATOM   851  C CE1 . HIS A 1 121 ? -3.062  -13.306 -6.272  1.00 34.76 ? 1955 HIS A CE1 1 
ATOM   852  N NE2 . HIS A 1 121 ? -2.084  -14.006 -6.819  1.00 30.56 ? 1955 HIS A NE2 1 
ATOM   853  N N   . ASN A 1 122 ? 0.640   -12.955 -0.760  1.00 20.63 ? 1956 ASN A N   1 
ATOM   854  C CA  . ASN A 1 122 ? 0.923   -12.996 0.674   1.00 21.81 ? 1956 ASN A CA  1 
ATOM   855  C C   . ASN A 1 122 ? 0.897   -11.613 1.332   1.00 26.52 ? 1956 ASN A C   1 
ATOM   856  O O   . ASN A 1 122 ? 0.335   -11.447 2.415   1.00 21.75 ? 1956 ASN A O   1 
ATOM   857  C CB  . ASN A 1 122 ? 2.291   -13.618 0.930   1.00 20.50 ? 1956 ASN A CB  1 
ATOM   858  C CG  . ASN A 1 122 ? 2.318   -15.120 0.697   1.00 24.21 ? 1956 ASN A CG  1 
ATOM   859  O OD1 . ASN A 1 122 ? 1.299   -15.751 0.405   1.00 24.88 ? 1956 ASN A OD1 1 
ATOM   860  N ND2 . ASN A 1 122 ? 3.509   -15.698 0.813   1.00 24.22 ? 1956 ASN A ND2 1 
ATOM   861  N N   . MET A 1 123 ? 1.510   -10.624 0.678   1.00 18.33 ? 1957 MET A N   1 
ATOM   862  C CA  A MET A 1 123 ? 1.591   -9.273  1.242   0.65 17.91 ? 1957 MET A CA  1 
ATOM   863  C CA  B MET A 1 123 ? 1.591   -9.281  1.245   0.35 17.98 ? 1957 MET A CA  1 
ATOM   864  C C   . MET A 1 123 ? 0.241   -8.569  1.239   1.00 20.23 ? 1957 MET A C   1 
ATOM   865  O O   . MET A 1 123 ? -0.055  -7.773  2.130   1.00 20.88 ? 1957 MET A O   1 
ATOM   866  C CB  A MET A 1 123 ? 2.612   -8.420  0.477   0.65 21.93 ? 1957 MET A CB  1 
ATOM   867  C CB  B MET A 1 123 ? 2.631   -8.451  0.488   0.35 21.91 ? 1957 MET A CB  1 
ATOM   868  C CG  A MET A 1 123 ? 4.064   -8.879  0.625   0.65 20.59 ? 1957 MET A CG  1 
ATOM   869  C CG  B MET A 1 123 ? 4.049   -8.969  0.674   0.35 20.59 ? 1957 MET A CG  1 
ATOM   870  S SD  A MET A 1 123 ? 4.685   -8.963  2.319   0.65 20.07 ? 1957 MET A SD  1 
ATOM   871  S SD  B MET A 1 123 ? 5.163   -7.818  1.498   0.35 21.51 ? 1957 MET A SD  1 
ATOM   872  C CE  A MET A 1 123 ? 4.636   -7.227  2.803   0.65 20.58 ? 1957 MET A CE  1 
ATOM   873  C CE  B MET A 1 123 ? 4.277   -7.482  3.025   0.35 21.21 ? 1957 MET A CE  1 
ATOM   874  N N   . ARG A 1 124 ? -0.569  -8.851  0.233   1.00 17.41 ? 1958 ARG A N   1 
ATOM   875  C CA  . ARG A 1 124 ? -1.913  -8.268  0.199   1.00 17.60 ? 1958 ARG A CA  1 
ATOM   876  C C   . ARG A 1 124 ? -2.699  -8.775  1.405   1.00 22.49 ? 1958 ARG A C   1 
ATOM   877  O O   . ARG A 1 124 ? -3.332  -7.987  2.120   1.00 21.21 ? 1958 ARG A O   1 
ATOM   878  C CB  . ARG A 1 124 ? -2.645  -8.614  -1.092  1.00 20.09 ? 1958 ARG A CB  1 
ATOM   879  C CG  . ARG A 1 124 ? -3.972  -7.872  -1.223  1.00 22.73 ? 1958 ARG A CG  1 
ATOM   880  C CD  . ARG A 1 124 ? -4.881  -8.487  -2.294  1.00 25.06 ? 1958 ARG A CD  1 
ATOM   881  N NE  . ARG A 1 124 ? -4.365  -8.373  -3.654  1.00 25.20 ? 1958 ARG A NE  1 
ATOM   882  C CZ  . ARG A 1 124 ? -4.545  -7.315  -4.445  1.00 29.13 ? 1958 ARG A CZ  1 
ATOM   883  N NH1 . ARG A 1 124 ? -5.203  -6.256  -3.995  1.00 24.17 ? 1958 ARG A NH1 1 
ATOM   884  N NH2 . ARG A 1 124 ? -4.058  -7.314  -5.686  1.00 23.30 ? 1958 ARG A NH2 1 
ATOM   885  N N   . LYS A 1 125 ? -2.643  -10.089 1.638   1.00 22.19 ? 1959 LYS A N   1 
ATOM   886  C CA  . LYS A 1 125 ? -3.370  -10.693 2.759   1.00 26.73 ? 1959 LYS A CA  1 
ATOM   887  C C   . LYS A 1 125 ? -2.894  -10.085 4.073   1.00 26.12 ? 1959 LYS A C   1 
ATOM   888  O O   . LYS A 1 125 ? -3.699  -9.713  4.928   1.00 22.37 ? 1959 LYS A O   1 
ATOM   889  C CB  . LYS A 1 125 ? -3.183  -12.221 2.775   1.00 21.75 ? 1959 LYS A CB  1 
ATOM   890  C CG  . LYS A 1 125 ? -4.013  -12.951 3.836   1.00 28.14 ? 1959 LYS A CG  1 
ATOM   891  C CD  . LYS A 1 125 ? -5.466  -13.119 3.366   1.00 39.10 ? 1959 LYS A CD  1 
ATOM   892  C CE  . LYS A 1 125 ? -6.342  -13.754 4.444   1.00 46.69 ? 1959 LYS A CE  1 
ATOM   893  N NZ  . LYS A 1 125 ? -7.757  -13.909 3.997   1.00 63.24 ? 1959 LYS A NZ  1 
ATOM   894  N N   . TYR A 1 126 ? -1.577  -9.992  4.228   1.00 20.35 ? 1960 TYR A N   1 
ATOM   895  C CA  . TYR A 1 126 ? -0.959  -9.392  5.402   1.00 18.90 ? 1960 TYR A CA  1 
ATOM   896  C C   . TYR A 1 126 ? -1.437  -7.953  5.644   1.00 27.05 ? 1960 TYR A C   1 
ATOM   897  O O   . TYR A 1 126 ? -1.814  -7.590  6.773   1.00 21.73 ? 1960 TYR A O   1 
ATOM   898  C CB  . TYR A 1 126 ? 0.564   -9.437  5.244   1.00 21.33 ? 1960 TYR A CB  1 
ATOM   899  C CG  . TYR A 1 126 ? 1.389   -9.078  6.458   1.00 21.38 ? 1960 TYR A CG  1 
ATOM   900  C CD1 . TYR A 1 126 ? 1.469   -9.935  7.563   1.00 23.63 ? 1960 TYR A CD1 1 
ATOM   901  C CD2 . TYR A 1 126 ? 2.150   -7.908  6.480   1.00 24.02 ? 1960 TYR A CD2 1 
ATOM   902  C CE1 . TYR A 1 126 ? 2.261   -9.618  8.651   1.00 24.06 ? 1960 TYR A CE1 1 
ATOM   903  C CE2 . TYR A 1 126 ? 2.956   -7.588  7.568   1.00 24.96 ? 1960 TYR A CE2 1 
ATOM   904  C CZ  . TYR A 1 126 ? 3.002   -8.444  8.649   1.00 29.50 ? 1960 TYR A CZ  1 
ATOM   905  O OH  . TYR A 1 126 ? 3.793   -8.114  9.723   1.00 31.54 ? 1960 TYR A OH  1 
ATOM   906  N N   . PHE A 1 127 ? -1.431  -7.140  4.587   1.00 21.12 ? 1961 PHE A N   1 
ATOM   907  C CA  . PHE A 1 127 ? -1.894  -5.752  4.695   1.00 16.99 ? 1961 PHE A CA  1 
ATOM   908  C C   . PHE A 1 127 ? -3.356  -5.648  5.121   1.00 22.53 ? 1961 PHE A C   1 
ATOM   909  O O   . PHE A 1 127 ? -3.691  -4.890  6.049   1.00 24.37 ? 1961 PHE A O   1 
ATOM   910  C CB  . PHE A 1 127 ? -1.710  -5.003  3.364   1.00 15.51 ? 1961 PHE A CB  1 
ATOM   911  C CG  . PHE A 1 127 ? -2.331  -3.629  3.359   1.00 19.38 ? 1961 PHE A CG  1 
ATOM   912  C CD1 . PHE A 1 127 ? -1.801  -2.608  4.150   1.00 21.01 ? 1961 PHE A CD1 1 
ATOM   913  C CD2 . PHE A 1 127 ? -3.463  -3.369  2.597   1.00 22.08 ? 1961 PHE A CD2 1 
ATOM   914  C CE1 . PHE A 1 127 ? -2.389  -1.335  4.166   1.00 23.24 ? 1961 PHE A CE1 1 
ATOM   915  C CE2 . PHE A 1 127 ? -4.049  -2.099  2.596   1.00 22.37 ? 1961 PHE A CE2 1 
ATOM   916  C CZ  . PHE A 1 127 ? -3.505  -1.085  3.383   1.00 24.19 ? 1961 PHE A CZ  1 
ATOM   917  N N   . GLU A 1 128 ? -4.225  -6.394  4.446   1.00 20.85 ? 1962 GLU A N   1 
ATOM   918  C CA  . GLU A 1 128 ? -5.659  -6.196  4.661   1.00 22.90 ? 1962 GLU A CA  1 
ATOM   919  C C   . GLU A 1 128 ? -6.046  -6.585  6.088   1.00 27.42 ? 1962 GLU A C   1 
ATOM   920  O O   . GLU A 1 128 ? -6.961  -5.975  6.658   1.00 25.36 ? 1962 GLU A O   1 
ATOM   921  C CB  . GLU A 1 128 ? -6.485  -6.970  3.629   1.00 23.61 ? 1962 GLU A CB  1 
ATOM   922  C CG  . GLU A 1 128 ? -6.335  -6.485  2.158   1.00 22.91 ? 1962 GLU A CG  1 
ATOM   923  C CD  . GLU A 1 128 ? -6.770  -5.036  1.889   1.00 30.63 ? 1962 GLU A CD  1 
ATOM   924  O OE1 . GLU A 1 128 ? -7.431  -4.396  2.751   1.00 28.87 ? 1962 GLU A OE1 1 
ATOM   925  O OE2 . GLU A 1 128 ? -6.465  -4.534  0.780   1.00 27.52 ? 1962 GLU A OE2 1 
ATOM   926  N N   . LYS A 1 129 ? -5.353  -7.555  6.693   1.00 22.98 ? 1963 LYS A N   1 
ATOM   927  C CA  A LYS A 1 129 ? -5.626  -7.921  8.083   0.46 25.38 ? 1963 LYS A CA  1 
ATOM   928  C CA  B LYS A 1 129 ? -5.654  -7.904  8.082   0.54 25.35 ? 1963 LYS A CA  1 
ATOM   929  C C   . LYS A 1 129 ? -5.239  -6.778  9.023   1.00 31.97 ? 1963 LYS A C   1 
ATOM   930  O O   . LYS A 1 129 ? -5.994  -6.415  9.933   1.00 28.35 ? 1963 LYS A O   1 
ATOM   931  C CB  A LYS A 1 129 ? -4.881  -9.203  8.468   0.46 30.38 ? 1963 LYS A CB  1 
ATOM   932  C CB  B LYS A 1 129 ? -4.979  -9.210  8.516   0.54 30.37 ? 1963 LYS A CB  1 
ATOM   933  C CG  A LYS A 1 129 ? -5.152  -9.692  9.893   0.46 33.14 ? 1963 LYS A CG  1 
ATOM   934  C CG  B LYS A 1 129 ? -5.209  -9.509  10.006  0.54 32.61 ? 1963 LYS A CG  1 
ATOM   935  C CD  A LYS A 1 129 ? -6.560  -10.259 10.019  0.46 36.89 ? 1963 LYS A CD  1 
ATOM   936  C CD  B LYS A 1 129 ? -4.509  -10.772 10.484  0.54 33.68 ? 1963 LYS A CD  1 
ATOM   937  C CE  A LYS A 1 129 ? -6.730  -11.104 11.281  0.46 39.17 ? 1963 LYS A CE  1 
ATOM   938  C CE  B LYS A 1 129 ? -4.680  -10.945 11.991  0.54 39.12 ? 1963 LYS A CE  1 
ATOM   939  N NZ  A LYS A 1 129 ? -6.500  -10.337 12.541  0.46 36.03 ? 1963 LYS A NZ  1 
ATOM   940  N NZ  B LYS A 1 129 ? -6.118  -10.896 12.401  0.54 40.52 ? 1963 LYS A NZ  1 
ATOM   941  N N   . LYS A 1 130 ? -4.053  -6.212  8.802   1.00 25.95 ? 1964 LYS A N   1 
ATOM   942  C CA  . LYS A 1 130 ? -3.598  -5.082  9.618   1.00 31.51 ? 1964 LYS A CA  1 
ATOM   943  C C   . LYS A 1 130 ? -4.550  -3.907  9.469   1.00 27.21 ? 1964 LYS A C   1 
ATOM   944  O O   . LYS A 1 130 ? -4.844  -3.210  10.441  1.00 30.52 ? 1964 LYS A O   1 
ATOM   945  C CB  . LYS A 1 130 ? -2.186  -4.623  9.233   1.00 25.00 ? 1964 LYS A CB  1 
ATOM   946  C CG  . LYS A 1 130 ? -1.109  -5.687  9.299   1.00 31.36 ? 1964 LYS A CG  1 
ATOM   947  C CD  . LYS A 1 130 ? -0.657  -5.937  10.711  1.00 41.21 ? 1964 LYS A CD  1 
ATOM   948  C CE  . LYS A 1 130 ? 0.631   -6.747  10.734  1.00 33.11 ? 1964 LYS A CE  1 
ATOM   949  N NZ  . LYS A 1 130 ? 1.043   -7.025  12.128  1.00 47.05 ? 1964 LYS A NZ  1 
ATOM   950  N N   . TRP A 1 131 ? -5.022  -3.690  8.244   1.00 23.19 ? 1965 TRP A N   1 
ATOM   951  C CA  . TRP A 1 131 ? -5.915  -2.572  7.947   1.00 23.66 ? 1965 TRP A CA  1 
ATOM   952  C C   . TRP A 1 131 ? -7.232  -2.734  8.689   1.00 30.11 ? 1965 TRP A C   1 
ATOM   953  O O   . TRP A 1 131 ? -7.687  -1.815  9.367   1.00 30.46 ? 1965 TRP A O   1 
ATOM   954  C CB  . TRP A 1 131 ? -6.168  -2.463  6.446   1.00 24.57 ? 1965 TRP A CB  1 
ATOM   955  C CG  . TRP A 1 131 ? -6.846  -1.178  6.042   1.00 25.53 ? 1965 TRP A CG  1 
ATOM   956  C CD1 . TRP A 1 131 ? -8.159  -1.015  5.690   1.00 27.40 ? 1965 TRP A CD1 1 
ATOM   957  C CD2 . TRP A 1 131 ? -6.246  0.125   5.958   1.00 22.30 ? 1965 TRP A CD2 1 
ATOM   958  N NE1 . TRP A 1 131 ? -8.410  0.306   5.388   1.00 30.77 ? 1965 TRP A NE1 1 
ATOM   959  C CE2 . TRP A 1 131 ? -7.253  1.027   5.546   1.00 29.34 ? 1965 TRP A CE2 1 
ATOM   960  C CE3 . TRP A 1 131 ? -4.960  0.614   6.185   1.00 25.14 ? 1965 TRP A CE3 1 
ATOM   961  C CZ2 . TRP A 1 131 ? -7.011  2.392   5.363   1.00 25.64 ? 1965 TRP A CZ2 1 
ATOM   962  C CZ3 . TRP A 1 131 ? -4.718  1.972   5.999   1.00 23.96 ? 1965 TRP A CZ3 1 
ATOM   963  C CH2 . TRP A 1 131 ? -5.734  2.841   5.595   1.00 20.84 ? 1965 TRP A CH2 1 
ATOM   964  N N   . THR A 1 132 ? -7.831  -3.912  8.555   1.00 27.29 ? 1966 THR A N   1 
ATOM   965  C CA  . THR A 1 132 ? -9.076  -4.234  9.245   1.00 33.56 ? 1966 THR A CA  1 
ATOM   966  C C   . THR A 1 132 ? -8.923  -4.152  10.758  1.00 32.44 ? 1966 THR A C   1 
ATOM   967  O O   . THR A 1 132 ? -9.763  -3.558  11.441  1.00 38.12 ? 1966 THR A O   1 
ATOM   968  C CB  . THR A 1 132 ? -9.581  -5.645  8.859   1.00 32.30 ? 1966 THR A CB  1 
ATOM   969  O OG1 . THR A 1 132 ? -9.927  -5.660  7.470   1.00 40.81 ? 1966 THR A OG1 1 
ATOM   970  C CG2 . THR A 1 132 ? -10.815 -6.010  9.672   1.00 42.17 ? 1966 THR A CG2 1 
ATOM   971  N N   . ASP A 1 133 ? -7.850  -4.736  11.288  1.00 27.71 ? 1967 ASP A N   1 
ATOM   972  C CA  . ASP A 1 133 ? -7.634  -4.744  12.732  1.00 28.20 ? 1967 ASP A CA  1 
ATOM   973  C C   . ASP A 1 133 ? -7.385  -3.351  13.308  1.00 36.12 ? 1967 ASP A C   1 
ATOM   974  O O   . ASP A 1 133 ? -7.699  -3.095  14.474  1.00 33.02 ? 1967 ASP A O   1 
ATOM   975  C CB  . ASP A 1 133 ? -6.459  -5.649  13.102  1.00 30.57 ? 1967 ASP A CB  1 
ATOM   976  C CG  . ASP A 1 133 ? -6.776  -7.129  12.937  1.00 39.10 ? 1967 ASP A CG  1 
ATOM   977  O OD1 . ASP A 1 133 ? -7.944  -7.474  12.638  1.00 38.62 ? 1967 ASP A OD1 1 
ATOM   978  O OD2 . ASP A 1 133 ? -5.841  -7.949  13.103  1.00 33.46 ? 1967 ASP A OD2 1 
ATOM   979  N N   . THR A 1 134 ? -6.812  -2.457  12.504  1.00 29.38 ? 1968 THR A N   1 
ATOM   980  C CA  . THR A 1 134 ? -6.441  -1.126  12.988  1.00 27.48 ? 1968 THR A CA  1 
ATOM   981  C C   . THR A 1 134 ? -7.571  -0.095  12.878  1.00 31.49 ? 1968 THR A C   1 
ATOM   982  O O   . THR A 1 134 ? -7.736  0.750   13.760  1.00 36.41 ? 1968 THR A O   1 
ATOM   983  C CB  . THR A 1 134 ? -5.205  -0.600  12.220  1.00 26.14 ? 1968 THR A CB  1 
ATOM   984  O OG1 . THR A 1 134 ? -4.119  -1.505  12.417  1.00 27.51 ? 1968 THR A OG1 1 
ATOM   985  C CG2 . THR A 1 134 ? -4.782  0.772   12.720  1.00 28.54 ? 1968 THR A CG2 1 
ATOM   986  N N   . PHE A 1 135 ? -8.351  -0.167  11.806  1.00 31.10 ? 1969 PHE A N   1 
ATOM   987  C CA  . PHE A 1 135 ? -9.306  0.893   11.505  1.00 36.61 ? 1969 PHE A CA  1 
ATOM   988  C C   . PHE A 1 135 ? -10.768 0.431   11.458  1.00 45.03 ? 1969 PHE A C   1 
ATOM   989  O O   . PHE A 1 135 ? -11.681 1.242   11.619  1.00 51.98 ? 1969 PHE A O   1 
ATOM   990  C CB  . PHE A 1 135 ? -8.939  1.558   10.173  1.00 32.46 ? 1969 PHE A CB  1 
ATOM   991  C CG  . PHE A 1 135 ? -7.628  2.297   10.202  1.00 31.93 ? 1969 PHE A CG  1 
ATOM   992  C CD1 . PHE A 1 135 ? -7.466  3.417   11.007  1.00 28.89 ? 1969 PHE A CD1 1 
ATOM   993  C CD2 . PHE A 1 135 ? -6.565  1.892   9.408   1.00 30.61 ? 1969 PHE A CD2 1 
ATOM   994  C CE1 . PHE A 1 135 ? -6.268  4.108   11.031  1.00 33.41 ? 1969 PHE A CE1 1 
ATOM   995  C CE2 . PHE A 1 135 ? -5.365  2.581   9.429   1.00 25.35 ? 1969 PHE A CE2 1 
ATOM   996  C CZ  . PHE A 1 135 ? -5.214  3.688   10.237  1.00 26.89 ? 1969 PHE A CZ  1 
ATOM   997  N N   . LYS A 1 136 ? -10.989 -0.863  11.242  1.00 47.92 ? 1970 LYS A N   1 
ATOM   998  C CA  . LYS A 1 136 ? -12.350 -1.390  11.117  1.00 59.30 ? 1970 LYS A CA  1 
ATOM   999  C C   . LYS A 1 136 ? -12.687 -2.388  12.229  1.00 64.33 ? 1970 LYS A C   1 
ATOM   1000 O O   . LYS A 1 136 ? -12.754 -2.030  13.408  1.00 58.34 ? 1970 LYS A O   1 
ATOM   1001 C CB  . LYS A 1 136 ? -12.539 -2.047  9.747   1.00 49.74 ? 1970 LYS A CB  1 
HETATM 1002 C C1  C EDO B 2 .   ? 8.669   -7.369  -12.041 0.23 33.01 ? 2001 EDO A C1  1 
HETATM 1003 O O1  C EDO B 2 .   ? 8.519   -8.765  -12.324 0.23 36.09 ? 2001 EDO A O1  1 
HETATM 1004 C C2  C EDO B 2 .   ? 8.208   -7.084  -10.617 0.23 29.29 ? 2001 EDO A C2  1 
HETATM 1005 O O2  C EDO B 2 .   ? 6.788   -7.239  -10.534 0.23 25.75 ? 2001 EDO A O2  1 
HETATM 1006 C C1  A EDO C 2 .   ? -0.762  -0.699  13.658  0.69 32.47 ? 2002 EDO A C1  1 
HETATM 1007 O O1  A EDO C 2 .   ? -2.003  -1.022  14.287  0.69 37.83 ? 2002 EDO A O1  1 
HETATM 1008 C C2  A EDO C 2 .   ? 0.052   -1.970  13.435  0.69 36.49 ? 2002 EDO A C2  1 
HETATM 1009 O O2  A EDO C 2 .   ? -0.651  -2.826  12.524  0.69 32.32 ? 2002 EDO A O2  1 
HETATM 1010 C C1  . EDO D 2 .   ? 7.223   -12.199 7.602   1.00 34.00 ? 2003 EDO A C1  1 
HETATM 1011 O O1  . EDO D 2 .   ? 8.568   -11.803 7.885   1.00 32.40 ? 2003 EDO A O1  1 
HETATM 1012 C C2  . EDO D 2 .   ? 6.373   -12.185 8.870   1.00 45.50 ? 2003 EDO A C2  1 
HETATM 1013 O O2  . EDO D 2 .   ? 6.443   -10.910 9.524   1.00 49.55 ? 2003 EDO A O2  1 
HETATM 1014 C C1  . EDO E 2 .   ? 11.329  7.885   -3.668  1.00 48.21 ? 2004 EDO A C1  1 
HETATM 1015 O O1  . EDO E 2 .   ? 10.297  8.853   -3.923  1.00 44.47 ? 2004 EDO A O1  1 
HETATM 1016 C C2  . EDO E 2 .   ? 11.007  6.604   -4.439  1.00 48.07 ? 2004 EDO A C2  1 
HETATM 1017 O O2  . EDO E 2 .   ? 11.942  5.572   -4.098  1.00 46.56 ? 2004 EDO A O2  1 
HETATM 1018 C C1  D AC6 F 3 .   ? 11.352  -7.608  -11.208 0.77 44.53 ? 2005 AC6 A C1  1 
HETATM 1019 C C2  D AC6 F 3 .   ? 10.256  -7.894  -12.011 0.77 36.38 ? 2005 AC6 A C2  1 
HETATM 1020 C C3  D AC6 F 3 .   ? 8.982   -7.587  -11.573 0.77 33.64 ? 2005 AC6 A C3  1 
HETATM 1021 C C4  D AC6 F 3 .   ? 8.809   -6.998  -10.325 0.77 29.61 ? 2005 AC6 A C4  1 
HETATM 1022 C C5  D AC6 F 3 .   ? 9.908   -6.714  -9.516  0.77 36.59 ? 2005 AC6 A C5  1 
HETATM 1023 C C6  D AC6 F 3 .   ? 11.178  -7.019  -9.961  0.77 40.11 ? 2005 AC6 A C6  1 
HETATM 1024 O O1  D AC6 F 3 .   ? 12.608  -7.913  -11.648 0.77 46.62 ? 2005 AC6 A O1  1 
HETATM 1025 O O2  D AC6 F 3 .   ? 6.473   -6.922  -10.555 0.77 24.41 ? 2005 AC6 A O2  1 
HETATM 1026 C C7  D AC6 F 3 .   ? 7.437   -6.664  -9.850  0.77 24.64 ? 2005 AC6 A C7  1 
HETATM 1027 C C8  D AC6 F 3 .   ? 7.252   -6.003  -8.522  0.77 24.21 ? 2005 AC6 A C8  1 
HETATM 1028 O O   . HOH G 4 .   ? 10.059  -8.410  -18.973 0.5  53.18 ? 2101 HOH A O   1 
HETATM 1029 O O   . HOH G 4 .   ? 1.960   -20.853 -5.758  1.00 51.47 ? 2102 HOH A O   1 
HETATM 1030 O O   . HOH G 4 .   ? 7.897   -15.946 6.902   1.00 31.36 ? 2103 HOH A O   1 
HETATM 1031 O O   . HOH G 4 .   ? 6.934   -18.064 -16.801 1.00 54.20 ? 2104 HOH A O   1 
HETATM 1032 O O   . HOH G 4 .   ? 4.700   -20.744 -16.004 1.00 61.71 ? 2105 HOH A O   1 
HETATM 1033 O O   . HOH G 4 .   ? 11.991  -18.634 3.860   1.00 44.44 ? 2106 HOH A O   1 
HETATM 1034 O O   . HOH G 4 .   ? 14.703  0.947   -8.822  1.00 43.87 ? 2107 HOH A O   1 
HETATM 1035 O O   . HOH G 4 .   ? -3.465  -6.966  13.153  1.00 35.36 ? 2108 HOH A O   1 
HETATM 1036 O O   . HOH G 4 .   ? -19.333 10.365  4.976   1.00 67.55 ? 2109 HOH A O   1 
HETATM 1037 O O   . HOH G 4 .   ? 6.922   2.877   12.201  1.00 39.59 ? 2110 HOH A O   1 
HETATM 1038 O O   . HOH G 4 .   ? -5.044  3.583   -10.042 1.00 60.86 ? 2111 HOH A O   1 
HETATM 1039 O O   . HOH G 4 .   ? -6.823  -5.666  -1.532  1.00 28.48 ? 2112 HOH A O   1 
HETATM 1040 O O   . HOH G 4 .   ? 4.273   -5.206  -10.285 1.00 24.45 ? 2113 HOH A O   1 
HETATM 1041 O O   . HOH G 4 .   ? 4.757   -1.093  -9.602  1.00 25.20 ? 2114 HOH A O   1 
HETATM 1042 O O   . HOH G 4 .   ? -10.351 1.188   2.618   1.00 43.19 ? 2115 HOH A O   1 
HETATM 1043 O O   . HOH G 4 .   ? -5.530  1.261   -5.931  1.00 27.60 ? 2116 HOH A O   1 
HETATM 1044 O O   . HOH G 4 .   ? 17.955  -1.543  -10.692 1.00 60.23 ? 2117 HOH A O   1 
HETATM 1045 O O   . HOH G 4 .   ? -1.035  -16.434 -1.202  1.00 40.79 ? 2118 HOH A O   1 
HETATM 1046 O O   . HOH G 4 .   ? -7.664  -2.763  -5.541  1.00 34.05 ? 2119 HOH A O   1 
HETATM 1047 O O   . HOH G 4 .   ? 10.436  2.085   2.284   1.00 27.60 ? 2120 HOH A O   1 
HETATM 1048 O O   . HOH G 4 .   ? 10.132  -1.454  -18.995 1.00 37.85 ? 2121 HOH A O   1 
HETATM 1049 O O   . HOH G 4 .   ? 8.802   14.100  -1.049  1.00 32.65 ? 2122 HOH A O   1 
HETATM 1050 O O   . HOH G 4 .   ? -6.038  -10.879 5.534   1.00 42.91 ? 2123 HOH A O   1 
HETATM 1051 O O   . HOH G 4 .   ? 1.004   1.296   -28.706 1.00 40.82 ? 2124 HOH A O   1 
HETATM 1052 O O   . HOH G 4 .   ? -3.774  7.325   -7.989  1.00 58.25 ? 2125 HOH A O   1 
HETATM 1053 O O   . HOH G 4 .   ? -3.524  5.336   -5.748  1.00 41.53 ? 2126 HOH A O   1 
HETATM 1054 O O   . HOH G 4 .   ? 7.179   2.621   -8.243  1.00 21.11 ? 2127 HOH A O   1 
HETATM 1055 O O   . HOH G 4 .   ? 8.854   6.662   -7.459  1.00 35.70 ? 2128 HOH A O   1 
HETATM 1056 O O   . HOH G 4 .   ? -12.680 11.701  10.054  1.00 42.55 ? 2129 HOH A O   1 
HETATM 1057 O O   . HOH G 4 .   ? -23.936 10.427  4.510   1.00 39.10 ? 2130 HOH A O   1 
HETATM 1058 O O   . HOH G 4 .   ? -10.909 6.757   15.188  1.00 45.80 ? 2131 HOH A O   1 
HETATM 1059 O O   . HOH G 4 .   ? -9.099  -4.688  4.874   1.00 33.93 ? 2132 HOH A O   1 
HETATM 1060 O O   . HOH G 4 .   ? 6.044   -2.621  -6.917  1.00 23.28 ? 2133 HOH A O   1 
HETATM 1061 O O   . HOH G 4 .   ? 11.458  8.545   2.384   1.00 30.05 ? 2134 HOH A O   1 
HETATM 1062 O O   . HOH G 4 .   ? -2.200  -9.369  -17.156 1.00 36.19 ? 2135 HOH A O   1 
HETATM 1063 O O   . HOH G 4 .   ? 11.775  -6.955  4.180   1.00 27.52 ? 2136 HOH A O   1 
HETATM 1064 O O   . HOH G 4 .   ? 4.133   -4.415  -7.669  1.00 26.25 ? 2137 HOH A O   1 
HETATM 1065 O O   . HOH G 4 .   ? -4.104  -12.448 -0.796  1.00 36.70 ? 2138 HOH A O   1 
HETATM 1066 O O   . HOH G 4 .   ? -28.646 21.748  3.984   1.00 29.69 ? 2139 HOH A O   1 
HETATM 1067 O O   . HOH G 4 .   ? -6.299  -13.049 -7.881  1.00 60.19 ? 2140 HOH A O   1 
HETATM 1068 O O   . HOH G 4 .   ? 8.740   -2.909  -6.980  1.00 22.87 ? 2141 HOH A O   1 
HETATM 1069 O O   . HOH G 4 .   ? 6.755   -7.494  9.501   1.00 31.17 ? 2142 HOH A O   1 
HETATM 1070 O O   . HOH G 4 .   ? 6.490   8.299   7.098   1.00 26.61 ? 2143 HOH A O   1 
HETATM 1071 O O   . HOH G 4 .   ? -0.247  -12.867 -9.689  1.00 27.16 ? 2144 HOH A O   1 
HETATM 1072 O O   . HOH G 4 .   ? 1.402   -20.135 -15.365 1.00 61.75 ? 2145 HOH A O   1 
HETATM 1073 O O   . HOH G 4 .   ? -9.630  14.135  2.709   1.00 40.57 ? 2146 HOH A O   1 
HETATM 1074 O O   . HOH G 4 .   ? 11.425  6.396   0.868   1.00 28.31 ? 2147 HOH A O   1 
HETATM 1075 O O   . HOH G 4 .   ? 3.153   -8.750  12.435  1.00 46.58 ? 2148 HOH A O   1 
HETATM 1076 O O   . HOH G 4 .   ? -6.814  12.992  8.229   1.00 32.46 ? 2149 HOH A O   1 
HETATM 1077 O O   . HOH G 4 .   ? 7.328   -21.084 -8.919  1.00 57.88 ? 2150 HOH A O   1 
HETATM 1078 O O   . HOH G 4 .   ? 6.194   5.104   12.709  1.00 43.90 ? 2151 HOH A O   1 
HETATM 1079 O O   . HOH G 4 .   ? 10.176  2.014   9.420   1.00 48.17 ? 2152 HOH A O   1 
HETATM 1080 O O   . HOH G 4 .   ? 10.835  8.956   5.012   1.00 38.96 ? 2153 HOH A O   1 
HETATM 1081 O O   . HOH G 4 .   ? -6.717  -10.548 -5.433  1.00 52.37 ? 2154 HOH A O   1 
HETATM 1082 O O   . HOH G 4 .   ? -7.282  10.248  7.473   1.00 28.77 ? 2155 HOH A O   1 
HETATM 1083 O O   . HOH G 4 .   ? -5.194  -0.378  -8.141  1.00 31.27 ? 2156 HOH A O   1 
HETATM 1084 O O   . HOH G 4 .   ? 2.294   5.940   -10.412 1.00 38.49 ? 2157 HOH A O   1 
HETATM 1085 O O   . HOH G 4 .   ? -0.612  7.469   -6.685  1.00 32.04 ? 2158 HOH A O   1 
HETATM 1086 O O   . HOH G 4 .   ? 14.703  -6.242  -2.548  1.00 46.40 ? 2159 HOH A O   1 
HETATM 1087 O O   . HOH G 4 .   ? 7.550   -13.446 -11.874 1.00 45.58 ? 2160 HOH A O   1 
HETATM 1088 O O   . HOH G 4 .   ? -10.954 2.241   6.105   1.00 47.49 ? 2161 HOH A O   1 
HETATM 1089 O O   . HOH G 4 .   ? 4.903   3.001   -16.799 1.00 37.23 ? 2162 HOH A O   1 
HETATM 1090 O O   . HOH G 4 .   ? -1.600  -9.266  9.023   1.00 29.43 ? 2163 HOH A O   1 
HETATM 1091 O O   . HOH G 4 .   ? 10.665  -14.409 0.044   1.00 30.68 ? 2164 HOH A O   1 
HETATM 1092 O O   . HOH G 4 .   ? 9.041   -17.474 -10.133 1.00 39.74 ? 2165 HOH A O   1 
HETATM 1093 O O   . HOH G 4 .   ? -3.640  7.308   -3.791  1.00 31.27 ? 2166 HOH A O   1 
HETATM 1094 O O   . HOH G 4 .   ? 11.240  0.297   0.917   1.00 33.32 ? 2167 HOH A O   1 
HETATM 1095 O O   . HOH G 4 .   ? 4.246   11.984  -5.719  1.00 45.94 ? 2168 HOH A O   1 
HETATM 1096 O O   . HOH G 4 .   ? 8.786   1.506   -11.878 1.00 27.28 ? 2169 HOH A O   1 
HETATM 1097 O O   . HOH G 4 .   ? -23.603 15.834  14.171  1.00 39.17 ? 2170 HOH A O   1 
HETATM 1098 O O   . HOH G 4 .   ? -2.877  -2.357  -11.538 1.00 32.43 ? 2171 HOH A O   1 
HETATM 1099 O O   . HOH G 4 .   ? 5.399   5.998   -9.565  1.00 40.44 ? 2172 HOH A O   1 
HETATM 1100 O O   . HOH G 4 .   ? -0.733  14.714  -3.003  1.00 50.78 ? 2173 HOH A O   1 
HETATM 1101 O O   . HOH G 4 .   ? 2.836   3.351   -20.251 1.00 52.01 ? 2174 HOH A O   1 
HETATM 1102 O O   . HOH G 4 .   ? 8.676   13.956  7.799   1.00 41.81 ? 2175 HOH A O   1 
HETATM 1103 O O   . HOH G 4 .   ? 0.448   -11.409 -7.371  1.00 24.27 ? 2176 HOH A O   1 
HETATM 1104 O O   . HOH G 4 .   ? 1.327   13.553  -4.958  1.00 50.26 ? 2177 HOH A O   1 
HETATM 1105 O O   . HOH G 4 .   ? 4.011   -6.613  13.297  1.00 56.43 ? 2178 HOH A O   1 
HETATM 1106 O O   . HOH G 4 .   ? -0.974  0.547   -13.049 1.00 27.96 ? 2179 HOH A O   1 
HETATM 1107 O O   . HOH G 4 .   ? -2.553  -10.254 -4.812  1.00 29.03 ? 2180 HOH A O   1 
HETATM 1108 O O   . HOH G 4 .   ? -0.288  -9.220  -5.862  1.00 22.42 ? 2181 HOH A O   1 
HETATM 1109 O O   . HOH G 4 .   ? -6.253  -11.389 15.213  1.00 59.49 ? 2182 HOH A O   1 
HETATM 1110 O O   . HOH G 4 .   ? -7.097  8.057   14.407  1.00 33.33 ? 2183 HOH A O   1 
HETATM 1111 O O   . HOH G 4 .   ? 1.751   4.994   -18.063 1.00 53.62 ? 2184 HOH A O   1 
HETATM 1112 O O   . HOH G 4 .   ? -7.772  -6.250  -6.806  1.00 44.39 ? 2185 HOH A O   1 
HETATM 1113 O O   . HOH G 4 .   ? 12.635  -3.945  -4.649  1.00 27.74 ? 2186 HOH A O   1 
HETATM 1114 O O   . HOH G 4 .   ? -5.073  -12.316 -3.419  1.00 43.19 ? 2187 HOH A O   1 
HETATM 1115 O O   . HOH G 4 .   ? 2.446   9.343   -6.904  1.00 39.55 ? 2188 HOH A O   1 
HETATM 1116 O O   . HOH G 4 .   ? 9.041   -14.490 -9.662  1.00 34.00 ? 2189 HOH A O   1 
HETATM 1117 O O   . HOH G 4 .   ? 13.128  3.106   -13.674 1.00 41.08 ? 2190 HOH A O   1 
HETATM 1118 O O   . HOH G 4 .   ? 5.422   -14.525 -14.039 1.00 35.39 ? 2191 HOH A O   1 
HETATM 1119 O O   . HOH G 4 .   ? -1.597  -16.174 -13.094 1.00 37.52 ? 2192 HOH A O   1 
HETATM 1120 O O   . HOH G 4 .   ? 4.905   12.521  7.959   1.00 34.50 ? 2193 HOH A O   1 
HETATM 1121 O O   . HOH G 4 .   ? -2.372  11.207  -2.839  1.00 47.58 ? 2194 HOH A O   1 
HETATM 1122 O O   . HOH G 4 .   ? 7.661   12.538  -3.762  1.00 37.98 ? 2195 HOH A O   1 
HETATM 1123 O O   . HOH G 4 .   ? 7.650   10.171  -4.063  1.00 46.92 ? 2196 HOH A O   1 
HETATM 1124 O O   . HOH G 4 .   ? -9.078  3.248   -0.187  1.00 43.94 ? 2197 HOH A O   1 
HETATM 1125 O O   . HOH G 4 .   ? -1.744  -0.553  -15.550 1.00 34.98 ? 2198 HOH A O   1 
HETATM 1126 O O   . HOH G 4 .   ? 13.817  -3.866  -10.938 1.00 36.74 ? 2199 HOH A O   1 
HETATM 1127 O O   . HOH G 4 .   ? -0.909  10.509  13.747  1.00 25.51 ? 2200 HOH A O   1 
HETATM 1128 O O   . HOH G 4 .   ? -9.518  4.512   14.121  1.00 47.33 ? 2201 HOH A O   1 
HETATM 1129 O O   . HOH G 4 .   ? 9.784   -4.215  -23.720 1.00 46.64 ? 2202 HOH A O   1 
HETATM 1130 O O   . HOH G 4 .   ? -9.483  0.198   -2.561  1.00 39.53 ? 2203 HOH A O   1 
HETATM 1131 O O   . HOH G 4 .   ? -11.731 9.493   8.277   1.00 46.23 ? 2204 HOH A O   1 
HETATM 1132 O O   . HOH G 4 .   ? 0.308   -19.137 -12.196 1.00 46.31 ? 2205 HOH A O   1 
HETATM 1133 O O   . HOH G 4 .   ? 4.204   5.529   14.224  1.00 44.07 ? 2206 HOH A O   1 
HETATM 1134 O O   . HOH G 4 .   ? 0.880   12.161  3.985   1.00 23.49 ? 2207 HOH A O   1 
HETATM 1135 O O   . HOH G 4 .   ? -2.037  9.361   -4.282  1.00 41.17 ? 2208 HOH A O   1 
HETATM 1136 O O   . HOH G 4 .   ? 9.459   8.172   -20.644 1.00 75.47 ? 2209 HOH A O   1 
HETATM 1137 O O   . HOH G 4 .   ? 7.453   0.300   -9.665  1.00 23.66 ? 2210 HOH A O   1 
HETATM 1138 O O   C HOH G 4 .   ? 11.411  -9.903  -12.334 0.23 43.08 ? 2211 HOH A O   1 
HETATM 1139 O O   D HOH G 4 .   ? 12.484  -9.564  -13.579 0.77 44.20 ? 2211 HOH A O   1 
HETATM 1140 O O   C HOH G 4 .   ? 11.844  -5.476  -7.886  0.58 47.08 ? 2212 HOH A O   1 
HETATM 1141 O O   . HOH G 4 .   ? 5.328   15.005  -5.936  1.00 59.14 ? 2213 HOH A O   1 
HETATM 1142 O O   . HOH G 4 .   ? -8.785  -11.965 13.975  1.00 59.59 ? 2214 HOH A O   1 
HETATM 1143 O O   . HOH G 4 .   ? 5.349   -23.674 -7.215  1.00 62.47 ? 2215 HOH A O   1 
HETATM 1144 O O   . HOH G 4 .   ? -7.194  -15.987 1.670   1.00 53.22 ? 2216 HOH A O   1 
HETATM 1145 O O   . HOH G 4 .   ? -1.552  -8.829  11.819  1.00 47.41 ? 2217 HOH A O   1 
HETATM 1146 O O   . HOH G 4 .   ? 13.163  -2.542  4.470   1.00 44.61 ? 2218 HOH A O   1 
HETATM 1147 O O   . HOH G 4 .   ? 9.650   -21.653 -5.113  1.00 52.33 ? 2219 HOH A O   1 
HETATM 1148 O O   . HOH G 4 .   ? 7.963   -1.694  -21.752 1.00 36.72 ? 2220 HOH A O   1 
HETATM 1149 O O   . HOH G 4 .   ? 11.644  2.904   6.689   1.00 55.02 ? 2221 HOH A O   1 
HETATM 1150 O O   . HOH G 4 .   ? 5.475   -1.115  13.444  1.00 45.05 ? 2222 HOH A O   1 
HETATM 1151 O O   . HOH G 4 .   ? -21.539 19.651  6.385   1.00 45.90 ? 2223 HOH A O   1 
HETATM 1152 O O   . HOH G 4 .   ? 13.828  -9.797  -9.270  1.00 52.44 ? 2224 HOH A O   1 
HETATM 1153 O O   . HOH G 4 .   ? -5.047  -6.717  -11.146 1.00 48.49 ? 2225 HOH A O   1 
HETATM 1154 O O   . HOH G 4 .   ? -11.182 -0.842  3.483   1.00 44.37 ? 2226 HOH A O   1 
HETATM 1155 O O   . HOH G 4 .   ? 12.857  -3.342  -7.602  1.00 41.31 ? 2227 HOH A O   1 
HETATM 1156 O O   . HOH G 4 .   ? 11.866  -0.282  7.840   1.00 60.75 ? 2228 HOH A O   1 
HETATM 1157 O O   . HOH G 4 .   ? -8.635  -9.785  15.298  1.00 64.82 ? 2229 HOH A O   1 
HETATM 1158 O O   . HOH G 4 .   ? 14.749  -2.906  -8.708  1.00 62.61 ? 2230 HOH A O   1 
HETATM 1159 O O   . HOH G 4 .   ? 13.042  -7.934  2.012   1.00 40.06 ? 2231 HOH A O   1 
HETATM 1160 O O   . HOH G 4 .   ? -8.969  -8.955  6.474   1.00 52.33 ? 2232 HOH A O   1 
HETATM 1161 O O   . HOH G 4 .   ? -8.273  -4.407  -3.561  1.00 44.34 ? 2233 HOH A O   1 
HETATM 1162 O O   . HOH G 4 .   ? 13.586  -7.807  5.890   1.00 47.55 ? 2234 HOH A O   1 
HETATM 1163 O O   . HOH G 4 .   ? -8.003  -3.318  -10.254 1.00 59.64 ? 2235 HOH A O   1 
HETATM 1164 O O   . HOH G 4 .   ? -6.980  3.840   -11.130 1.00 69.87 ? 2236 HOH A O   1 
HETATM 1165 O O   . HOH G 4 .   ? 15.963  1.392   -22.555 1.00 67.97 ? 2237 HOH A O   1 
HETATM 1166 O O   . HOH G 4 .   ? -5.060  3.842   -7.399  1.00 43.14 ? 2238 HOH A O   1 
HETATM 1167 O O   . HOH G 4 .   ? 6.278   -6.722  12.267  1.00 51.21 ? 2239 HOH A O   1 
HETATM 1168 O O   . HOH G 4 .   ? -10.782 -4.414  0.650   1.00 57.31 ? 2240 HOH A O   1 
HETATM 1169 O O   . HOH G 4 .   ? -8.927  -6.878  -4.607  1.00 51.39 ? 2241 HOH A O   1 
HETATM 1170 O O   . HOH G 4 .   ? 13.723  -3.474  -21.787 1.00 54.08 ? 2242 HOH A O   1 
HETATM 1171 O O   . HOH G 4 .   ? -12.084 0.109   6.659   1.00 63.44 ? 2243 HOH A O   1 
HETATM 1172 O O   . HOH G 4 .   ? -10.529 -6.730  3.740   1.00 51.97 ? 2244 HOH A O   1 
HETATM 1173 O O   . HOH G 4 .   ? 14.605  2.422   -11.139 1.00 54.45 ? 2245 HOH A O   1 
HETATM 1174 O O   . HOH G 4 .   ? -11.359 -3.226  4.667   1.00 51.03 ? 2246 HOH A O   1 
HETATM 1175 O O   . HOH G 4 .   ? 8.608   -14.982 -15.879 1.00 58.28 ? 2247 HOH A O   1 
HETATM 1176 O O   . HOH G 4 .   ? 14.136  2.591   -21.065 1.00 74.78 ? 2248 HOH A O   1 
HETATM 1177 O O   . HOH G 4 .   ? 5.392   9.655   9.430   1.00 49.30 ? 2249 HOH A O   1 
HETATM 1178 O O   . HOH G 4 .   ? -10.640 -2.749  -2.198  1.00 45.82 ? 2250 HOH A O   1 
HETATM 1179 O O   . HOH G 4 .   ? -23.858 6.688   6.542   1.00 48.28 ? 2251 HOH A O   1 
HETATM 1180 O O   . HOH G 4 .   ? -6.345  -4.675  -11.103 1.00 58.59 ? 2252 HOH A O   1 
HETATM 1181 O O   . HOH G 4 .   ? 7.677   4.982   -9.349  1.00 30.76 ? 2253 HOH A O   1 
HETATM 1182 O O   . HOH G 4 .   ? -9.664  -7.736  1.536   1.00 58.25 ? 2254 HOH A O   1 
HETATM 1183 O O   . HOH G 4 .   ? 15.400  -3.948  -3.077  1.00 46.16 ? 2255 HOH A O   1 
HETATM 1184 O O   . HOH G 4 .   ? 16.423  -1.499  -8.140  1.00 60.27 ? 2256 HOH A O   1 
HETATM 1185 O O   . HOH G 4 .   ? 4.288   9.608   12.783  1.00 51.61 ? 2257 HOH A O   1 
HETATM 1186 O O   . HOH G 4 .   ? -9.994  10.662  6.948   1.00 37.57 ? 2258 HOH A O   1 
HETATM 1187 O O   . HOH G 4 .   ? 15.635  -7.857  -5.336  1.00 58.10 ? 2259 HOH A O   1 
HETATM 1188 O O   . HOH G 4 .   ? -22.840 10.300  1.839   1.00 52.44 ? 2260 HOH A O   1 
HETATM 1189 O O   . HOH G 4 .   ? 16.149  -4.515  -12.916 1.00 67.04 ? 2261 HOH A O   1 
HETATM 1190 O O   . HOH G 4 .   ? -8.289  -8.051  -1.004  1.00 46.42 ? 2262 HOH A O   1 
HETATM 1191 O O   . HOH G 4 .   ? 11.282  -12.106 -12.818 1.00 62.83 ? 2263 HOH A O   1 
HETATM 1192 O O   . HOH G 4 .   ? 13.164  -11.983 -10.172 1.00 51.62 ? 2264 HOH A O   1 
HETATM 1193 O O   . HOH G 4 .   ? 14.018  -7.566  -7.177  1.00 50.75 ? 2265 HOH A O   1 
HETATM 1194 O O   . HOH G 4 .   ? 13.131  0.954   4.595   1.00 56.12 ? 2266 HOH A O   1 
HETATM 1195 O O   . HOH G 4 .   ? 7.716   13.622  -5.896  1.00 54.30 ? 2267 HOH A O   1 
HETATM 1196 O O   . HOH G 4 .   ? -7.889  -0.042  -4.898  1.00 32.81 ? 2268 HOH A O   1 
HETATM 1197 O O   . HOH G 4 .   ? 13.798  -0.017  1.715   1.00 56.11 ? 2269 HOH A O   1 
HETATM 1198 O O   . HOH G 4 .   ? 11.276  7.034   -8.222  1.00 55.53 ? 2270 HOH A O   1 
HETATM 1199 O O   . HOH G 4 .   ? -3.401  1.729   -12.320 1.00 33.31 ? 2271 HOH A O   1 
HETATM 1200 O O   . HOH G 4 .   ? -4.772  -0.437  -10.903 1.00 36.33 ? 2272 HOH A O   1 
HETATM 1201 O O   . HOH G 4 .   ? 12.340  4.062   2.429   1.00 33.32 ? 2273 HOH A O   1 
HETATM 1202 O O   . HOH G 4 .   ? 12.100  -13.890 -8.871  1.00 43.08 ? 2274 HOH A O   1 
HETATM 1203 O O   . HOH G 4 .   ? 5.257   6.915   -12.251 1.00 48.79 ? 2275 HOH A O   1 
HETATM 1204 O O   . HOH G 4 .   ? 11.169  4.983   -12.091 1.00 45.42 ? 2276 HOH A O   1 
HETATM 1205 O O   . HOH G 4 .   ? 10.387  -3.237  13.305  1.00 63.53 ? 2277 HOH A O   1 
HETATM 1206 O O   . HOH G 4 .   ? 5.688   5.208   -16.089 1.00 37.09 ? 2278 HOH A O   1 
HETATM 1207 O O   . HOH G 4 .   ? 0.315   7.031   -9.085  1.00 52.32 ? 2279 HOH A O   1 
HETATM 1208 O O   . HOH G 4 .   ? 6.502   0.579   14.555  1.00 44.97 ? 2280 HOH A O   1 
HETATM 1209 O O   . HOH G 4 .   ? 8.755   4.230   -11.859 1.00 29.64 ? 2281 HOH A O   1 
HETATM 1210 O O   . HOH G 4 .   ? 12.889  4.342   5.216   1.00 61.66 ? 2282 HOH A O   1 
HETATM 1211 O O   . HOH G 4 .   ? 14.487  2.965   0.549   1.00 51.52 ? 2283 HOH A O   1 
HETATM 1212 O O   . HOH G 4 .   ? 5.779   10.185  -6.073  1.00 46.50 ? 2284 HOH A O   1 
HETATM 1213 O O   . HOH G 4 .   ? 4.399   8.334   -8.127  1.00 48.71 ? 2285 HOH A O   1 
HETATM 1214 O O   . HOH G 4 .   ? -5.393  8.459   -5.093  1.00 55.27 ? 2286 HOH A O   1 
HETATM 1215 O O   C HOH G 4 .   ? 13.146  -8.038  -11.170 0.23 46.16 ? 2287 HOH A O   1 
HETATM 1216 O O   C HOH G 4 .   ? 12.276  -5.804  -10.280 0.23 44.83 ? 2288 HOH A O   1 
HETATM 1217 O O   . HOH G 4 .   ? 15.658  -0.898  0.156   1.00 56.39 ? 2289 HOH A O   1 
HETATM 1218 O O   . HOH G 4 .   ? 14.417  -5.285  8.879   1.00 61.78 ? 2290 HOH A O   1 
HETATM 1219 O O   . HOH G 4 .   ? -5.368  12.158  -3.831  1.00 56.26 ? 2291 HOH A O   1 
HETATM 1220 O O   . HOH G 4 .   ? 11.814  -1.673  12.145  1.00 57.37 ? 2292 HOH A O   1 
HETATM 1221 O O   . HOH G 4 .   ? -11.568 -16.298 6.819   1.00 66.96 ? 2293 HOH A O   1 
HETATM 1222 O O   . HOH G 4 .   ? 7.146   5.767   -13.602 1.00 36.26 ? 2294 HOH A O   1 
HETATM 1223 O O   . HOH G 4 .   ? 16.140  -2.765  -1.066  1.00 48.54 ? 2295 HOH A O   1 
HETATM 1224 O O   . HOH G 4 .   ? 13.015  5.331   -10.177 1.00 62.12 ? 2296 HOH A O   1 
HETATM 1225 O O   . HOH G 4 .   ? 16.038  7.210   0.535   1.00 70.94 ? 2297 HOH A O   1 
HETATM 1226 O O   . HOH G 4 .   ? 17.096  -3.977  -5.141  1.00 62.08 ? 2298 HOH A O   1 
HETATM 1227 O O   . HOH G 4 .   ? 17.717  1.539   -0.086  1.00 71.85 ? 2299 HOH A O   1 
HETATM 1228 O O   . HOH G 4 .   ? 18.726  -1.070  -1.645  1.00 65.26 ? 2300 HOH A O   1 
HETATM 1229 O O   . HOH G 4 .   ? 18.763  2.046   -2.437  1.00 64.96 ? 2301 HOH A O   1 
# 
